data_7JLB
# 
_entry.id   7JLB 
# 
_audit_conform.dict_name       mmcif_pdbx.dic 
_audit_conform.dict_version    5.380 
_audit_conform.dict_location   http://mmcif.pdb.org/dictionaries/ascii/mmcif_pdbx.dic 
# 
loop_
_database_2.database_id 
_database_2.database_code 
_database_2.pdbx_database_accession 
_database_2.pdbx_DOI 
PDB   7JLB         pdb_00007jlb 10.2210/pdb7jlb/pdb 
WWPDB D_1000250906 ?            ?                   
# 
_pdbx_database_status.status_code                     REL 
_pdbx_database_status.status_code_sf                  REL 
_pdbx_database_status.status_code_mr                  ? 
_pdbx_database_status.entry_id                        7JLB 
_pdbx_database_status.recvd_initial_deposition_date   2020-07-29 
_pdbx_database_status.SG_entry                        N 
_pdbx_database_status.deposit_site                    RCSB 
_pdbx_database_status.process_site                    RCSB 
_pdbx_database_status.status_code_cs                  ? 
_pdbx_database_status.status_code_nmr_data            ? 
_pdbx_database_status.methods_development_category    ? 
_pdbx_database_status.pdb_format_compatible           Y 
# 
loop_
_audit_author.name 
_audit_author.pdbx_ordinal 
_audit_author.identifier_ORCID 
'Simmons, C.R.'      1 0000-0002-2290-6132 
'MacCulloch, T.'     2 0000-0001-5875-3361 
'Stephanopoulos, N.' 3 0000-0001-7859-410X 
'Yan, H.'            4 0000-0001-7397-9852 
# 
_citation.abstract                  ? 
_citation.abstract_id_CAS           ? 
_citation.book_id_ISBN              ? 
_citation.book_publisher            ? 
_citation.book_publisher_city       ? 
_citation.book_title                ? 
_citation.coordinate_linkage        ? 
_citation.country                   UK 
_citation.database_id_Medline       ? 
_citation.details                   ? 
_citation.id                        primary 
_citation.journal_abbrev            'Nat Commun' 
_citation.journal_id_ASTM           ? 
_citation.journal_id_CSD            ? 
_citation.journal_id_ISSN           2041-1723 
_citation.journal_full              ? 
_citation.journal_issue             ? 
_citation.journal_volume            13 
_citation.language                  ? 
_citation.page_first                3112 
_citation.page_last                 3112 
_citation.title                     'The influence of Holliday junction sequence and dynamics on DNA crystal self-assembly.' 
_citation.year                      2022 
_citation.database_id_CSD           ? 
_citation.pdbx_database_id_DOI      10.1038/s41467-022-30779-6 
_citation.pdbx_database_id_PubMed   35662248 
_citation.unpublished_flag          ? 
# 
loop_
_citation_author.citation_id 
_citation_author.name 
_citation_author.ordinal 
_citation_author.identifier_ORCID 
primary 'Simmons, C.R.'      1  ?                   
primary 'MacCulloch, T.'     2  ?                   
primary 'Krepl, M.'          3  0000-0002-9833-4281 
primary 'Matthies, M.'       4  ?                   
primary 'Buchberger, A.'     5  ?                   
primary 'Crawford, I.'       6  ?                   
primary 'Sponer, J.'         7  0000-0001-6558-6186 
primary 'Sulc, P.'           8  0000-0003-1565-6769 
primary 'Stephanopoulos, N.' 9  0000-0001-7859-410X 
primary 'Yan, H.'            10 0000-0001-7397-9852 
# 
_cell.angle_alpha                  90.000 
_cell.angle_alpha_esd              ? 
_cell.angle_beta                   90.000 
_cell.angle_beta_esd               ? 
_cell.angle_gamma                  120.000 
_cell.angle_gamma_esd              ? 
_cell.entry_id                     7JLB 
_cell.details                      ? 
_cell.formula_units_Z              ? 
_cell.length_a                     111.986 
_cell.length_a_esd                 ? 
_cell.length_b                     111.986 
_cell.length_b_esd                 ? 
_cell.length_c                     50.992 
_cell.length_c_esd                 ? 
_cell.volume                       ? 
_cell.volume_esd                   ? 
_cell.Z_PDB                        9 
_cell.reciprocal_angle_alpha       ? 
_cell.reciprocal_angle_beta        ? 
_cell.reciprocal_angle_gamma       ? 
_cell.reciprocal_angle_alpha_esd   ? 
_cell.reciprocal_angle_beta_esd    ? 
_cell.reciprocal_angle_gamma_esd   ? 
_cell.reciprocal_length_a          ? 
_cell.reciprocal_length_b          ? 
_cell.reciprocal_length_c          ? 
_cell.reciprocal_length_a_esd      ? 
_cell.reciprocal_length_b_esd      ? 
_cell.reciprocal_length_c_esd      ? 
_cell.pdbx_unique_axis             ? 
# 
_symmetry.entry_id                         7JLB 
_symmetry.cell_setting                     ? 
_symmetry.Int_Tables_number                146 
_symmetry.space_group_name_Hall            ? 
_symmetry.space_group_name_H-M             'H 3' 
_symmetry.pdbx_full_space_group_name_H-M   ? 
# 
loop_
_entity.id 
_entity.type 
_entity.src_method 
_entity.pdbx_description 
_entity.formula_weight 
_entity.pdbx_number_of_molecules 
_entity.pdbx_ec 
_entity.pdbx_mutation 
_entity.pdbx_fragment 
_entity.details 
1 polymer     syn 
;DNA (5'-D(*GP*AP*AP*CP*GP*AP*CP*AP*GP*AP*GP*AP*CP*GP*TP*CP*GP*AP*CP*TP*C)-3')
;
6466.201 1 ? ? ? ? 
2 polymer     syn 
;DNA (5'-D(*TP*CP*GP*AP*GP*TP*CP*G)-3')
;
2442.616 1 ? ? ? ? 
3 polymer     syn 
;DNA (5'-D(P*CP*TP*GP*TP*CP*GP*T)-3')
;
2104.396 1 ? ? ? ? 
4 polymer     syn 
;DNA (5'-D(P*AP*CP*GP*TP*CP*T)-3')
;
1784.204 1 ? ? ? ? 
5 non-polymer syn 'CACODYLATE ION'                                                                136.989  2 ? ? ? ? 
# 
loop_
_entity_poly.entity_id 
_entity_poly.type 
_entity_poly.nstd_linkage 
_entity_poly.nstd_monomer 
_entity_poly.pdbx_seq_one_letter_code 
_entity_poly.pdbx_seq_one_letter_code_can 
_entity_poly.pdbx_strand_id 
_entity_poly.pdbx_target_identifier 
1 polydeoxyribonucleotide no no 
;(DG)(DA)(DA)(DC)(DG)(DA)(DC)(DA)(DG)(DA)(DG)(DA)(DC)(DG)(DT)(DC)(DG)(DA)(DC)(DT)
(DC)
;
GAACGACAGAGACGTCGACTC B ? 
2 polydeoxyribonucleotide no no '(DT)(DC)(DG)(DA)(DG)(DT)(DC)(DG)'                                                      TCGAGTCG C 
? 
3 polydeoxyribonucleotide no no '(DC)(DT)(DG)(DT)(DC)(DG)(DT)'                                                          CTGTCGT D 
? 
4 polydeoxyribonucleotide no no '(DA)(DC)(DG)(DT)(DC)(DT)'                                                              ACGTCT A ? 
# 
loop_
_entity_poly_seq.entity_id 
_entity_poly_seq.num 
_entity_poly_seq.mon_id 
_entity_poly_seq.hetero 
1 1  DG n 
1 2  DA n 
1 3  DA n 
1 4  DC n 
1 5  DG n 
1 6  DA n 
1 7  DC n 
1 8  DA n 
1 9  DG n 
1 10 DA n 
1 11 DG n 
1 12 DA n 
1 13 DC n 
1 14 DG n 
1 15 DT n 
1 16 DC n 
1 17 DG n 
1 18 DA n 
1 19 DC n 
1 20 DT n 
1 21 DC n 
2 1  DT n 
2 2  DC n 
2 3  DG n 
2 4  DA n 
2 5  DG n 
2 6  DT n 
2 7  DC n 
2 8  DG n 
3 1  DC n 
3 2  DT n 
3 3  DG n 
3 4  DT n 
3 5  DC n 
3 6  DG n 
3 7  DT n 
4 1  DA n 
4 2  DC n 
4 3  DG n 
4 4  DT n 
4 5  DC n 
4 6  DT n 
# 
loop_
_pdbx_entity_src_syn.entity_id 
_pdbx_entity_src_syn.pdbx_src_id 
_pdbx_entity_src_syn.pdbx_alt_source_flag 
_pdbx_entity_src_syn.pdbx_beg_seq_num 
_pdbx_entity_src_syn.pdbx_end_seq_num 
_pdbx_entity_src_syn.organism_scientific 
_pdbx_entity_src_syn.organism_common_name 
_pdbx_entity_src_syn.ncbi_taxonomy_id 
_pdbx_entity_src_syn.details 
1 1 sample 1 21 'synthetic construct' ? 32630 ? 
2 1 sample 1 8  'synthetic construct' ? 32630 ? 
3 1 sample 1 7  'synthetic construct' ? 32630 ? 
4 1 sample 1 6  'synthetic construct' ? 32630 ? 
# 
loop_
_struct_ref.id 
_struct_ref.db_name 
_struct_ref.db_code 
_struct_ref.pdbx_db_accession 
_struct_ref.pdbx_db_isoform 
_struct_ref.entity_id 
_struct_ref.pdbx_seq_one_letter_code 
_struct_ref.pdbx_align_begin 
1 PDB 7JLB 7JLB ? 1 ? 1 
2 PDB 7JLB 7JLB ? 2 ? 1 
3 PDB 7JLB 7JLB ? 3 ? 1 
4 PDB 7JLB 7JLB ? 4 ? 1 
# 
loop_
_struct_ref_seq.align_id 
_struct_ref_seq.ref_id 
_struct_ref_seq.pdbx_PDB_id_code 
_struct_ref_seq.pdbx_strand_id 
_struct_ref_seq.seq_align_beg 
_struct_ref_seq.pdbx_seq_align_beg_ins_code 
_struct_ref_seq.seq_align_end 
_struct_ref_seq.pdbx_seq_align_end_ins_code 
_struct_ref_seq.pdbx_db_accession 
_struct_ref_seq.db_align_beg 
_struct_ref_seq.pdbx_db_align_beg_ins_code 
_struct_ref_seq.db_align_end 
_struct_ref_seq.pdbx_db_align_end_ins_code 
_struct_ref_seq.pdbx_auth_seq_align_beg 
_struct_ref_seq.pdbx_auth_seq_align_end 
1 1 7JLB B 1 ? 21 ? 7JLB 7  ? 27 ? 7  27 
2 2 7JLB C 1 ? 8  ? 7JLB 28 ? 35 ? 28 35 
3 3 7JLB D 1 ? 7  ? 7JLB 36 ? 42 ? 36 42 
4 4 7JLB A 1 ? 6  ? 7JLB 1  ? 6  ? 1  6  
# 
loop_
_chem_comp.id 
_chem_comp.type 
_chem_comp.mon_nstd_flag 
_chem_comp.name 
_chem_comp.pdbx_synonyms 
_chem_comp.formula 
_chem_comp.formula_weight 
CAC non-polymer   . 'CACODYLATE ION'                     dimethylarsinate 'C2 H6 As O2 -1'  136.989 
DA  'DNA linking' y "2'-DEOXYADENOSINE-5'-MONOPHOSPHATE" ?                'C10 H14 N5 O6 P' 331.222 
DC  'DNA linking' y "2'-DEOXYCYTIDINE-5'-MONOPHOSPHATE"  ?                'C9 H14 N3 O7 P'  307.197 
DG  'DNA linking' y "2'-DEOXYGUANOSINE-5'-MONOPHOSPHATE" ?                'C10 H14 N5 O7 P' 347.221 
DT  'DNA linking' y "THYMIDINE-5'-MONOPHOSPHATE"         ?                'C10 H15 N2 O8 P' 322.208 
# 
_exptl.absorpt_coefficient_mu     ? 
_exptl.absorpt_correction_T_max   ? 
_exptl.absorpt_correction_T_min   ? 
_exptl.absorpt_correction_type    ? 
_exptl.absorpt_process_details    ? 
_exptl.entry_id                   7JLB 
_exptl.crystals_number            1 
_exptl.details                    ? 
_exptl.method                     'X-RAY DIFFRACTION' 
_exptl.method_details             ? 
# 
_exptl_crystal.colour                      ? 
_exptl_crystal.density_diffrn              ? 
_exptl_crystal.density_Matthews            4.81 
_exptl_crystal.density_method              ? 
_exptl_crystal.density_percent_sol         74.42 
_exptl_crystal.description                 ? 
_exptl_crystal.F_000                       ? 
_exptl_crystal.id                          1 
_exptl_crystal.preparation                 ? 
_exptl_crystal.size_max                    ? 
_exptl_crystal.size_mid                    ? 
_exptl_crystal.size_min                    ? 
_exptl_crystal.size_rad                    ? 
_exptl_crystal.colour_lustre               ? 
_exptl_crystal.colour_modifier             ? 
_exptl_crystal.colour_primary              ? 
_exptl_crystal.density_meas                ? 
_exptl_crystal.density_meas_esd            ? 
_exptl_crystal.density_meas_gt             ? 
_exptl_crystal.density_meas_lt             ? 
_exptl_crystal.density_meas_temp           ? 
_exptl_crystal.density_meas_temp_esd       ? 
_exptl_crystal.density_meas_temp_gt        ? 
_exptl_crystal.density_meas_temp_lt        ? 
_exptl_crystal.pdbx_crystal_image_url      ? 
_exptl_crystal.pdbx_crystal_image_format   ? 
_exptl_crystal.pdbx_mosaicity              ? 
_exptl_crystal.pdbx_mosaicity_esd          ? 
# 
_exptl_crystal_grow.apparatus       ? 
_exptl_crystal_grow.atmosphere      ? 
_exptl_crystal_grow.crystal_id      1 
_exptl_crystal_grow.details         ? 
_exptl_crystal_grow.method          'VAPOR DIFFUSION, SITTING DROP' 
_exptl_crystal_grow.method_ref      ? 
_exptl_crystal_grow.pH              ? 
_exptl_crystal_grow.pressure        ? 
_exptl_crystal_grow.pressure_esd    ? 
_exptl_crystal_grow.seeding         ? 
_exptl_crystal_grow.seeding_ref     ? 
_exptl_crystal_grow.temp            298 
_exptl_crystal_grow.temp_details    'temperature gradient generated from 60 to 25 C at 0.3 degrees per hour' 
_exptl_crystal_grow.temp_esd        ? 
_exptl_crystal_grow.time            ? 
_exptl_crystal_grow.pdbx_details    
;0.5 mL of 0.05 M Cacodylate pH 7.0 with 18 mM MgCl2, 2.25 mM spermine, 0.9 mM CoH18N6, and 4.5% MPD was added to the reservoir with 2 uL added to the drop containing 4 uL of DNA stock
;
_exptl_crystal_grow.pdbx_pH_range   ? 
# 
_diffrn.ambient_environment              ? 
_diffrn.ambient_temp                     100 
_diffrn.ambient_temp_details             ? 
_diffrn.ambient_temp_esd                 ? 
_diffrn.crystal_id                       1 
_diffrn.crystal_support                  ? 
_diffrn.crystal_treatment                ? 
_diffrn.details                          ? 
_diffrn.id                               1 
_diffrn.ambient_pressure                 ? 
_diffrn.ambient_pressure_esd             ? 
_diffrn.ambient_pressure_gt              ? 
_diffrn.ambient_pressure_lt              ? 
_diffrn.ambient_temp_gt                  ? 
_diffrn.ambient_temp_lt                  ? 
_diffrn.pdbx_serial_crystal_experiment   N 
# 
_diffrn_detector.details                      ? 
_diffrn_detector.detector                     PIXEL 
_diffrn_detector.diffrn_id                    1 
_diffrn_detector.type                         'DECTRIS PILATUS3 6M' 
_diffrn_detector.area_resol_mean              ? 
_diffrn_detector.dtime                        ? 
_diffrn_detector.pdbx_frames_total            ? 
_diffrn_detector.pdbx_collection_time_total   ? 
_diffrn_detector.pdbx_collection_date         2018-06-15 
_diffrn_detector.pdbx_frequency               ? 
# 
_diffrn_radiation.collimation                      ? 
_diffrn_radiation.diffrn_id                        1 
_diffrn_radiation.filter_edge                      ? 
_diffrn_radiation.inhomogeneity                    ? 
_diffrn_radiation.monochromator                    ? 
_diffrn_radiation.polarisn_norm                    ? 
_diffrn_radiation.polarisn_ratio                   ? 
_diffrn_radiation.probe                            ? 
_diffrn_radiation.type                             ? 
_diffrn_radiation.xray_symbol                      ? 
_diffrn_radiation.wavelength_id                    1 
_diffrn_radiation.pdbx_monochromatic_or_laue_m_l   M 
_diffrn_radiation.pdbx_wavelength_list             ? 
_diffrn_radiation.pdbx_wavelength                  ? 
_diffrn_radiation.pdbx_diffrn_protocol             'SINGLE WAVELENGTH' 
_diffrn_radiation.pdbx_analyzer                    ? 
_diffrn_radiation.pdbx_scattering_type             x-ray 
# 
_diffrn_radiation_wavelength.id           1 
_diffrn_radiation_wavelength.wavelength   1 
_diffrn_radiation_wavelength.wt           1.0 
# 
_diffrn_source.current                     ? 
_diffrn_source.details                     ? 
_diffrn_source.diffrn_id                   1 
_diffrn_source.power                       ? 
_diffrn_source.size                        ? 
_diffrn_source.source                      SYNCHROTRON 
_diffrn_source.target                      ? 
_diffrn_source.type                        'ALS BEAMLINE 5.0.2' 
_diffrn_source.voltage                     ? 
_diffrn_source.take-off_angle              ? 
_diffrn_source.pdbx_wavelength_list        1 
_diffrn_source.pdbx_wavelength             ? 
_diffrn_source.pdbx_synchrotron_beamline   5.0.2 
_diffrn_source.pdbx_synchrotron_site       ALS 
# 
_reflns.B_iso_Wilson_estimate            78.210 
_reflns.entry_id                         7JLB 
_reflns.data_reduction_details           ? 
_reflns.data_reduction_method            ? 
_reflns.d_resolution_high                3.000 
_reflns.d_resolution_low                 50.000 
_reflns.details                          ? 
_reflns.limit_h_max                      ? 
_reflns.limit_h_min                      ? 
_reflns.limit_k_max                      ? 
_reflns.limit_k_min                      ? 
_reflns.limit_l_max                      ? 
_reflns.limit_l_min                      ? 
_reflns.number_all                       ? 
_reflns.number_obs                       4591 
_reflns.observed_criterion               ? 
_reflns.observed_criterion_F_max         ? 
_reflns.observed_criterion_F_min         ? 
_reflns.observed_criterion_I_max         ? 
_reflns.observed_criterion_I_min         ? 
_reflns.observed_criterion_sigma_F       ? 
_reflns.observed_criterion_sigma_I       ? 
_reflns.percent_possible_obs             96.800 
_reflns.R_free_details                   ? 
_reflns.Rmerge_F_all                     ? 
_reflns.Rmerge_F_obs                     ? 
_reflns.Friedel_coverage                 ? 
_reflns.number_gt                        ? 
_reflns.threshold_expression             ? 
_reflns.pdbx_redundancy                  9.700 
_reflns.pdbx_Rmerge_I_obs                0.073 
_reflns.pdbx_Rmerge_I_all                ? 
_reflns.pdbx_Rsym_value                  ? 
_reflns.pdbx_netI_over_av_sigmaI         ? 
_reflns.pdbx_netI_over_sigmaI            8.700 
_reflns.pdbx_res_netI_over_av_sigmaI_2   ? 
_reflns.pdbx_res_netI_over_sigmaI_2      ? 
_reflns.pdbx_chi_squared                 1.523 
_reflns.pdbx_scaling_rejects             ? 
_reflns.pdbx_d_res_high_opt              ? 
_reflns.pdbx_d_res_low_opt               ? 
_reflns.pdbx_d_res_opt_method            ? 
_reflns.phase_calculation_details        ? 
_reflns.pdbx_Rrim_I_all                  0.077 
_reflns.pdbx_Rpim_I_all                  0.024 
_reflns.pdbx_d_opt                       ? 
_reflns.pdbx_number_measured_all         ? 
_reflns.pdbx_diffrn_id                   1 
_reflns.pdbx_ordinal                     1 
_reflns.pdbx_CC_half                     0.979 
_reflns.pdbx_CC_star                     ? 
_reflns.pdbx_R_split                     ? 
# 
loop_
_reflns_shell.d_res_high 
_reflns_shell.d_res_low 
_reflns_shell.meanI_over_sigI_all 
_reflns_shell.meanI_over_sigI_obs 
_reflns_shell.number_measured_all 
_reflns_shell.number_measured_obs 
_reflns_shell.number_possible 
_reflns_shell.number_unique_all 
_reflns_shell.number_unique_obs 
_reflns_shell.percent_possible_all 
_reflns_shell.percent_possible_obs 
_reflns_shell.Rmerge_F_all 
_reflns_shell.Rmerge_F_obs 
_reflns_shell.Rmerge_I_all 
_reflns_shell.Rmerge_I_obs 
_reflns_shell.meanI_over_sigI_gt 
_reflns_shell.meanI_over_uI_all 
_reflns_shell.meanI_over_uI_gt 
_reflns_shell.number_measured_gt 
_reflns_shell.number_unique_gt 
_reflns_shell.percent_possible_gt 
_reflns_shell.Rmerge_F_gt 
_reflns_shell.Rmerge_I_gt 
_reflns_shell.pdbx_redundancy 
_reflns_shell.pdbx_Rsym_value 
_reflns_shell.pdbx_chi_squared 
_reflns_shell.pdbx_netI_over_sigmaI_all 
_reflns_shell.pdbx_netI_over_sigmaI_obs 
_reflns_shell.pdbx_Rrim_I_all 
_reflns_shell.pdbx_Rpim_I_all 
_reflns_shell.pdbx_rejects 
_reflns_shell.pdbx_ordinal 
_reflns_shell.pdbx_diffrn_id 
_reflns_shell.pdbx_CC_half 
_reflns_shell.pdbx_CC_star 
_reflns_shell.pdbx_R_split 
3.000 3.050  ? ? ? ? ? ? 189 78.800  ? ? ? ? 0.635 ? ? ? ? ? ? ? ? 7.800  ? 0.457 ? ? 0.673 0.217 ? 1  1 0.900 ? ? 
3.050 3.110  ? ? ? ? ? ? 195 83.700  ? ? ? ? 0.274 ? ? ? ? ? ? ? ? 7.800  ? 0.500 ? ? 0.290 0.092 ? 2  1 0.993 ? ? 
3.110 3.170  ? ? ? ? ? ? 228 89.100  ? ? ? ? 0.110 ? ? ? ? ? ? ? ? 8.000  ? 0.821 ? ? 0.116 0.036 ? 3  1 0.998 ? ? 
3.170 3.230  ? ? ? ? ? ? 212 95.900  ? ? ? ? 0.145 ? ? ? ? ? ? ? ? 8.100  ? 0.653 ? ? 0.153 0.049 ? 4  1 0.998 ? ? 
3.230 3.300  ? ? ? ? ? ? 231 96.700  ? ? ? ? 0.126 ? ? ? ? ? ? ? ? 8.600  ? 0.672 ? ? 0.134 0.044 ? 5  1 0.999 ? ? 
3.300 3.380  ? ? ? ? ? ? 223 99.600  ? ? ? ? 0.117 ? ? ? ? ? ? ? ? 8.400  ? 0.745 ? ? 0.125 0.041 ? 6  1 0.999 ? ? 
3.380 3.460  ? ? ? ? ? ? 257 99.600  ? ? ? ? 0.117 ? ? ? ? ? ? ? ? 9.500  ? 0.840 ? ? 0.123 0.039 ? 7  1 0.998 ? ? 
3.460 3.560  ? ? ? ? ? ? 220 100.000 ? ? ? ? 0.116 ? ? ? ? ? ? ? ? 9.600  ? 0.821 ? ? 0.122 0.039 ? 8  1 0.998 ? ? 
3.560 3.660  ? ? ? ? ? ? 243 100.000 ? ? ? ? 0.150 ? ? ? ? ? ? ? ? 10.600 ? 0.758 ? ? 0.158 0.048 ? 9  1 0.997 ? ? 
3.660 3.780  ? ? ? ? ? ? 228 100.000 ? ? ? ? 0.176 ? ? ? ? ? ? ? ? 10.500 ? 0.828 ? ? 0.185 0.057 ? 10 1 0.992 ? ? 
3.780 3.910  ? ? ? ? ? ? 245 100.000 ? ? ? ? 0.177 ? ? ? ? ? ? ? ? 10.500 ? 0.950 ? ? 0.186 0.057 ? 11 1 0.992 ? ? 
3.910 4.070  ? ? ? ? ? ? 247 100.000 ? ? ? ? 0.134 ? ? ? ? ? ? ? ? 10.200 ? 1.443 ? ? 0.141 0.044 ? 12 1 0.993 ? ? 
4.070 4.260  ? ? ? ? ? ? 234 100.000 ? ? ? ? 0.132 ? ? ? ? ? ? ? ? 10.000 ? 1.855 ? ? 0.139 0.044 ? 13 1 0.992 ? ? 
4.260 4.480  ? ? ? ? ? ? 228 100.000 ? ? ? ? 0.124 ? ? ? ? ? ? ? ? 10.400 ? 1.896 ? ? 0.130 0.040 ? 14 1 0.992 ? ? 
4.480 4.760  ? ? ? ? ? ? 239 100.000 ? ? ? ? 0.116 ? ? ? ? ? ? ? ? 10.800 ? 2.221 ? ? 0.121 0.037 ? 15 1 0.991 ? ? 
4.760 5.130  ? ? ? ? ? ? 248 100.000 ? ? ? ? 0.093 ? ? ? ? ? ? ? ? 10.600 ? 2.487 ? ? 0.098 0.030 ? 16 1 0.996 ? ? 
5.130 5.640  ? ? ? ? ? ? 229 99.100  ? ? ? ? 0.083 ? ? ? ? ? ? ? ? 9.900  ? 3.312 ? ? 0.088 0.028 ? 17 1 0.995 ? ? 
5.640 6.460  ? ? ? ? ? ? 228 98.300  ? ? ? ? 0.071 ? ? ? ? ? ? ? ? 10.500 ? 2.821 ? ? 0.075 0.023 ? 18 1 0.997 ? ? 
6.460 8.130  ? ? ? ? ? ? 238 99.200  ? ? ? ? 0.059 ? ? ? ? ? ? ? ? 10.200 ? 2.417 ? ? 0.063 0.020 ? 19 1 0.998 ? ? 
8.130 50.000 ? ? ? ? ? ? 229 96.600  ? ? ? ? 0.049 ? ? ? ? ? ? ? ? 10.100 ? 2.375 ? ? 0.052 0.016 ? 20 1 0.999 ? ? 
# 
_refine.aniso_B[1][1]                            ? 
_refine.aniso_B[1][2]                            ? 
_refine.aniso_B[1][3]                            ? 
_refine.aniso_B[2][2]                            ? 
_refine.aniso_B[2][3]                            ? 
_refine.aniso_B[3][3]                            ? 
_refine.B_iso_max                                187.700 
_refine.B_iso_mean                               101.7917 
_refine.B_iso_min                                42.150 
_refine.correlation_coeff_Fo_to_Fc               ? 
_refine.correlation_coeff_Fo_to_Fc_free          ? 
_refine.details                                  ? 
_refine.diff_density_max                         ? 
_refine.diff_density_max_esd                     ? 
_refine.diff_density_min                         ? 
_refine.diff_density_min_esd                     ? 
_refine.diff_density_rms                         ? 
_refine.diff_density_rms_esd                     ? 
_refine.entry_id                                 7JLB 
_refine.pdbx_refine_id                           'X-RAY DIFFRACTION' 
_refine.ls_abs_structure_details                 ? 
_refine.ls_abs_structure_Flack                   ? 
_refine.ls_abs_structure_Flack_esd               ? 
_refine.ls_abs_structure_Rogers                  ? 
_refine.ls_abs_structure_Rogers_esd              ? 
_refine.ls_d_res_high                            3.0070 
_refine.ls_d_res_low                             45.1340 
_refine.ls_extinction_coef                       ? 
_refine.ls_extinction_coef_esd                   ? 
_refine.ls_extinction_expression                 ? 
_refine.ls_extinction_method                     ? 
_refine.ls_goodness_of_fit_all                   ? 
_refine.ls_goodness_of_fit_all_esd               ? 
_refine.ls_goodness_of_fit_obs                   ? 
_refine.ls_goodness_of_fit_obs_esd               ? 
_refine.ls_hydrogen_treatment                    ? 
_refine.ls_matrix_type                           ? 
_refine.ls_number_constraints                    ? 
_refine.ls_number_parameters                     ? 
_refine.ls_number_reflns_all                     ? 
_refine.ls_number_reflns_obs                     4493 
_refine.ls_number_reflns_R_free                  231 
_refine.ls_number_reflns_R_work                  4262 
_refine.ls_number_restraints                     ? 
_refine.ls_percent_reflns_obs                    94.6900 
_refine.ls_percent_reflns_R_free                 5.1400 
_refine.ls_R_factor_all                          ? 
_refine.ls_R_factor_obs                          0.2353 
_refine.ls_R_factor_R_free                       0.2756 
_refine.ls_R_factor_R_free_error                 ? 
_refine.ls_R_factor_R_free_error_details         ? 
_refine.ls_R_factor_R_work                       0.2327 
_refine.ls_R_Fsqd_factor_obs                     ? 
_refine.ls_R_I_factor_obs                        ? 
_refine.ls_redundancy_reflns_all                 ? 
_refine.ls_redundancy_reflns_obs                 ? 
_refine.ls_restrained_S_all                      ? 
_refine.ls_restrained_S_obs                      ? 
_refine.ls_shift_over_esd_max                    ? 
_refine.ls_shift_over_esd_mean                   ? 
_refine.ls_structure_factor_coef                 ? 
_refine.ls_weighting_details                     ? 
_refine.ls_weighting_scheme                      ? 
_refine.ls_wR_factor_all                         ? 
_refine.ls_wR_factor_obs                         ? 
_refine.ls_wR_factor_R_free                      ? 
_refine.ls_wR_factor_R_work                      ? 
_refine.occupancy_max                            ? 
_refine.occupancy_min                            ? 
_refine.solvent_model_details                    'FLAT BULK SOLVENT MODEL' 
_refine.solvent_model_param_bsol                 ? 
_refine.solvent_model_param_ksol                 ? 
_refine.pdbx_R_complete                          ? 
_refine.ls_R_factor_gt                           ? 
_refine.ls_goodness_of_fit_gt                    ? 
_refine.ls_goodness_of_fit_ref                   ? 
_refine.ls_shift_over_su_max                     ? 
_refine.ls_shift_over_su_max_lt                  ? 
_refine.ls_shift_over_su_mean                    ? 
_refine.ls_shift_over_su_mean_lt                 ? 
_refine.pdbx_ls_sigma_I                          ? 
_refine.pdbx_ls_sigma_F                          2.010 
_refine.pdbx_ls_sigma_Fsqd                       ? 
_refine.pdbx_data_cutoff_high_absF               ? 
_refine.pdbx_data_cutoff_high_rms_absF           ? 
_refine.pdbx_data_cutoff_low_absF                ? 
_refine.pdbx_isotropic_thermal_model             ? 
_refine.pdbx_ls_cross_valid_method               THROUGHOUT 
_refine.pdbx_method_to_determine_struct          'MOLECULAR REPLACEMENT' 
_refine.pdbx_starting_model                      5VY6 
_refine.pdbx_stereochemistry_target_values       ML 
_refine.pdbx_R_Free_selection_details            ? 
_refine.pdbx_stereochem_target_val_spec_case     ? 
_refine.pdbx_overall_ESU_R                       ? 
_refine.pdbx_overall_ESU_R_Free                  ? 
_refine.pdbx_solvent_vdw_probe_radii             1.1100 
_refine.pdbx_solvent_ion_probe_radii             ? 
_refine.pdbx_solvent_shrinkage_radii             0.9000 
_refine.pdbx_real_space_R                        ? 
_refine.pdbx_density_correlation                 ? 
_refine.pdbx_pd_number_of_powder_patterns        ? 
_refine.pdbx_pd_number_of_points                 ? 
_refine.pdbx_pd_meas_number_of_points            ? 
_refine.pdbx_pd_proc_ls_prof_R_factor            ? 
_refine.pdbx_pd_proc_ls_prof_wR_factor           ? 
_refine.pdbx_pd_Marquardt_correlation_coeff      ? 
_refine.pdbx_pd_Fsqrd_R_factor                   ? 
_refine.pdbx_pd_ls_matrix_band_width             ? 
_refine.pdbx_overall_phase_error                 31.8000 
_refine.pdbx_overall_SU_R_free_Cruickshank_DPI   ? 
_refine.pdbx_overall_SU_R_free_Blow_DPI          ? 
_refine.pdbx_overall_SU_R_Blow_DPI               ? 
_refine.pdbx_TLS_residual_ADP_flag               ? 
_refine.pdbx_diffrn_id                           1 
_refine.overall_SU_B                             ? 
_refine.overall_SU_ML                            0.4600 
_refine.overall_SU_R_Cruickshank_DPI             ? 
_refine.overall_SU_R_free                        ? 
_refine.overall_FOM_free_R_set                   ? 
_refine.overall_FOM_work_R_set                   ? 
_refine.pdbx_average_fsc_overall                 ? 
_refine.pdbx_average_fsc_work                    ? 
_refine.pdbx_average_fsc_free                    ? 
# 
_refine_hist.pdbx_refine_id                   'X-RAY DIFFRACTION' 
_refine_hist.cycle_id                         final 
_refine_hist.details                          ? 
_refine_hist.d_res_high                       3.0070 
_refine_hist.d_res_low                        45.1340 
_refine_hist.number_atoms_solvent             0 
_refine_hist.number_atoms_total               857 
_refine_hist.number_reflns_all                ? 
_refine_hist.number_reflns_obs                ? 
_refine_hist.number_reflns_R_free             ? 
_refine_hist.number_reflns_R_work             ? 
_refine_hist.R_factor_all                     ? 
_refine_hist.R_factor_obs                     ? 
_refine_hist.R_factor_R_free                  ? 
_refine_hist.R_factor_R_work                  ? 
_refine_hist.pdbx_number_residues_total       42 
_refine_hist.pdbx_B_iso_mean_ligand           150.37 
_refine_hist.pdbx_B_iso_mean_solvent          ? 
_refine_hist.pdbx_number_atoms_protein        0 
_refine_hist.pdbx_number_atoms_nucleic_acid   855 
_refine_hist.pdbx_number_atoms_ligand         2 
_refine_hist.pdbx_number_atoms_lipid          ? 
_refine_hist.pdbx_number_atoms_carb           ? 
_refine_hist.pdbx_pseudo_atom_details         ? 
# 
loop_
_refine_ls_restr.pdbx_refine_id 
_refine_ls_restr.criterion 
_refine_ls_restr.dev_ideal 
_refine_ls_restr.dev_ideal_target 
_refine_ls_restr.number 
_refine_ls_restr.rejects 
_refine_ls_restr.type 
_refine_ls_restr.weight 
_refine_ls_restr.pdbx_restraint_function 
'X-RAY DIFFRACTION' ? 0.005  ? 956  ? f_bond_d           ? ? 
'X-RAY DIFFRACTION' ? 0.803  ? 1467 ? f_angle_d          ? ? 
'X-RAY DIFFRACTION' ? 0.049  ? 166  ? f_chiral_restr     ? ? 
'X-RAY DIFFRACTION' ? 0.005  ? 42   ? f_plane_restr      ? ? 
'X-RAY DIFFRACTION' ? 33.015 ? 406  ? f_dihedral_angle_d ? ? 
# 
loop_
_refine_ls_shell.pdbx_refine_id 
_refine_ls_shell.d_res_high 
_refine_ls_shell.d_res_low 
_refine_ls_shell.number_reflns_all 
_refine_ls_shell.number_reflns_obs 
_refine_ls_shell.number_reflns_R_free 
_refine_ls_shell.number_reflns_R_work 
_refine_ls_shell.percent_reflns_obs 
_refine_ls_shell.percent_reflns_R_free 
_refine_ls_shell.R_factor_all 
_refine_ls_shell.R_factor_obs 
_refine_ls_shell.R_factor_R_free 
_refine_ls_shell.R_factor_R_free_error 
_refine_ls_shell.R_factor_R_work 
_refine_ls_shell.redundancy_reflns_all 
_refine_ls_shell.redundancy_reflns_obs 
_refine_ls_shell.wR_factor_all 
_refine_ls_shell.wR_factor_obs 
_refine_ls_shell.wR_factor_R_free 
_refine_ls_shell.wR_factor_R_work 
_refine_ls_shell.pdbx_R_complete 
_refine_ls_shell.pdbx_total_number_of_bins_used 
_refine_ls_shell.pdbx_phase_error 
_refine_ls_shell.pdbx_fsc_work 
_refine_ls_shell.pdbx_fsc_free 
'X-RAY DIFFRACTION' 3.007  3.7876 . . 109 2022 90.0000 . . . 0.3032 0.0000 0.2968 . . . . . . . . . . . 
'X-RAY DIFFRACTION' 3.7876 45.134 . . 122 2240 99.0000 . . . 0.2691 0.0000 0.2154 . . . . . . . . . . . 
# 
_struct.entry_id                     7JLB 
_struct.title                        
;Self-assembly of a 3D DNA crystal lattice (4x6 scramble duplex version) containing the J19 immobile Holliday junction with R3 symmetry
;
_struct.pdbx_model_details           ? 
_struct.pdbx_formula_weight          ? 
_struct.pdbx_formula_weight_method   ? 
_struct.pdbx_model_type_details      ? 
_struct.pdbx_CASP_flag               N 
# 
_struct_keywords.entry_id        7JLB 
_struct_keywords.text            
'Structural DNA nanotechnology, immobile Holliday junctions, 3D DNA self-assembly, designer DNA crystals, DNA' 
_struct_keywords.pdbx_keywords   DNA 
# 
loop_
_struct_asym.id 
_struct_asym.pdbx_blank_PDB_chainid_flag 
_struct_asym.pdbx_modified 
_struct_asym.entity_id 
_struct_asym.details 
A N N 1 ? 
B N N 2 ? 
C N N 3 ? 
D N N 4 ? 
E N N 5 ? 
F N N 5 ? 
# 
loop_
_struct_conn.id 
_struct_conn.conn_type_id 
_struct_conn.pdbx_leaving_atom_flag 
_struct_conn.pdbx_PDB_id 
_struct_conn.ptnr1_label_asym_id 
_struct_conn.ptnr1_label_comp_id 
_struct_conn.ptnr1_label_seq_id 
_struct_conn.ptnr1_label_atom_id 
_struct_conn.pdbx_ptnr1_label_alt_id 
_struct_conn.pdbx_ptnr1_PDB_ins_code 
_struct_conn.pdbx_ptnr1_standard_comp_id 
_struct_conn.ptnr1_symmetry 
_struct_conn.ptnr2_label_asym_id 
_struct_conn.ptnr2_label_comp_id 
_struct_conn.ptnr2_label_seq_id 
_struct_conn.ptnr2_label_atom_id 
_struct_conn.pdbx_ptnr2_label_alt_id 
_struct_conn.pdbx_ptnr2_PDB_ins_code 
_struct_conn.ptnr1_auth_asym_id 
_struct_conn.ptnr1_auth_comp_id 
_struct_conn.ptnr1_auth_seq_id 
_struct_conn.ptnr2_auth_asym_id 
_struct_conn.ptnr2_auth_comp_id 
_struct_conn.ptnr2_auth_seq_id 
_struct_conn.ptnr2_symmetry 
_struct_conn.pdbx_ptnr3_label_atom_id 
_struct_conn.pdbx_ptnr3_label_seq_id 
_struct_conn.pdbx_ptnr3_label_comp_id 
_struct_conn.pdbx_ptnr3_label_asym_id 
_struct_conn.pdbx_ptnr3_label_alt_id 
_struct_conn.pdbx_ptnr3_PDB_ins_code 
_struct_conn.details 
_struct_conn.pdbx_dist_value 
_struct_conn.pdbx_value_order 
_struct_conn.pdbx_role 
hydrog1  hydrog ? ? A DA 3  N1 ? ? ? 1_555 C DT 7 N3 ? ? B DA 9  D DT 42 1_555 ? ? ? ? ? ? 'DA-DT PAIR' ? ? ? 
hydrog2  hydrog ? ? A DC 4  N3 ? ? ? 1_555 C DG 6 N2 ? ? B DC 10 D DG 41 1_555 ? ? ? ? ? ? 'DC-DG PAIR' ? ? ? 
hydrog3  hydrog ? ? A DG 5  N1 ? ? ? 1_555 C DC 5 N3 ? ? B DG 11 D DC 40 1_555 ? ? ? ? ? ? WATSON-CRICK ? ? ? 
hydrog4  hydrog ? ? A DG 5  N2 ? ? ? 1_555 C DC 5 O2 ? ? B DG 11 D DC 40 1_555 ? ? ? ? ? ? WATSON-CRICK ? ? ? 
hydrog5  hydrog ? ? A DG 5  O6 ? ? ? 1_555 C DC 5 N4 ? ? B DG 11 D DC 40 1_555 ? ? ? ? ? ? WATSON-CRICK ? ? ? 
hydrog6  hydrog ? ? A DA 6  N1 ? ? ? 1_555 C DT 4 N3 ? ? B DA 12 D DT 39 1_555 ? ? ? ? ? ? WATSON-CRICK ? ? ? 
hydrog7  hydrog ? ? A DA 6  N6 ? ? ? 1_555 C DT 4 O4 ? ? B DA 12 D DT 39 1_555 ? ? ? ? ? ? WATSON-CRICK ? ? ? 
hydrog8  hydrog ? ? A DC 7  N3 ? ? ? 1_555 C DG 3 N1 ? ? B DC 13 D DG 38 1_555 ? ? ? ? ? ? WATSON-CRICK ? ? ? 
hydrog9  hydrog ? ? A DC 7  N4 ? ? ? 1_555 C DG 3 O6 ? ? B DC 13 D DG 38 1_555 ? ? ? ? ? ? WATSON-CRICK ? ? ? 
hydrog10 hydrog ? ? A DC 7  O2 ? ? ? 1_555 C DG 3 N2 ? ? B DC 13 D DG 38 1_555 ? ? ? ? ? ? WATSON-CRICK ? ? ? 
hydrog11 hydrog ? ? A DA 8  N1 ? ? ? 1_555 C DT 2 N3 ? ? B DA 14 D DT 37 1_555 ? ? ? ? ? ? WATSON-CRICK ? ? ? 
hydrog12 hydrog ? ? A DA 8  N6 ? ? ? 1_555 C DT 2 O4 ? ? B DA 14 D DT 37 1_555 ? ? ? ? ? ? WATSON-CRICK ? ? ? 
hydrog13 hydrog ? ? A DG 9  N1 ? ? ? 1_555 C DC 1 N3 ? ? B DG 15 D DC 36 1_555 ? ? ? ? ? ? WATSON-CRICK ? ? ? 
hydrog14 hydrog ? ? A DG 9  N2 ? ? ? 1_555 C DC 1 O2 ? ? B DG 15 D DC 36 1_555 ? ? ? ? ? ? WATSON-CRICK ? ? ? 
hydrog15 hydrog ? ? A DG 9  O6 ? ? ? 1_555 C DC 1 N4 ? ? B DG 15 D DC 36 1_555 ? ? ? ? ? ? WATSON-CRICK ? ? ? 
hydrog16 hydrog ? ? A DA 10 N1 ? ? ? 1_555 D DT 6 N3 ? ? B DA 16 A DT 6  1_555 ? ? ? ? ? ? WATSON-CRICK ? ? ? 
hydrog17 hydrog ? ? A DA 10 N6 ? ? ? 1_555 D DT 6 O4 ? ? B DA 16 A DT 6  1_555 ? ? ? ? ? ? WATSON-CRICK ? ? ? 
hydrog18 hydrog ? ? A DG 11 N1 ? ? ? 1_555 D DC 5 N3 ? ? B DG 17 A DC 5  1_555 ? ? ? ? ? ? WATSON-CRICK ? ? ? 
hydrog19 hydrog ? ? A DG 11 N2 ? ? ? 1_555 D DC 5 O2 ? ? B DG 17 A DC 5  1_555 ? ? ? ? ? ? WATSON-CRICK ? ? ? 
hydrog20 hydrog ? ? A DG 11 O6 ? ? ? 1_555 D DC 5 N4 ? ? B DG 17 A DC 5  1_555 ? ? ? ? ? ? WATSON-CRICK ? ? ? 
hydrog21 hydrog ? ? A DA 12 N1 ? ? ? 1_555 D DT 4 N3 ? ? B DA 18 A DT 4  1_555 ? ? ? ? ? ? WATSON-CRICK ? ? ? 
hydrog22 hydrog ? ? A DA 12 N6 ? ? ? 1_555 D DT 4 O4 ? ? B DA 18 A DT 4  1_555 ? ? ? ? ? ? WATSON-CRICK ? ? ? 
hydrog23 hydrog ? ? A DC 13 N3 ? ? ? 1_555 D DG 3 N1 ? ? B DC 19 A DG 3  1_555 ? ? ? ? ? ? WATSON-CRICK ? ? ? 
hydrog24 hydrog ? ? A DC 13 N4 ? ? ? 1_555 D DG 3 O6 ? ? B DC 19 A DG 3  1_555 ? ? ? ? ? ? WATSON-CRICK ? ? ? 
hydrog25 hydrog ? ? A DC 13 O2 ? ? ? 1_555 D DG 3 N2 ? ? B DC 19 A DG 3  1_555 ? ? ? ? ? ? WATSON-CRICK ? ? ? 
hydrog26 hydrog ? ? A DG 14 N1 ? ? ? 1_555 D DC 2 N3 ? ? B DG 20 A DC 2  1_555 ? ? ? ? ? ? WATSON-CRICK ? ? ? 
hydrog27 hydrog ? ? A DG 14 N2 ? ? ? 1_555 D DC 2 O2 ? ? B DG 20 A DC 2  1_555 ? ? ? ? ? ? WATSON-CRICK ? ? ? 
hydrog28 hydrog ? ? A DG 14 O6 ? ? ? 1_555 D DC 2 N4 ? ? B DG 20 A DC 2  1_555 ? ? ? ? ? ? WATSON-CRICK ? ? ? 
hydrog29 hydrog ? ? A DT 15 N3 ? ? ? 1_555 D DA 1 N1 ? ? B DT 21 A DA 1  1_555 ? ? ? ? ? ? WATSON-CRICK ? ? ? 
hydrog30 hydrog ? ? A DT 15 O4 ? ? ? 1_555 D DA 1 N6 ? ? B DT 21 A DA 1  1_555 ? ? ? ? ? ? WATSON-CRICK ? ? ? 
hydrog31 hydrog ? ? A DC 16 N3 ? ? ? 1_555 B DG 8 N1 ? ? B DC 22 C DG 35 1_555 ? ? ? ? ? ? WATSON-CRICK ? ? ? 
hydrog32 hydrog ? ? A DC 16 N4 ? ? ? 1_555 B DG 8 O6 ? ? B DC 22 C DG 35 1_555 ? ? ? ? ? ? WATSON-CRICK ? ? ? 
hydrog33 hydrog ? ? A DC 16 O2 ? ? ? 1_555 B DG 8 N2 ? ? B DC 22 C DG 35 1_555 ? ? ? ? ? ? WATSON-CRICK ? ? ? 
hydrog34 hydrog ? ? A DG 17 N1 ? ? ? 1_555 B DC 7 N3 ? ? B DG 23 C DC 34 1_555 ? ? ? ? ? ? WATSON-CRICK ? ? ? 
hydrog35 hydrog ? ? A DG 17 N2 ? ? ? 1_555 B DC 7 O2 ? ? B DG 23 C DC 34 1_555 ? ? ? ? ? ? WATSON-CRICK ? ? ? 
hydrog36 hydrog ? ? A DG 17 O6 ? ? ? 1_555 B DC 7 N4 ? ? B DG 23 C DC 34 1_555 ? ? ? ? ? ? WATSON-CRICK ? ? ? 
hydrog37 hydrog ? ? A DA 18 N1 ? ? ? 1_555 B DT 6 N3 ? ? B DA 24 C DT 33 1_555 ? ? ? ? ? ? WATSON-CRICK ? ? ? 
hydrog38 hydrog ? ? A DA 18 N6 ? ? ? 1_555 B DT 6 O4 ? ? B DA 24 C DT 33 1_555 ? ? ? ? ? ? WATSON-CRICK ? ? ? 
hydrog39 hydrog ? ? A DC 19 N3 ? ? ? 1_555 B DG 5 N1 ? ? B DC 25 C DG 32 1_555 ? ? ? ? ? ? WATSON-CRICK ? ? ? 
hydrog40 hydrog ? ? A DC 19 N4 ? ? ? 1_555 B DG 5 O6 ? ? B DC 25 C DG 32 1_555 ? ? ? ? ? ? WATSON-CRICK ? ? ? 
hydrog41 hydrog ? ? A DC 19 O2 ? ? ? 1_555 B DG 5 N2 ? ? B DC 25 C DG 32 1_555 ? ? ? ? ? ? WATSON-CRICK ? ? ? 
hydrog42 hydrog ? ? A DT 20 N3 ? ? ? 1_555 B DA 4 N1 ? ? B DT 26 C DA 31 1_555 ? ? ? ? ? ? WATSON-CRICK ? ? ? 
hydrog43 hydrog ? ? A DT 20 O4 ? ? ? 1_555 B DA 4 N6 ? ? B DT 26 C DA 31 1_555 ? ? ? ? ? ? WATSON-CRICK ? ? ? 
hydrog44 hydrog ? ? A DC 21 N3 ? ? ? 1_555 B DG 3 N1 ? ? B DC 27 C DG 30 1_555 ? ? ? ? ? ? WATSON-CRICK ? ? ? 
hydrog45 hydrog ? ? A DC 21 N4 ? ? ? 1_555 B DG 3 O6 ? ? B DC 27 C DG 30 1_555 ? ? ? ? ? ? WATSON-CRICK ? ? ? 
hydrog46 hydrog ? ? A DC 21 O2 ? ? ? 1_555 B DG 3 N2 ? ? B DC 27 C DG 30 1_555 ? ? ? ? ? ? WATSON-CRICK ? ? ? 
# 
_struct_conn_type.id          hydrog 
_struct_conn_type.criteria    ? 
_struct_conn_type.reference   ? 
# 
_atom_sites.entry_id                    7JLB 
_atom_sites.Cartn_transf_matrix[1][1]   ? 
_atom_sites.Cartn_transf_matrix[1][2]   ? 
_atom_sites.Cartn_transf_matrix[1][3]   ? 
_atom_sites.Cartn_transf_matrix[2][1]   ? 
_atom_sites.Cartn_transf_matrix[2][2]   ? 
_atom_sites.Cartn_transf_matrix[2][3]   ? 
_atom_sites.Cartn_transf_matrix[3][1]   ? 
_atom_sites.Cartn_transf_matrix[3][2]   ? 
_atom_sites.Cartn_transf_matrix[3][3]   ? 
_atom_sites.Cartn_transf_vector[1]      ? 
_atom_sites.Cartn_transf_vector[2]      ? 
_atom_sites.Cartn_transf_vector[3]      ? 
_atom_sites.fract_transf_matrix[1][1]   -0.00252329 
_atom_sites.fract_transf_matrix[1][2]   -0.00966866 
_atom_sites.fract_transf_matrix[1][3]   -0.00254546 
_atom_sites.fract_transf_matrix[2][1]   -0.00218213 
_atom_sites.fract_transf_matrix[2][2]   -0.00687007 
_atom_sites.fract_transf_matrix[2][3]   0.00737273 
_atom_sites.fract_transf_matrix[3][1]   -0.01890701 
_atom_sites.fract_transf_matrix[3][2]   0.00514528 
_atom_sites.fract_transf_matrix[3][3]   -0.00080149 
_atom_sites.fract_transf_vector[1]      0.261773 
_atom_sites.fract_transf_vector[2]      1.012387 
_atom_sites.fract_transf_vector[3]      -0.205881 
_atom_sites.solution_primary            ? 
_atom_sites.solution_secondary          ? 
_atom_sites.solution_hydrogens          ? 
_atom_sites.special_details             ? 
# 
loop_
_atom_type.symbol 
AS 
C  
H  
N  
O  
P  
# 
loop_
_atom_site.group_PDB 
_atom_site.id 
_atom_site.type_symbol 
_atom_site.label_atom_id 
_atom_site.label_alt_id 
_atom_site.label_comp_id 
_atom_site.label_asym_id 
_atom_site.label_entity_id 
_atom_site.label_seq_id 
_atom_site.pdbx_PDB_ins_code 
_atom_site.Cartn_x 
_atom_site.Cartn_y 
_atom_site.Cartn_z 
_atom_site.occupancy 
_atom_site.B_iso_or_equiv 
_atom_site.pdbx_formal_charge 
_atom_site.auth_seq_id 
_atom_site.auth_comp_id 
_atom_site.auth_asym_id 
_atom_site.auth_atom_id 
_atom_site.pdbx_PDB_model_num 
ATOM   1    O  "O5'"  . DG  A 1 1  ? 5.978   -28.791 17.979  1.00 115.87 ? 7   DG  B "O5'"  1 
ATOM   2    C  "C5'"  . DG  A 1 1  ? 5.298   -30.012 17.702  1.00 123.96 ? 7   DG  B "C5'"  1 
ATOM   3    C  "C4'"  . DG  A 1 1  ? 3.987   -30.090 18.462  1.00 127.54 ? 7   DG  B "C4'"  1 
ATOM   4    O  "O4'"  . DG  A 1 1  ? 4.197   -29.615 19.810  1.00 104.89 ? 7   DG  B "O4'"  1 
ATOM   5    C  "C3'"  . DG  A 1 1  ? 2.862   -29.242 17.870  1.00 131.63 ? 7   DG  B "C3'"  1 
ATOM   6    O  "O3'"  . DG  A 1 1  ? 1.836   -30.077 17.350  1.00 135.79 ? 7   DG  B "O3'"  1 
ATOM   7    C  "C2'"  . DG  A 1 1  ? 2.358   -28.364 19.020  1.00 109.96 ? 7   DG  B "C2'"  1 
ATOM   8    C  "C1'"  . DG  A 1 1  ? 3.081   -28.883 20.254  1.00 96.32  ? 7   DG  B "C1'"  1 
ATOM   9    N  N9     . DG  A 1 1  ? 3.565   -27.829 21.137  1.00 92.02  ? 7   DG  B N9     1 
ATOM   10   C  C8     . DG  A 1 1  ? 4.843   -27.327 21.188  1.00 111.07 ? 7   DG  B C8     1 
ATOM   11   N  N7     . DG  A 1 1  ? 4.999   -26.389 22.081  1.00 110.00 ? 7   DG  B N7     1 
ATOM   12   C  C5     . DG  A 1 1  ? 3.744   -26.261 22.661  1.00 96.24  ? 7   DG  B C5     1 
ATOM   13   C  C6     . DG  A 1 1  ? 3.305   -25.397 23.690  1.00 97.89  ? 7   DG  B C6     1 
ATOM   14   O  O6     . DG  A 1 1  ? 3.960   -24.551 24.311  1.00 104.32 ? 7   DG  B O6     1 
ATOM   15   N  N1     . DG  A 1 1  ? 1.957   -25.587 23.983  1.00 98.99  ? 7   DG  B N1     1 
ATOM   16   C  C2     . DG  A 1 1  ? 1.137   -26.494 23.356  1.00 101.14 ? 7   DG  B C2     1 
ATOM   17   N  N2     . DG  A 1 1  ? -0.138  -26.531 23.777  1.00 94.76  ? 7   DG  B N2     1 
ATOM   18   N  N3     . DG  A 1 1  ? 1.535   -27.313 22.387  1.00 93.27  ? 7   DG  B N3     1 
ATOM   19   C  C4     . DG  A 1 1  ? 2.847   -27.140 22.092  1.00 92.14  ? 7   DG  B C4     1 
ATOM   20   H  "H5'"  . DG  A 1 1  ? 5.862   -30.757 17.963  1.00 148.67 ? 7   DG  B "H5'"  1 
ATOM   21   H  "H5''" . DG  A 1 1  ? 5.119   -30.068 16.750  1.00 148.67 ? 7   DG  B "H5''" 1 
ATOM   22   H  "H4'"  . DG  A 1 1  ? 3.698   -31.015 18.497  1.00 152.96 ? 7   DG  B "H4'"  1 
ATOM   23   H  "H3'"  . DG  A 1 1  ? 3.216   -28.681 17.163  1.00 157.87 ? 7   DG  B "H3'"  1 
ATOM   24   H  "H2'"  . DG  A 1 1  ? 2.589   -27.435 18.861  1.00 131.86 ? 7   DG  B "H2'"  1 
ATOM   25   H  "H2''" . DG  A 1 1  ? 1.400   -28.463 19.124  1.00 131.86 ? 7   DG  B "H2''" 1 
ATOM   26   H  "H1'"  . DG  A 1 1  ? 2.488   -29.470 20.750  1.00 115.49 ? 7   DG  B "H1'"  1 
ATOM   27   H  H8     . DG  A 1 1  ? 5.530   -27.627 20.639  1.00 133.19 ? 7   DG  B H8     1 
ATOM   28   H  H1     . DG  A 1 1  ? 1.611   -25.098 24.600  1.00 118.69 ? 7   DG  B H1     1 
ATOM   29   H  H21    . DG  A 1 1  ? -0.693  -27.083 23.420  1.00 113.63 ? 7   DG  B H21    1 
ATOM   30   H  H22    . DG  A 1 1  ? -0.398  -26.003 24.404  1.00 113.63 ? 7   DG  B H22    1 
ATOM   31   H  "HO5'" . DG  A 1 1  ? 5.827   -28.380 18.697  1.00 138.96 ? 7   DG  B "HO5'" 1 
ATOM   32   P  P      . DA  A 1 2  ? 0.751   -29.476 16.331  1.00 131.96 ? 8   DA  B P      1 
ATOM   33   O  OP1    . DA  A 1 2  ? 0.113   -30.608 15.623  1.00 140.13 ? 8   DA  B OP1    1 
ATOM   34   O  OP2    . DA  A 1 2  ? 1.423   -28.409 15.558  1.00 133.38 ? 8   DA  B OP2    1 
ATOM   35   O  "O5'"  . DA  A 1 2  ? -0.338  -28.794 17.286  1.00 114.43 ? 8   DA  B "O5'"  1 
ATOM   36   C  "C5'"  . DA  A 1 2  ? -1.472  -28.157 16.716  1.00 126.75 ? 8   DA  B "C5'"  1 
ATOM   37   C  "C4'"  . DA  A 1 2  ? -2.595  -28.025 17.728  1.00 129.49 ? 8   DA  B "C4'"  1 
ATOM   38   O  "O4'"  . DA  A 1 2  ? -2.039  -27.743 19.032  1.00 105.60 ? 8   DA  B "O4'"  1 
ATOM   39   C  "C3'"  . DA  A 1 2  ? -3.578  -26.902 17.439  1.00 126.98 ? 8   DA  B "C3'"  1 
ATOM   40   O  "O3'"  . DA  A 1 2  ? -4.898  -27.281 17.788  1.00 132.01 ? 8   DA  B "O3'"  1 
ATOM   41   C  "C2'"  . DA  A 1 2  ? -3.071  -25.733 18.280  1.00 95.41  ? 8   DA  B "C2'"  1 
ATOM   42   C  "C1'"  . DA  A 1 2  ? -2.224  -26.381 19.372  1.00 93.85  ? 8   DA  B "C1'"  1 
ATOM   43   N  N9     . DA  A 1 2  ? -0.911  -25.770 19.533  1.00 104.38 ? 8   DA  B N9     1 
ATOM   44   C  C8     . DA  A 1 2  ? 0.206   -26.015 18.786  1.00 107.07 ? 8   DA  B C8     1 
ATOM   45   N  N7     . DA  A 1 2  ? 1.257   -25.324 19.163  1.00 103.72 ? 8   DA  B N7     1 
ATOM   46   C  C5     . DA  A 1 2  ? 0.796   -24.573 20.231  1.00 97.71  ? 8   DA  B C5     1 
ATOM   47   C  C6     . DA  A 1 2  ? 1.426   -23.632 21.073  1.00 109.35 ? 8   DA  B C6     1 
ATOM   48   N  N6     . DA  A 1 2  ? 2.712   -23.280 20.953  1.00 113.64 ? 8   DA  B N6     1 
ATOM   49   N  N1     . DA  A 1 2  ? 0.681   -23.065 22.046  1.00 105.06 ? 8   DA  B N1     1 
ATOM   50   C  C2     . DA  A 1 2  ? -0.606  -23.420 22.162  1.00 103.37 ? 8   DA  B C2     1 
ATOM   51   N  N3     . DA  A 1 2  ? -1.307  -24.288 21.432  1.00 98.86  ? 8   DA  B N3     1 
ATOM   52   C  C4     . DA  A 1 2  ? -0.538  -24.836 20.475  1.00 101.54 ? 8   DA  B C4     1 
ATOM   53   H  "H5'"  . DA  A 1 2  ? -1.785  -28.681 15.962  1.00 152.01 ? 8   DA  B "H5'"  1 
ATOM   54   H  "H5''" . DA  A 1 2  ? -1.218  -27.274 16.406  1.00 152.01 ? 8   DA  B "H5''" 1 
ATOM   55   H  "H4'"  . DA  A 1 2  ? -3.080  -28.864 17.769  1.00 155.30 ? 8   DA  B "H4'"  1 
ATOM   56   H  "H3'"  . DA  A 1 2  ? -3.541  -26.669 16.498  1.00 152.29 ? 8   DA  B "H3'"  1 
ATOM   57   H  "H2'"  . DA  A 1 2  ? -2.528  -25.139 17.740  1.00 114.41 ? 8   DA  B "H2'"  1 
ATOM   58   H  "H2''" . DA  A 1 2  ? -3.815  -25.250 18.671  1.00 114.41 ? 8   DA  B "H2''" 1 
ATOM   59   H  "H1'"  . DA  A 1 2  ? -2.702  -26.328 20.214  1.00 112.53 ? 8   DA  B "H1'"  1 
ATOM   60   H  H8     . DA  A 1 2  ? 0.222   -26.618 18.078  1.00 128.40 ? 8   DA  B H8     1 
ATOM   61   H  H61    . DA  A 1 2  ? 3.051   -22.702 21.492  1.00 136.28 ? 8   DA  B H61    1 
ATOM   62   H  H62    . DA  A 1 2  ? 3.199   -23.634 20.339  1.00 136.28 ? 8   DA  B H62    1 
ATOM   63   H  H2     . DA  A 1 2  ? -1.078  -22.999 22.845  1.00 123.96 ? 8   DA  B H2     1 
ATOM   64   P  P      . DA  A 1 3  ? -6.140  -26.406 17.268  1.00 157.47 ? 9   DA  B P      1 
ATOM   65   O  OP1    . DA  A 1 3  ? -7.377  -27.181 17.506  1.00 144.69 ? 9   DA  B OP1    1 
ATOM   66   O  OP2    . DA  A 1 3  ? -5.808  -25.945 15.901  1.00 140.20 ? 9   DA  B OP2    1 
ATOM   67   O  "O5'"  . DA  A 1 3  ? -6.129  -25.122 18.220  1.00 128.42 ? 9   DA  B "O5'"  1 
ATOM   68   C  "C5'"  . DA  A 1 3  ? -7.352  -24.576 18.675  1.00 124.38 ? 9   DA  B "C5'"  1 
ATOM   69   C  "C4'"  . DA  A 1 3  ? -7.125  -23.275 19.424  1.00 120.54 ? 9   DA  B "C4'"  1 
ATOM   70   O  "O4'"  . DA  A 1 3  ? -5.810  -23.272 20.019  1.00 110.42 ? 9   DA  B "O4'"  1 
ATOM   71   C  "C3'"  . DA  A 1 3  ? -7.149  -22.028 18.561  1.00 110.76 ? 9   DA  B "C3'"  1 
ATOM   72   O  "O3'"  . DA  A 1 3  ? -8.505  -21.573 18.341  1.00 119.17 ? 9   DA  B "O3'"  1 
ATOM   73   C  "C2'"  . DA  A 1 3  ? -6.286  -21.039 19.353  1.00 98.97  ? 9   DA  B "C2'"  1 
ATOM   74   C  "C1'"  . DA  A 1 3  ? -5.363  -21.936 20.185  1.00 98.08  ? 9   DA  B "C1'"  1 
ATOM   75   N  N9     . DA  A 1 3  ? -3.953  -21.884 19.806  1.00 95.91  ? 9   DA  B N9     1 
ATOM   76   C  C8     . DA  A 1 3  ? -3.344  -22.610 18.822  1.00 109.99 ? 9   DA  B C8     1 
ATOM   77   N  N7     . DA  A 1 3  ? -2.057  -22.383 18.715  1.00 98.73  ? 9   DA  B N7     1 
ATOM   78   C  C5     . DA  A 1 3  ? -1.800  -21.449 19.702  1.00 93.85  ? 9   DA  B C5     1 
ATOM   79   C  C6     . DA  A 1 3  ? -0.616  -20.796 20.104  1.00 99.84  ? 9   DA  B C6     1 
ATOM   80   N  N6     . DA  A 1 3  ? 0.574   -21.008 19.530  1.00 97.89  ? 9   DA  B N6     1 
ATOM   81   N  N1     . DA  A 1 3  ? -0.704  -19.919 21.127  1.00 96.31  ? 9   DA  B N1     1 
ATOM   82   C  C2     . DA  A 1 3  ? -1.897  -19.711 21.700  1.00 97.07  ? 9   DA  B C2     1 
ATOM   83   N  N3     . DA  A 1 3  ? -3.075  -20.264 21.408  1.00 103.25 ? 9   DA  B N3     1 
ATOM   84   C  C4     . DA  A 1 3  ? -2.957  -21.133 20.390  1.00 93.95  ? 9   DA  B C4     1 
ATOM   85   H  "H5'"  . DA  A 1 3  ? -7.785  -25.211 19.267  1.00 149.16 ? 9   DA  B "H5'"  1 
ATOM   86   H  "H5''" . DA  A 1 3  ? -7.929  -24.407 17.914  1.00 149.16 ? 9   DA  B "H5''" 1 
ATOM   87   H  "H4'"  . DA  A 1 3  ? -7.790  -23.191 20.124  1.00 144.55 ? 9   DA  B "H4'"  1 
ATOM   88   H  "H3'"  . DA  A 1 3  ? -6.727  -22.216 17.708  1.00 132.83 ? 9   DA  B "H3'"  1 
ATOM   89   H  "H2'"  . DA  A 1 3  ? -5.767  -20.483 18.752  1.00 118.68 ? 9   DA  B "H2'"  1 
ATOM   90   H  "H2''" . DA  A 1 3  ? -6.840  -20.492 19.933  1.00 118.68 ? 9   DA  B "H2''" 1 
ATOM   91   H  "H1'"  . DA  A 1 3  ? -5.446  -21.692 21.120  1.00 117.61 ? 9   DA  B "H1'"  1 
ATOM   92   H  H8     . DA  A 1 3  ? -3.801  -23.208 18.276  1.00 131.90 ? 9   DA  B H8     1 
ATOM   93   H  H61    . DA  A 1 3  ? 1.269   -20.588 19.814  1.00 117.38 ? 9   DA  B H61    1 
ATOM   94   H  H62    . DA  A 1 3  ? 0.643   -21.565 18.878  1.00 117.38 ? 9   DA  B H62    1 
ATOM   95   H  H2     . DA  A 1 3  ? -1.904  -19.098 22.398  1.00 116.39 ? 9   DA  B H2     1 
ATOM   96   P  P      . DC  A 1 4  ? -9.402  -20.964 19.532  1.00 118.21 ? 10  DC  B P      1 
ATOM   97   O  OP1    . DC  A 1 4  ? -9.149  -21.680 20.800  1.00 137.34 ? 10  DC  B OP1    1 
ATOM   98   O  OP2    . DC  A 1 4  ? -10.787 -20.867 19.021  1.00 129.30 ? 10  DC  B OP2    1 
ATOM   99   O  "O5'"  . DC  A 1 4  ? -8.830  -19.492 19.722  1.00 111.41 ? 10  DC  B "O5'"  1 
ATOM   100  C  "C5'"  . DC  A 1 4  ? -9.023  -18.823 20.947  1.00 111.26 ? 10  DC  B "C5'"  1 
ATOM   101  C  "C4'"  . DC  A 1 4  ? -8.200  -17.552 21.000  1.00 135.70 ? 10  DC  B "C4'"  1 
ATOM   102  O  "O4'"  . DC  A 1 4  ? -6.795  -17.876 21.021  1.00 131.51 ? 10  DC  B "O4'"  1 
ATOM   103  C  "C3'"  . DC  A 1 4  ? -8.359  -16.639 19.789  1.00 124.72 ? 10  DC  B "C3'"  1 
ATOM   104  O  "O3'"  . DC  A 1 4  ? -9.449  -15.688 19.958  1.00 124.67 ? 10  DC  B "O3'"  1 
ATOM   105  C  "C2'"  . DC  A 1 4  ? -6.984  -15.969 19.652  1.00 111.77 ? 10  DC  B "C2'"  1 
ATOM   106  C  "C1'"  . DC  A 1 4  ? -6.080  -16.730 20.623  1.00 118.08 ? 10  DC  B "C1'"  1 
ATOM   107  N  N1     . DC  A 1 4  ? -4.775  -17.141 20.012  1.00 112.57 ? 10  DC  B N1     1 
ATOM   108  C  C2     . DC  A 1 4  ? -3.580  -16.574 20.472  1.00 96.92  ? 10  DC  B C2     1 
ATOM   109  O  O2     . DC  A 1 4  ? -3.618  -15.755 21.400  1.00 107.56 ? 10  DC  B O2     1 
ATOM   110  N  N3     . DC  A 1 4  ? -2.409  -16.946 19.893  1.00 83.80  ? 10  DC  B N3     1 
ATOM   111  C  C4     . DC  A 1 4  ? -2.409  -17.831 18.893  1.00 100.54 ? 10  DC  B C4     1 
ATOM   112  N  N4     . DC  A 1 4  ? -1.234  -18.165 18.348  1.00 86.72  ? 10  DC  B N4     1 
ATOM   113  C  C5     . DC  A 1 4  ? -3.618  -18.411 18.405  1.00 100.46 ? 10  DC  B C5     1 
ATOM   114  C  C6     . DC  A 1 4  ? -4.765  -18.037 18.984  1.00 110.08 ? 10  DC  B C6     1 
ATOM   115  H  "H5'"  . DC  A 1 4  ? -8.757  -19.407 21.675  1.00 133.43 ? 10  DC  B "H5'"  1 
ATOM   116  H  "H5''" . DC  A 1 4  ? -9.962  -18.600 21.044  1.00 133.43 ? 10  DC  B "H5''" 1 
ATOM   117  H  "H4'"  . DC  A 1 4  ? -8.426  -17.059 21.804  1.00 162.76 ? 10  DC  B "H4'"  1 
ATOM   118  H  "H3'"  . DC  A 1 4  ? -8.529  -17.181 19.003  1.00 149.57 ? 10  DC  B "H3'"  1 
ATOM   119  H  "H2'"  . DC  A 1 4  ? -6.655  -16.059 18.744  1.00 134.03 ? 10  DC  B "H2'"  1 
ATOM   120  H  "H2''" . DC  A 1 4  ? -7.037  -15.034 19.903  1.00 134.03 ? 10  DC  B "H2''" 1 
ATOM   121  H  "H1'"  . DC  A 1 4  ? -5.908  -16.176 21.400  1.00 141.61 ? 10  DC  B "H1'"  1 
ATOM   122  H  H41    . DC  A 1 4  ? -1.206  -18.733 17.702  1.00 103.98 ? 10  DC  B H41    1 
ATOM   123  H  H42    . DC  A 1 4  ? -0.507  -17.813 18.643  1.00 103.98 ? 10  DC  B H42    1 
ATOM   124  H  H5     . DC  A 1 4  ? -3.609  -19.027 17.707  1.00 120.46 ? 10  DC  B H5     1 
ATOM   125  H  H6     . DC  A 1 4  ? -5.567  -18.398 18.685  1.00 132.01 ? 10  DC  B H6     1 
ATOM   126  P  P      . DG  A 1 5  ? -9.436  -14.535 21.086  1.00 143.38 ? 11  DG  B P      1 
ATOM   127  O  OP1    . DG  A 1 5  ? -9.018  -15.077 22.396  1.00 157.28 ? 11  DG  B OP1    1 
ATOM   128  O  OP2    . DG  A 1 5  ? -10.743 -13.852 20.978  1.00 150.76 ? 11  DG  B OP2    1 
ATOM   129  O  "O5'"  . DG  A 1 5  ? -8.329  -13.495 20.598  1.00 120.18 ? 11  DG  B "O5'"  1 
ATOM   130  C  "C5'"  . DG  A 1 5  ? -8.014  -12.383 21.416  1.00 123.34 ? 11  DG  B "C5'"  1 
ATOM   131  C  "C4'"  . DG  A 1 5  ? -6.557  -11.979 21.267  1.00 133.15 ? 11  DG  B "C4'"  1 
ATOM   132  O  "O4'"  . DG  A 1 5  ? -5.833  -12.999 20.547  1.00 131.56 ? 11  DG  B "O4'"  1 
ATOM   133  C  "C3'"  . DG  A 1 5  ? -6.330  -10.679 20.493  1.00 128.49 ? 11  DG  B "C3'"  1 
ATOM   134  O  "O3'"  . DG  A 1 5  ? -5.899  -9.657  21.381  1.00 120.60 ? 11  DG  B "O3'"  1 
ATOM   135  C  "C2'"  . DG  A 1 5  ? -5.269  -11.028 19.431  1.00 105.97 ? 11  DG  B "C2'"  1 
ATOM   136  C  "C1'"  . DG  A 1 5  ? -4.763  -12.396 19.861  1.00 115.04 ? 11  DG  B "C1'"  1 
ATOM   137  N  N9     . DG  A 1 5  ? -4.371  -13.279 18.765  1.00 103.20 ? 11  DG  B N9     1 
ATOM   138  C  C8     . DG  A 1 5  ? -5.204  -14.059 18.004  1.00 111.96 ? 11  DG  B C8     1 
ATOM   139  N  N7     . DG  A 1 5  ? -4.581  -14.776 17.112  1.00 101.95 ? 11  DG  B N7     1 
ATOM   140  C  C5     . DG  A 1 5  ? -3.245  -14.454 17.292  1.00 93.08  ? 11  DG  B C5     1 
ATOM   141  C  C6     . DG  A 1 5  ? -2.100  -14.918 16.608  1.00 90.71  ? 11  DG  B C6     1 
ATOM   142  O  O6     . DG  A 1 5  ? -2.040  -15.736 15.677  1.00 91.96  ? 11  DG  B O6     1 
ATOM   143  N  N1     . DG  A 1 5  ? -0.935  -14.338 17.104  1.00 82.94  ? 11  DG  B N1     1 
ATOM   144  C  C2     . DG  A 1 5  ? -0.887  -13.425 18.131  1.00 82.33  ? 11  DG  B C2     1 
ATOM   145  N  N2     . DG  A 1 5  ? 0.328   -12.974 18.469  1.00 85.51  ? 11  DG  B N2     1 
ATOM   146  N  N3     . DG  A 1 5  ? -1.955  -12.982 18.783  1.00 79.47  ? 11  DG  B N3     1 
ATOM   147  C  C4     . DG  A 1 5  ? -3.096  -13.536 18.312  1.00 88.04  ? 11  DG  B C4     1 
ATOM   148  H  "H5'"  . DG  A 1 5  ? -8.186  -12.613 22.342  1.00 147.92 ? 11  DG  B "H5'"  1 
ATOM   149  H  "H5''" . DG  A 1 5  ? -8.578  -11.635 21.164  1.00 147.92 ? 11  DG  B "H5''" 1 
ATOM   150  H  "H4'"  . DG  A 1 5  ? -6.169  -11.887 22.152  1.00 159.70 ? 11  DG  B "H4'"  1 
ATOM   151  H  "H3'"  . DG  A 1 5  ? -7.153  -10.409 20.057  1.00 154.10 ? 11  DG  B "H3'"  1 
ATOM   152  H  "H2'"  . DG  A 1 5  ? -5.673  -11.076 18.550  1.00 127.08 ? 11  DG  B "H2'"  1 
ATOM   153  H  "H2''" . DG  A 1 5  ? -4.548  -10.379 19.442  1.00 127.08 ? 11  DG  B "H2''" 1 
ATOM   154  H  "H1'"  . DG  A 1 5  ? -4.014  -12.286 20.468  1.00 137.96 ? 11  DG  B "H1'"  1 
ATOM   155  H  H8     . DG  A 1 5  ? -6.127  -14.081 18.119  1.00 134.26 ? 11  DG  B H8     1 
ATOM   156  H  H1     . DG  A 1 5  ? -0.190  -14.566 16.740  1.00 99.44  ? 11  DG  B H1     1 
ATOM   157  H  H21    . DG  A 1 5  ? 0.413   -12.401 19.105  1.00 102.52 ? 11  DG  B H21    1 
ATOM   158  H  H22    . DG  A 1 5  ? 1.023   -13.259 18.050  1.00 102.52 ? 11  DG  B H22    1 
ATOM   159  P  P      . DA  A 1 6  ? -5.635  -8.171  20.840  1.00 137.15 ? 12  DA  B P      1 
ATOM   160  O  OP1    . DA  A 1 6  ? -5.678  -7.247  21.996  1.00 131.19 ? 12  DA  B OP1    1 
ATOM   161  O  OP2    . DA  A 1 6  ? -6.534  -7.950  19.686  1.00 142.79 ? 12  DA  B OP2    1 
ATOM   162  O  "O5'"  . DA  A 1 6  ? -4.141  -8.236  20.287  1.00 122.71 ? 12  DA  B "O5'"  1 
ATOM   163  C  "C5'"  . DA  A 1 6  ? -3.086  -8.652  21.139  1.00 111.99 ? 12  DA  B "C5'"  1 
ATOM   164  C  "C4'"  . DA  A 1 6  ? -1.790  -7.988  20.732  1.00 114.65 ? 12  DA  B "C4'"  1 
ATOM   165  O  "O4'"  . DA  A 1 6  ? -1.092  -8.832  19.779  1.00 121.49 ? 12  DA  B "O4'"  1 
ATOM   166  C  "C3'"  . DA  A 1 6  ? -1.961  -6.650  20.032  1.00 117.10 ? 12  DA  B "C3'"  1 
ATOM   167  O  "O3'"  . DA  A 1 6  ? -0.836  -5.806  20.273  1.00 137.51 ? 12  DA  B "O3'"  1 
ATOM   168  C  "C2'"  . DA  A 1 6  ? -2.096  -7.063  18.572  1.00 99.26  ? 12  DA  B "C2'"  1 
ATOM   169  C  "C1'"  . DA  A 1 6  ? -1.160  -8.268  18.478  1.00 98.96  ? 12  DA  B "C1'"  1 
ATOM   170  N  N9     . DA  A 1 6  ? -1.605  -9.304  17.546  1.00 93.96  ? 12  DA  B N9     1 
ATOM   171  C  C8     . DA  A 1 6  ? -2.882  -9.763  17.362  1.00 96.53  ? 12  DA  B C8     1 
ATOM   172  N  N7     . DA  A 1 6  ? -2.982  -10.709 16.458  1.00 88.14  ? 12  DA  B N7     1 
ATOM   173  C  C5     . DA  A 1 6  ? -1.680  -10.892 16.024  1.00 86.36  ? 12  DA  B C5     1 
ATOM   174  C  C6     . DA  A 1 6  ? -1.111  -11.759 15.069  1.00 83.01  ? 12  DA  B C6     1 
ATOM   175  N  N6     . DA  A 1 6  ? -1.825  -12.636 14.357  1.00 85.90  ? 12  DA  B N6     1 
ATOM   176  N  N1     . DA  A 1 6  ? 0.223   -11.686 14.875  1.00 83.19  ? 12  DA  B N1     1 
ATOM   177  C  C2     . DA  A 1 6  ? 0.932   -10.805 15.590  1.00 95.36  ? 12  DA  B C2     1 
ATOM   178  N  N3     . DA  A 1 6  ? 0.510   -9.941  16.514  1.00 91.43  ? 12  DA  B N3     1 
ATOM   179  C  C4     . DA  A 1 6  ? -0.818  -10.037 16.685  1.00 90.77  ? 12  DA  B C4     1 
ATOM   180  H  "H5'"  . DA  A 1 6  ? -2.986  -9.615  21.078  1.00 134.30 ? 12  DA  B "H5'"  1 
ATOM   181  H  "H5''" . DA  A 1 6  ? -3.297  -8.409  22.054  1.00 134.30 ? 12  DA  B "H5''" 1 
ATOM   182  H  "H4'"  . DA  A 1 6  ? -1.233  -7.867  21.518  1.00 137.49 ? 12  DA  B "H4'"  1 
ATOM   183  H  "H3'"  . DA  A 1 6  ? -2.775  -6.219  20.333  1.00 140.43 ? 12  DA  B "H3'"  1 
ATOM   184  H  "H2'"  . DA  A 1 6  ? -3.009  -7.320  18.369  1.00 119.03 ? 12  DA  B "H2'"  1 
ATOM   185  H  "H2''" . DA  A 1 6  ? -1.798  -6.350  17.984  1.00 119.03 ? 12  DA  B "H2''" 1 
ATOM   186  H  "H1'"  . DA  A 1 6  ? -0.277  -7.964  18.217  1.00 118.66 ? 12  DA  B "H1'"  1 
ATOM   187  H  H8     . DA  A 1 6  ? -3.613  -9.428  17.829  1.00 115.74 ? 12  DA  B H8     1 
ATOM   188  H  H61    . DA  A 1 6  ? -1.432  -13.144 13.784  1.00 103.00 ? 12  DA  B H61    1 
ATOM   189  H  H62    . DA  A 1 6  ? -2.675  -12.692 14.471  1.00 103.00 ? 12  DA  B H62    1 
ATOM   190  H  H2     . DA  A 1 6  ? 1.846   -10.794 15.420  1.00 114.35 ? 12  DA  B H2     1 
ATOM   191  P  P      . DC  A 1 7  ? -0.766  -4.326  19.644  1.00 150.39 ? 13  DC  B P      1 
ATOM   192  O  OP1    . DC  A 1 7  ? -0.505  -3.379  20.752  1.00 135.51 ? 13  DC  B OP1    1 
ATOM   193  O  OP2    . DC  A 1 7  ? -1.946  -4.133  18.773  1.00 130.40 ? 13  DC  B OP2    1 
ATOM   194  O  "O5'"  . DC  A 1 7  ? 0.529   -4.391  18.713  1.00 103.45 ? 13  DC  B "O5'"  1 
ATOM   195  C  "C5'"  . DC  A 1 7  ? 0.870   -5.613  18.089  1.00 108.51 ? 13  DC  B "C5'"  1 
ATOM   196  C  "C4'"  . DC  A 1 7  ? 2.124   -5.478  17.262  1.00 120.32 ? 13  DC  B "C4'"  1 
ATOM   197  O  "O4'"  . DC  A 1 7  ? 2.202   -6.598  16.335  1.00 118.86 ? 13  DC  B "O4'"  1 
ATOM   198  C  "C3'"  . DC  A 1 7  ? 2.185   -4.235  16.396  1.00 119.76 ? 13  DC  B "C3'"  1 
ATOM   199  O  "O3'"  . DC  A 1 7  ? 3.543   -3.835  16.181  1.00 131.33 ? 13  DC  B "O3'"  1 
ATOM   200  C  "C2'"  . DC  A 1 7  ? 1.473   -4.698  15.127  1.00 105.97 ? 13  DC  B "C2'"  1 
ATOM   201  C  "C1'"  . DC  A 1 7  ? 1.894   -6.165  15.019  1.00 103.84 ? 13  DC  B "C1'"  1 
ATOM   202  N  N1     . DC  A 1 7  ? 0.830   -7.081  14.431  1.00 92.97  ? 13  DC  B N1     1 
ATOM   203  C  C2     . DC  A 1 7  ? 1.194   -8.063  13.496  1.00 94.70  ? 13  DC  B C2     1 
ATOM   204  O  O2     . DC  A 1 7  ? 2.383   -8.170  13.166  1.00 104.05 ? 13  DC  B O2     1 
ATOM   205  N  N3     . DC  A 1 7  ? 0.231   -8.872  12.975  1.00 83.41  ? 13  DC  B N3     1 
ATOM   206  C  C4     . DC  A 1 7  ? -1.041  -8.725  13.353  1.00 82.93  ? 13  DC  B C4     1 
ATOM   207  N  N4     . DC  A 1 7  ? -1.955  -9.542  12.815  1.00 73.82  ? 13  DC  B N4     1 
ATOM   208  C  C5     . DC  A 1 7  ? -1.433  -7.734  14.302  1.00 91.14  ? 13  DC  B C5     1 
ATOM   209  C  C6     . DC  A 1 7  ? -0.478  -6.945  14.810  1.00 93.60  ? 13  DC  B C6     1 
ATOM   210  H  "H5'"  . DC  A 1 7  ? 0.139   -5.891  17.514  1.00 130.13 ? 13  DC  B "H5'"  1 
ATOM   211  H  "H5''" . DC  A 1 7  ? 1.011   -6.288  18.771  1.00 130.13 ? 13  DC  B "H5''" 1 
ATOM   212  H  "H4'"  . DC  A 1 7  ? 2.896   -5.496  17.849  1.00 144.30 ? 13  DC  B "H4'"  1 
ATOM   213  H  "H3'"  . DC  A 1 7  ? 1.686   -3.515  16.813  1.00 143.62 ? 13  DC  B "H3'"  1 
ATOM   214  H  "H2'"  . DC  A 1 7  ? 0.511   -4.624  15.225  1.00 127.08 ? 13  DC  B "H2'"  1 
ATOM   215  H  "H2''" . DC  A 1 7  ? 1.781   -4.195  14.357  1.00 127.08 ? 13  DC  B "H2''" 1 
ATOM   216  H  "H1'"  . DC  A 1 7  ? 2.695   -6.223  14.474  1.00 124.52 ? 13  DC  B "H1'"  1 
ATOM   217  H  H41    . DC  A 1 7  ? -2.782  -9.470  13.041  1.00 88.50  ? 13  DC  B H41    1 
ATOM   218  H  H42    . DC  A 1 7  ? -1.715  -10.139 12.244  1.00 88.50  ? 13  DC  B H42    1 
ATOM   219  H  H5     . DC  A 1 7  ? -2.322  -7.640  14.560  1.00 109.28 ? 13  DC  B H5     1 
ATOM   220  H  H6     . DC  A 1 7  ? -0.708  -6.289  15.428  1.00 112.23 ? 13  DC  B H6     1 
ATOM   221  P  P      . DA  A 1 8  ? 3.947   -2.907  14.934  1.00 146.82 ? 14  DA  B P      1 
ATOM   222  O  OP1    . DA  A 1 8  ? 5.335   -2.435  15.150  1.00 139.74 ? 14  DA  B OP1    1 
ATOM   223  O  OP2    . DA  A 1 8  ? 2.853   -1.933  14.719  1.00 132.97 ? 14  DA  B OP2    1 
ATOM   224  O  "O5'"  . DA  A 1 8  ? 3.924   -3.925  13.704  1.00 132.97 ? 14  DA  B "O5'"  1 
ATOM   225  C  "C5'"  . DA  A 1 8  ? 4.724   -3.699  12.573  1.00 109.56 ? 14  DA  B "C5'"  1 
ATOM   226  C  "C4'"  . DA  A 1 8  ? 5.195   -5.016  11.994  1.00 118.63 ? 14  DA  B "C4'"  1 
ATOM   227  O  "O4'"  . DA  A 1 8  ? 4.090   -5.963  11.998  1.00 103.55 ? 14  DA  B "O4'"  1 
ATOM   228  C  "C3'"  . DA  A 1 8  ? 5.696   -4.935  10.558  1.00 122.21 ? 14  DA  B "C3'"  1 
ATOM   229  O  "O3'"  . DA  A 1 8  ? 6.913   -5.651  10.415  1.00 121.85 ? 14  DA  B "O3'"  1 
ATOM   230  C  "C2'"  . DA  A 1 8  ? 4.558   -5.538  9.736   1.00 108.51 ? 14  DA  B "C2'"  1 
ATOM   231  C  "C1'"  . DA  A 1 8  ? 3.906   -6.510  10.709  1.00 105.11 ? 14  DA  B "C1'"  1 
ATOM   232  N  N9     . DA  A 1 8  ? 2.473   -6.706  10.485  1.00 102.38 ? 14  DA  B N9     1 
ATOM   233  C  C8     . DA  A 1 8  ? 1.448   -5.951  10.990  1.00 92.87  ? 14  DA  B C8     1 
ATOM   234  N  N7     . DA  A 1 8  ? 0.256   -6.364  10.627  1.00 84.27  ? 14  DA  B N7     1 
ATOM   235  C  C5     . DA  A 1 8  ? 0.513   -7.466  9.828   1.00 82.63  ? 14  DA  B C5     1 
ATOM   236  C  C6     . DA  A 1 8  ? -0.335  -8.349  9.131   1.00 90.20  ? 14  DA  B C6     1 
ATOM   237  N  N6     . DA  A 1 8  ? -1.669  -8.247  9.138   1.00 99.48  ? 14  DA  B N6     1 
ATOM   238  N  N1     . DA  A 1 8  ? 0.242   -9.345  8.425   1.00 85.32  ? 14  DA  B N1     1 
ATOM   239  C  C2     . DA  A 1 8  ? 1.578   -9.440  8.421   1.00 94.68  ? 14  DA  B C2     1 
ATOM   240  N  N3     . DA  A 1 8  ? 2.476   -8.673  9.038   1.00 83.85  ? 14  DA  B N3     1 
ATOM   241  C  C4     . DA  A 1 8  ? 1.873   -7.693  9.730   1.00 86.89  ? 14  DA  B C4     1 
ATOM   242  H  "H5'"  . DA  A 1 8  ? 5.493   -3.165  12.825  1.00 131.38 ? 14  DA  B "H5'"  1 
ATOM   243  H  "H5''" . DA  A 1 8  ? 4.207   -3.222  11.905  1.00 131.38 ? 14  DA  B "H5''" 1 
ATOM   244  H  "H4'"  . DA  A 1 8  ? 5.906   -5.365  12.554  1.00 142.27 ? 14  DA  B "H4'"  1 
ATOM   245  H  "H3'"  . DA  A 1 8  ? 5.827   -4.008  10.307  1.00 146.57 ? 14  DA  B "H3'"  1 
ATOM   246  H  "H2'"  . DA  A 1 8  ? 3.930   -4.851  9.466   1.00 130.12 ? 14  DA  B "H2'"  1 
ATOM   247  H  "H2''" . DA  A 1 8  ? 4.908   -6.010  8.964   1.00 130.12 ? 14  DA  B "H2''" 1 
ATOM   248  H  "H1'"  . DA  A 1 8  ? 4.359   -7.366  10.657  1.00 126.04 ? 14  DA  B "H1'"  1 
ATOM   249  H  H8     . DA  A 1 8  ? 1.584   -5.213  11.540  1.00 111.35 ? 14  DA  B H8     1 
ATOM   250  H  H61    . DA  A 1 8  ? -2.146  -8.812  8.697   1.00 119.28 ? 14  DA  B H61    1 
ATOM   251  H  H62    . DA  A 1 8  ? -2.050  -7.618  9.583   1.00 119.28 ? 14  DA  B H62    1 
ATOM   252  H  H2     . DA  A 1 8  ? 1.927   -10.146 7.925   1.00 113.53 ? 14  DA  B H2     1 
ATOM   253  P  P      . DG  A 1 9  ? 7.782   -5.501  9.074   1.00 145.79 ? 15  DG  B P      1 
ATOM   254  O  OP1    . DG  A 1 9  ? 9.190   -5.817  9.403   1.00 143.35 ? 15  DG  B OP1    1 
ATOM   255  O  OP2    . DG  A 1 9  ? 7.451   -4.190  8.471   1.00 121.93 ? 15  DG  B OP2    1 
ATOM   256  O  "O5'"  . DG  A 1 9  ? 7.200   -6.645  8.124   1.00 111.25 ? 15  DG  B "O5'"  1 
ATOM   257  C  "C5'"  . DG  A 1 9  ? 6.905   -6.355  6.775   1.00 120.24 ? 15  DG  B "C5'"  1 
ATOM   258  C  "C4'"  . DG  A 1 9  ? 6.072   -7.455  6.153   1.00 120.40 ? 15  DG  B "C4'"  1 
ATOM   259  O  "O4'"  . DG  A 1 9  ? 4.809   -7.528  6.850   1.00 118.51 ? 15  DG  B "O4'"  1 
ATOM   260  C  "C3'"  . DG  A 1 9  ? 5.748   -7.235  4.683   1.00 129.32 ? 15  DG  B "C3'"  1 
ATOM   261  O  "O3'"  . DG  A 1 9  ? 6.526   -8.106  3.868   1.00 115.15 ? 15  DG  B "O3'"  1 
ATOM   262  C  "C2'"  . DG  A 1 9  ? 4.249   -7.513  4.544   1.00 118.10 ? 15  DG  B "C2'"  1 
ATOM   263  C  "C1'"  . DG  A 1 9  ? 3.754   -7.801  5.954   1.00 116.77 ? 15  DG  B "C1'"  1 
ATOM   264  N  N9     . DG  A 1 9  ? 2.600   -6.997  6.358   1.00 112.98 ? 15  DG  B N9     1 
ATOM   265  C  C8     . DG  A 1 9  ? 2.624   -5.834  7.090   1.00 102.18 ? 15  DG  B C8     1 
ATOM   266  N  N7     . DG  A 1 9  ? 1.440   -5.339  7.323   1.00 82.16  ? 15  DG  B N7     1 
ATOM   267  C  C5     . DG  A 1 9  ? 0.571   -6.235  6.709   1.00 89.85  ? 15  DG  B C5     1 
ATOM   268  C  C6     . DG  A 1 9  ? -0.844  -6.221  6.628   1.00 77.33  ? 15  DG  B C6     1 
ATOM   269  O  O6     . DG  A 1 9  ? -1.632  -5.389  7.099   1.00 86.58  ? 15  DG  B O6     1 
ATOM   270  N  N1     . DG  A 1 9  ? -1.329  -7.315  5.917   1.00 73.35  ? 15  DG  B N1     1 
ATOM   271  C  C2     . DG  A 1 9  ? -0.546  -8.295  5.353   1.00 97.43  ? 15  DG  B C2     1 
ATOM   272  N  N2     . DG  A 1 9  ? -1.194  -9.272  4.701   1.00 93.60  ? 15  DG  B N2     1 
ATOM   273  N  N3     . DG  A 1 9  ? 0.781   -8.320  5.420   1.00 95.75  ? 15  DG  B N3     1 
ATOM   274  C  C4     . DG  A 1 9  ? 1.269   -7.262  6.110   1.00 98.19  ? 15  DG  B C4     1 
ATOM   275  H  "H5'"  . DG  A 1 9  ? 7.735   -6.265  6.280   1.00 144.20 ? 15  DG  B "H5'"  1 
ATOM   276  H  "H5''" . DG  A 1 9  ? 6.415   -5.519  6.728   1.00 144.20 ? 15  DG  B "H5''" 1 
ATOM   277  H  "H4'"  . DG  A 1 9  ? 6.538   -8.300  6.254   1.00 144.40 ? 15  DG  B "H4'"  1 
ATOM   278  H  "H3'"  . DG  A 1 9  ? 5.932   -6.314  4.443   1.00 155.10 ? 15  DG  B "H3'"  1 
ATOM   279  H  "H2'"  . DG  A 1 9  ? 3.797   -6.734  4.183   1.00 141.64 ? 15  DG  B "H2'"  1 
ATOM   280  H  "H2''" . DG  A 1 9  ? 4.103   -8.283  3.972   1.00 141.64 ? 15  DG  B "H2''" 1 
ATOM   281  H  "H1'"  . DG  A 1 9  ? 3.522   -8.741  6.019   1.00 140.04 ? 15  DG  B "H1'"  1 
ATOM   282  H  H8     . DG  A 1 9  ? 3.411   -5.437  7.391   1.00 122.53 ? 15  DG  B H8     1 
ATOM   283  H  H1     . DG  A 1 9  ? -2.181  -7.380  5.818   1.00 87.93  ? 15  DG  B H1     1 
ATOM   284  H  H21    . DG  A 1 9  ? -0.752  -9.908  4.330   1.00 112.23 ? 15  DG  B H21    1 
ATOM   285  H  H22    . DG  A 1 9  ? -2.053  -9.261  4.654   1.00 112.23 ? 15  DG  B H22    1 
ATOM   286  P  P      . DA  A 1 10 ? 6.610   -7.856  2.283   1.00 156.03 ? 16  DA  B P      1 
ATOM   287  O  OP1    . DA  A 1 10 ? 7.862   -8.469  1.784   1.00 152.09 ? 16  DA  B OP1    1 
ATOM   288  O  OP2    . DA  A 1 10 ? 6.353   -6.415  2.060   1.00 131.68 ? 16  DA  B OP2    1 
ATOM   289  O  "O5'"  . DA  A 1 10 ? 5.362   -8.667  1.695   1.00 120.38 ? 16  DA  B "O5'"  1 
ATOM   290  C  "C5'"  . DA  A 1 10 ? 5.407   -10.086 1.619   1.00 110.00 ? 16  DA  B "C5'"  1 
ATOM   291  C  "C4'"  . DA  A 1 10 ? 4.263   -10.617 0.778   1.00 118.17 ? 16  DA  B "C4'"  1 
ATOM   292  O  "O4'"  . DA  A 1 10 ? 2.992   -10.254 1.393   1.00 117.41 ? 16  DA  B "O4'"  1 
ATOM   293  C  "C3'"  . DA  A 1 10 ? 4.192   -10.059 -0.635  1.00 108.83 ? 16  DA  B "C3'"  1 
ATOM   294  O  "O3'"  . DA  A 1 10 ? 3.642   -11.031 -1.516  1.00 118.41 ? 16  DA  B "O3'"  1 
ATOM   295  C  "C2'"  . DA  A 1 10 ? 3.287   -8.852  -0.453  1.00 107.85 ? 16  DA  B "C2'"  1 
ATOM   296  C  "C1'"  . DA  A 1 10 ? 2.261   -9.405  0.520   1.00 105.37 ? 16  DA  B "C1'"  1 
ATOM   297  N  N9     . DA  A 1 10 ? 1.570   -8.399  1.323   1.00 101.49 ? 16  DA  B N9     1 
ATOM   298  C  C8     . DA  A 1 10 ? 2.130   -7.564  2.244   1.00 118.49 ? 16  DA  B C8     1 
ATOM   299  N  N7     . DA  A 1 10 ? 1.270   -6.773  2.841   1.00 110.91 ? 16  DA  B N7     1 
ATOM   300  C  C5     . DA  A 1 10 ? 0.056   -7.115  2.277   1.00 99.55  ? 16  DA  B C5     1 
ATOM   301  C  C6     . DA  A 1 10 ? -1.252  -6.635  2.485   1.00 86.71  ? 16  DA  B C6     1 
ATOM   302  N  N6     . DA  A 1 10 ? -1.544  -5.664  3.358   1.00 85.34  ? 16  DA  B N6     1 
ATOM   303  N  N1     . DA  A 1 10 ? -2.247  -7.191  1.762   1.00 74.96  ? 16  DA  B N1     1 
ATOM   304  C  C2     . DA  A 1 10 ? -1.943  -8.161  0.888   1.00 92.15  ? 16  DA  B C2     1 
ATOM   305  N  N3     . DA  A 1 10 ? -0.752  -8.695  0.604   1.00 115.85 ? 16  DA  B N3     1 
ATOM   306  C  C4     . DA  A 1 10 ? 0.215   -8.121  1.341   1.00 105.89 ? 16  DA  B C4     1 
ATOM   307  H  "H5'"  . DA  A 1 10 ? 5.344   -10.455 2.514   1.00 131.91 ? 16  DA  B "H5'"  1 
ATOM   308  H  "H5''" . DA  A 1 10 ? 6.250   -10.358 1.221   1.00 131.91 ? 16  DA  B "H5''" 1 
ATOM   309  H  "H4'"  . DA  A 1 10 ? 4.328   -11.584 0.733   1.00 141.72 ? 16  DA  B "H4'"  1 
ATOM   310  H  "H3'"  . DA  A 1 10 ? 5.073   -9.782  -0.936  1.00 130.51 ? 16  DA  B "H3'"  1 
ATOM   311  H  "H2'"  . DA  A 1 10 ? 3.771   -8.108  -0.062  1.00 129.34 ? 16  DA  B "H2'"  1 
ATOM   312  H  "H2''" . DA  A 1 10 ? 2.869   -8.599  -1.291  1.00 129.34 ? 16  DA  B "H2''" 1 
ATOM   313  H  "H1'"  . DA  A 1 10 ? 1.608   -9.932  0.033   1.00 126.36 ? 16  DA  B "H1'"  1 
ATOM   314  H  H8     . DA  A 1 10 ? 3.040   -7.555  2.431   1.00 142.10 ? 16  DA  B H8     1 
ATOM   315  H  H61    . DA  A 1 10 ? -2.358  -5.402  3.453   1.00 102.32 ? 16  DA  B H61    1 
ATOM   316  H  H62    . DA  A 1 10 ? -0.919  -5.302  3.825   1.00 102.32 ? 16  DA  B H62    1 
ATOM   317  H  H2     . DA  A 1 10 ? -2.662  -8.510  0.412   1.00 110.49 ? 16  DA  B H2     1 
ATOM   318  P  P      . DG  A 1 11 ? 3.524   -10.741 -3.091  1.00 148.21 ? 17  DG  B P      1 
ATOM   319  O  OP1    . DG  A 1 11 ? 4.114   -11.902 -3.796  1.00 123.94 ? 17  DG  B OP1    1 
ATOM   320  O  OP2    . DG  A 1 11 ? 4.040   -9.376  -3.340  1.00 125.60 ? 17  DG  B OP2    1 
ATOM   321  O  "O5'"  . DG  A 1 11 ? 1.948   -10.741 -3.364  1.00 118.72 ? 17  DG  B "O5'"  1 
ATOM   322  C  "C5'"  . DG  A 1 11 ? 1.151   -9.636  -2.960  1.00 114.82 ? 17  DG  B "C5'"  1 
ATOM   323  C  "C4'"  . DG  A 1 11 ? -0.071  -9.511  -3.842  1.00 118.81 ? 17  DG  B "C4'"  1 
ATOM   324  O  "O4'"  . DG  A 1 11 ? -1.094  -8.750  -3.159  1.00 127.73 ? 17  DG  B "O4'"  1 
ATOM   325  C  "C3'"  . DG  A 1 11 ? 0.172   -8.797  -5.161  1.00 117.10 ? 17  DG  B "C3'"  1 
ATOM   326  O  "O3'"  . DG  A 1 11 ? -0.579  -9.423  -6.206  1.00 128.36 ? 17  DG  B "O3'"  1 
ATOM   327  C  "C2'"  . DG  A 1 11 ? -0.250  -7.343  -4.885  1.00 86.58  ? 17  DG  B "C2'"  1 
ATOM   328  C  "C1'"  . DG  A 1 11 ? -1.102  -7.412  -3.612  1.00 97.99  ? 17  DG  B "C1'"  1 
ATOM   329  N  N9     . DG  A 1 11 ? -0.617  -6.558  -2.524  1.00 88.61  ? 17  DG  B N9     1 
ATOM   330  C  C8     . DG  A 1 11 ? 0.685   -6.403  -2.110  1.00 101.06 ? 17  DG  B C8     1 
ATOM   331  N  N7     . DG  A 1 11 ? 0.817   -5.578  -1.104  1.00 100.08 ? 17  DG  B N7     1 
ATOM   332  C  C5     . DG  A 1 11 ? -0.481  -5.163  -0.830  1.00 83.71  ? 17  DG  B C5     1 
ATOM   333  C  C6     . DG  A 1 11 ? -0.965  -4.268  0.160   1.00 92.97  ? 17  DG  B C6     1 
ATOM   334  O  O6     . DG  A 1 11 ? -0.321  -3.643  1.018   1.00 101.62 ? 17  DG  B O6     1 
ATOM   335  N  N1     . DG  A 1 11 ? -2.350  -4.128  0.094   1.00 72.85  ? 17  DG  B N1     1 
ATOM   336  C  C2     . DG  A 1 11 ? -3.161  -4.770  -0.812  1.00 75.62  ? 17  DG  B C2     1 
ATOM   337  N  N2     . DG  A 1 11 ? -4.471  -4.510  -0.724  1.00 69.65  ? 17  DG  B N2     1 
ATOM   338  N  N3     . DG  A 1 11 ? -2.721  -5.610  -1.744  1.00 71.31  ? 17  DG  B N3     1 
ATOM   339  C  C4     . DG  A 1 11 ? -1.375  -5.759  -1.693  1.00 74.68  ? 17  DG  B C4     1 
ATOM   340  H  "H5'"  . DG  A 1 11 ? 1.675   -8.823  -3.021  1.00 137.70 ? 17  DG  B "H5'"  1 
ATOM   341  H  "H5''" . DG  A 1 11 ? 0.868   -9.765  -2.040  1.00 137.70 ? 17  DG  B "H5''" 1 
ATOM   342  H  "H4'"  . DG  A 1 11 ? -0.414  -10.400 -4.028  1.00 142.48 ? 17  DG  B "H4'"  1 
ATOM   343  H  "H3'"  . DG  A 1 11 ? 1.117   -8.826  -5.376  1.00 140.43 ? 17  DG  B "H3'"  1 
ATOM   344  H  "H2'"  . DG  A 1 11 ? 0.532   -6.787  -4.738  1.00 103.81 ? 17  DG  B "H2'"  1 
ATOM   345  H  "H2''" . DG  A 1 11 ? -0.775  -6.998  -5.624  1.00 103.81 ? 17  DG  B "H2''" 1 
ATOM   346  H  "H1'"  . DG  A 1 11 ? -2.013  -7.158  -3.829  1.00 117.50 ? 17  DG  B "H1'"  1 
ATOM   347  H  H8     . DG  A 1 11 ? 1.403   -6.838  -2.509  1.00 121.18 ? 17  DG  B H8     1 
ATOM   348  H  H1     . DG  A 1 11 ? -2.724  -3.600  0.660   1.00 87.33  ? 17  DG  B H1     1 
ATOM   349  H  H21    . DG  A 1 11 ? -5.023  -4.886  -1.267  1.00 83.49  ? 17  DG  B H21    1 
ATOM   350  H  H22    . DG  A 1 11 ? -4.762  -3.968  -0.123  1.00 83.49  ? 17  DG  B H22    1 
ATOM   351  P  P      . DA  A 1 12 ? -0.831  -8.675  -7.604  1.00 122.28 ? 18  DA  B P      1 
ATOM   352  O  OP1    . DA  A 1 12 ? -1.023  -9.705  -8.649  1.00 102.37 ? 18  DA  B OP1    1 
ATOM   353  O  OP2    . DA  A 1 12 ? 0.221   -7.646  -7.769  1.00 84.37  ? 18  DA  B OP2    1 
ATOM   354  O  "O5'"  . DA  A 1 12 ? -2.219  -7.928  -7.361  1.00 105.90 ? 18  DA  B "O5'"  1 
ATOM   355  C  "C5'"  . DA  A 1 12 ? -2.722  -7.041  -8.328  1.00 105.36 ? 18  DA  B "C5'"  1 
ATOM   356  C  "C4'"  . DA  A 1 12 ? -4.105  -6.558  -7.940  1.00 97.33  ? 18  DA  B "C4'"  1 
ATOM   357  O  "O4'"  . DA  A 1 12 ? -4.124  -6.241  -6.523  1.00 80.07  ? 18  DA  B "O4'"  1 
ATOM   358  C  "C3'"  . DA  A 1 12 ? -4.562  -5.310  -8.680  1.00 83.24  ? 18  DA  B "C3'"  1 
ATOM   359  O  "O3'"  . DA  A 1 12 ? -5.893  -5.451  -9.132  1.00 83.84  ? 18  DA  B "O3'"  1 
ATOM   360  C  "C2'"  . DA  A 1 12 ? -4.410  -4.178  -7.670  1.00 95.05  ? 18  DA  B "C2'"  1 
ATOM   361  C  "C1'"  . DA  A 1 12 ? -4.387  -4.868  -6.310  1.00 83.72  ? 18  DA  B "C1'"  1 
ATOM   362  N  N9     . DA  A 1 12 ? -3.353  -4.332  -5.433  1.00 72.04  ? 18  DA  B N9     1 
ATOM   363  C  C8     . DA  A 1 12 ? -2.015  -4.589  -5.501  1.00 74.80  ? 18  DA  B C8     1 
ATOM   364  N  N7     . DA  A 1 12 ? -1.308  -3.960  -4.595  1.00 72.31  ? 18  DA  B N7     1 
ATOM   365  C  C5     . DA  A 1 12 ? -2.248  -3.235  -3.886  1.00 67.12  ? 18  DA  B C5     1 
ATOM   366  C  C6     . DA  A 1 12 ? -2.136  -2.359  -2.791  1.00 63.94  ? 18  DA  B C6     1 
ATOM   367  N  N6     . DA  A 1 12 ? -0.972  -2.063  -2.206  1.00 65.26  ? 18  DA  B N6     1 
ATOM   368  N  N1     . DA  A 1 12 ? -3.268  -1.795  -2.324  1.00 68.04  ? 18  DA  B N1     1 
ATOM   369  C  C2     . DA  A 1 12 ? -4.431  -2.098  -2.917  1.00 71.58  ? 18  DA  B C2     1 
ATOM   370  N  N3     . DA  A 1 12 ? -4.659  -2.906  -3.951  1.00 69.54  ? 18  DA  B N3     1 
ATOM   371  C  C4     . DA  A 1 12 ? -3.516  -3.449  -4.392  1.00 69.16  ? 18  DA  B C4     1 
ATOM   372  H  "H5'"  . DA  A 1 12 ? -2.771  -7.495  -9.183  1.00 126.35 ? 18  DA  B "H5'"  1 
ATOM   373  H  "H5''" . DA  A 1 12 ? -2.127  -6.279  -8.403  1.00 126.35 ? 18  DA  B "H5''" 1 
ATOM   374  H  "H4'"  . DA  A 1 12 ? -4.741  -7.271  -8.108  1.00 116.71 ? 18  DA  B "H4'"  1 
ATOM   375  H  "H3'"  . DA  A 1 12 ? -3.978  -5.150  -9.438  1.00 99.80  ? 18  DA  B "H3'"  1 
ATOM   376  H  "H2'"  . DA  A 1 12 ? -3.579  -3.701  -7.820  1.00 113.97 ? 18  DA  B "H2'"  1 
ATOM   377  H  "H2''" . DA  A 1 12 ? -5.165  -3.570  -7.727  1.00 113.97 ? 18  DA  B "H2''" 1 
ATOM   378  H  "H1'"  . DA  A 1 12 ? -5.252  -4.768  -5.884  1.00 100.37 ? 18  DA  B "H1'"  1 
ATOM   379  H  H8     . DA  A 1 12 ? -1.640  -5.164  -6.128  1.00 89.67  ? 18  DA  B H8     1 
ATOM   380  H  H61    . DA  A 1 12 ? -0.951  -1.520  -1.540  1.00 78.22  ? 18  DA  B H61    1 
ATOM   381  H  H62    . DA  A 1 12 ? -0.243  -2.417  -2.495  1.00 78.22  ? 18  DA  B H62    1 
ATOM   382  H  H2     . DA  A 1 12 ? -5.181  -1.684  -2.559  1.00 85.80  ? 18  DA  B H2     1 
ATOM   383  P  P      . DC  A 1 13 ? -6.451  -4.454  -10.257 1.00 116.99 ? 19  DC  B P      1 
ATOM   384  O  OP1    . DC  A 1 13 ? -7.761  -4.970  -10.713 1.00 122.26 ? 19  DC  B OP1    1 
ATOM   385  O  OP2    . DC  A 1 13 ? -5.361  -4.235  -11.235 1.00 117.59 ? 19  DC  B OP2    1 
ATOM   386  O  "O5'"  . DC  A 1 13 ? -6.676  -3.085  -9.465  1.00 102.79 ? 19  DC  B "O5'"  1 
ATOM   387  C  "C5'"  . DC  A 1 13 ? -7.628  -3.030  -8.414  1.00 102.78 ? 19  DC  B "C5'"  1 
ATOM   388  C  "C4'"  . DC  A 1 13 ? -7.513  -1.732  -7.633  1.00 98.71  ? 19  DC  B "C4'"  1 
ATOM   389  O  "O4'"  . DC  A 1 13 ? -6.376  -1.773  -6.752  1.00 81.63  ? 19  DC  B "O4'"  1 
ATOM   390  C  "C3'"  . DC  A 1 13 ? -7.278  -0.487  -8.475  1.00 90.20  ? 19  DC  B "C3'"  1 
ATOM   391  O  "O3'"  . DC  A 1 13 ? -8.504  0.095   -8.875  1.00 83.32  ? 19  DC  B "O3'"  1 
ATOM   392  C  "C2'"  . DC  A 1 13 ? -6.478  0.437   -7.545  1.00 84.69  ? 19  DC  B "C2'"  1 
ATOM   393  C  "C1'"  . DC  A 1 13 ? -6.111  -0.449  -6.353  1.00 79.88  ? 19  DC  B "C1'"  1 
ATOM   394  N  N1     . DC  A 1 13 ? -4.688  -0.332  -5.939  1.00 63.89  ? 19  DC  B N1     1 
ATOM   395  C  C2     . DC  A 1 13 ? -4.345  0.536   -4.894  1.00 72.36  ? 19  DC  B C2     1 
ATOM   396  O  O2     . DC  A 1 13 ? -5.234  1.185   -4.328  1.00 73.43  ? 19  DC  B O2     1 
ATOM   397  N  N3     . DC  A 1 13 ? -3.047  0.640   -4.527  1.00 58.67  ? 19  DC  B N3     1 
ATOM   398  C  C4     . DC  A 1 13 ? -2.119  -0.075  -5.160  1.00 59.26  ? 19  DC  B C4     1 
ATOM   399  N  N4     . DC  A 1 13 ? -0.855  0.057   -4.757  1.00 65.20  ? 19  DC  B N4     1 
ATOM   400  C  C5     . DC  A 1 13 ? -2.447  -0.960  -6.228  1.00 63.99  ? 19  DC  B C5     1 
ATOM   401  C  C6     . DC  A 1 13 ? -3.732  -1.054  -6.583  1.00 64.12  ? 19  DC  B C6     1 
ATOM   402  H  "H5'"  . DC  A 1 13 ? -7.480  -3.776  -7.811  1.00 123.25 ? 19  DC  B "H5'"  1 
ATOM   403  H  "H5''" . DC  A 1 13 ? -8.519  -3.097  -8.789  1.00 123.25 ? 19  DC  B "H5''" 1 
ATOM   404  H  "H4'"  . DC  A 1 13 ? -8.317  -1.608  -7.106  1.00 118.37 ? 19  DC  B "H4'"  1 
ATOM   405  H  "H3'"  . DC  A 1 13 ? -6.747  -0.710  -9.254  1.00 108.15 ? 19  DC  B "H3'"  1 
ATOM   406  H  "H2'"  . DC  A 1 13 ? -5.677  0.756   -7.990  1.00 101.54 ? 19  DC  B "H2'"  1 
ATOM   407  H  "H2''" . DC  A 1 13 ? -7.026  1.184   -7.256  1.00 101.54 ? 19  DC  B "H2''" 1 
ATOM   408  H  "H1'"  . DC  A 1 13 ? -6.681  -0.223  -5.602  1.00 95.76  ? 19  DC  B "H1'"  1 
ATOM   409  H  H41    . DC  A 1 13 ? -0.231  -0.391  -5.145  1.00 78.15  ? 19  DC  B H41    1 
ATOM   410  H  H42    . DC  A 1 13 ? -0.663  0.589   -4.109  1.00 78.15  ? 19  DC  B H42    1 
ATOM   411  H  H5     . DC  A 1 13 ? -1.790  -1.456  -6.663  1.00 76.70  ? 19  DC  B H5     1 
ATOM   412  H  H6     . DC  A 1 13 ? -3.976  -1.624  -7.276  1.00 76.86  ? 19  DC  B H6     1 
ATOM   413  P  P      . DG  A 1 14 ? -8.491  1.397   -9.811  1.00 100.30 ? 20  DG  B P      1 
ATOM   414  O  OP1    . DG  A 1 14 ? -9.859  1.570   -10.348 1.00 88.72  ? 20  DG  B OP1    1 
ATOM   415  O  OP2    . DG  A 1 14 ? -7.347  1.248   -10.740 1.00 113.48 ? 20  DG  B OP2    1 
ATOM   416  O  "O5'"  . DG  A 1 14 ? -8.156  2.599   -8.803  1.00 74.40  ? 20  DG  B "O5'"  1 
ATOM   417  C  "C5'"  . DG  A 1 14 ? -9.113  2.982   -7.818  1.00 90.26  ? 20  DG  B "C5'"  1 
ATOM   418  C  "C4'"  . DG  A 1 14 ? -8.476  3.822   -6.724  1.00 81.95  ? 20  DG  B "C4'"  1 
ATOM   419  O  "O4'"  . DG  A 1 14 ? -7.177  3.291   -6.401  1.00 84.62  ? 20  DG  B "O4'"  1 
ATOM   420  C  "C3'"  . DG  A 1 14 ? -8.237  5.287   -7.092  1.00 85.44  ? 20  DG  B "C3'"  1 
ATOM   421  O  "O3'"  . DG  A 1 14 ? -9.230  6.115   -6.499  1.00 105.92 ? 20  DG  B "O3'"  1 
ATOM   422  C  "C2'"  . DG  A 1 14 ? -6.829  5.602   -6.563  1.00 86.89  ? 20  DG  B "C2'"  1 
ATOM   423  C  "C1'"  . DG  A 1 14 ? -6.388  4.324   -5.870  1.00 73.52  ? 20  DG  B "C1'"  1 
ATOM   424  N  N9     . DG  A 1 14 ? -4.985  4.001   -6.084  1.00 64.89  ? 20  DG  B N9     1 
ATOM   425  C  C8     . DG  A 1 14 ? -4.457  3.188   -7.058  1.00 58.07  ? 20  DG  B C8     1 
ATOM   426  N  N7     . DG  A 1 14 ? -3.159  3.085   -7.000  1.00 54.41  ? 20  DG  B N7     1 
ATOM   427  C  C5     . DG  A 1 14 ? -2.806  3.889   -5.920  1.00 60.67  ? 20  DG  B C5     1 
ATOM   428  C  C6     . DG  A 1 14 ? -1.534  4.170   -5.371  1.00 64.09  ? 20  DG  B C6     1 
ATOM   429  O  O6     . DG  A 1 14 ? -0.428  3.752   -5.745  1.00 62.65  ? 20  DG  B O6     1 
ATOM   430  N  N1     . DG  A 1 14 ? -1.624  5.029   -4.276  1.00 63.05  ? 20  DG  B N1     1 
ATOM   431  C  C2     . DG  A 1 14 ? -2.798  5.548   -3.780  1.00 69.51  ? 20  DG  B C2     1 
ATOM   432  N  N2     . DG  A 1 14 ? -2.692  6.358   -2.715  1.00 78.76  ? 20  DG  B N2     1 
ATOM   433  N  N3     . DG  A 1 14 ? -3.993  5.290   -4.288  1.00 58.73  ? 20  DG  B N3     1 
ATOM   434  C  C4     . DG  A 1 14 ? -3.921  4.456   -5.349  1.00 56.02  ? 20  DG  B C4     1 
ATOM   435  H  "H5'"  . DG  A 1 14 ? -9.497  2.184   -7.422  1.00 108.23 ? 20  DG  B "H5'"  1 
ATOM   436  H  "H5''" . DG  A 1 14 ? -9.818  3.495   -8.243  1.00 108.23 ? 20  DG  B "H5''" 1 
ATOM   437  H  "H4'"  . DG  A 1 14 ? -9.036  3.785   -5.934  1.00 98.25  ? 20  DG  B "H4'"  1 
ATOM   438  H  "H3'"  . DG  A 1 14 ? -8.256  5.390   -8.056  1.00 102.44 ? 20  DG  B "H3'"  1 
ATOM   439  H  "H2'"  . DG  A 1 14 ? -6.231  5.813   -7.297  1.00 104.18 ? 20  DG  B "H2'"  1 
ATOM   440  H  "H2''" . DG  A 1 14 ? -6.862  6.336   -5.930  1.00 104.18 ? 20  DG  B "H2''" 1 
ATOM   441  H  "H1'"  . DG  A 1 14 ? -6.558  4.400   -4.918  1.00 88.14  ? 20  DG  B "H1'"  1 
ATOM   442  H  H8     . DG  A 1 14 ? -4.975  2.752   -7.694  1.00 69.60  ? 20  DG  B H8     1 
ATOM   443  H  H1     . DG  A 1 14 ? -0.892  5.251   -3.883  1.00 75.57  ? 20  DG  B H1     1 
ATOM   444  H  H21    . DG  A 1 14 ? -3.397  6.705   -2.367  1.00 94.43  ? 20  DG  B H21    1 
ATOM   445  H  H22    . DG  A 1 14 ? -1.919  6.530   -2.381  1.00 94.43  ? 20  DG  B H22    1 
ATOM   446  P  P      . DT  A 1 15 ? -9.311  7.677   -6.867  1.00 118.75 ? 21  DT  B P      1 
ATOM   447  O  OP1    . DT  A 1 15 ? -9.679  8.408   -5.634  1.00 91.62  ? 21  DT  B OP1    1 
ATOM   448  O  OP2    . DT  A 1 15 ? -10.131 7.820   -8.092  1.00 110.35 ? 21  DT  B OP2    1 
ATOM   449  O  "O5'"  . DT  A 1 15 ? -7.811  8.064   -7.249  1.00 76.29  ? 21  DT  B "O5'"  1 
ATOM   450  C  "C5'"  . DT  A 1 15 ? -7.382  9.397   -7.124  1.00 85.45  ? 21  DT  B "C5'"  1 
ATOM   451  C  "C4'"  . DT  A 1 15 ? -6.581  9.596   -5.850  1.00 91.55  ? 21  DT  B "C4'"  1 
ATOM   452  O  "O4'"  . DT  A 1 15 ? -5.555  8.574   -5.762  1.00 81.88  ? 21  DT  B "O4'"  1 
ATOM   453  C  "C3'"  . DT  A 1 15 ? -5.864  10.945  -5.771  1.00 99.06  ? 21  DT  B "C3'"  1 
ATOM   454  O  "O3'"  . DT  A 1 15 ? -6.329  11.710  -4.675  1.00 83.72  ? 21  DT  B "O3'"  1 
ATOM   455  C  "C2'"  . DT  A 1 15 ? -4.382  10.599  -5.640  1.00 102.16 ? 21  DT  B "C2'"  1 
ATOM   456  C  "C1'"  . DT  A 1 15 ? -4.373  9.133   -5.243  1.00 83.17  ? 21  DT  B "C1'"  1 
ATOM   457  N  N1     . DT  A 1 15 ? -3.214  8.403   -5.802  1.00 65.43  ? 21  DT  B N1     1 
ATOM   458  C  C2     . DT  A 1 15 ? -1.970  8.587   -5.242  1.00 76.08  ? 21  DT  B C2     1 
ATOM   459  O  O2     . DT  A 1 15 ? -1.766  9.321   -4.289  1.00 89.20  ? 21  DT  B O2     1 
ATOM   460  N  N3     . DT  A 1 15 ? -0.962  7.889   -5.850  1.00 70.23  ? 21  DT  B N3     1 
ATOM   461  C  C4     . DT  A 1 15 ? -1.077  7.038   -6.936  1.00 77.99  ? 21  DT  B C4     1 
ATOM   462  O  O4     . DT  A 1 15 ? -0.112  6.446   -7.413  1.00 70.80  ? 21  DT  B O4     1 
ATOM   463  C  C5     . DT  A 1 15 ? -2.411  6.896   -7.472  1.00 62.77  ? 21  DT  B C5     1 
ATOM   464  C  C7     . DT  A 1 15 ? -2.660  6.001   -8.647  1.00 56.16  ? 21  DT  B C7     1 
ATOM   465  C  C6     . DT  A 1 15 ? -3.401  7.583   -6.889  1.00 56.83  ? 21  DT  B C6     1 
ATOM   466  H  "H5'"  . DT  A 1 15 ? -8.157  9.980   -7.106  1.00 102.46 ? 21  DT  B "H5'"  1 
ATOM   467  H  "H5''" . DT  A 1 15 ? -6.829  9.627   -7.886  1.00 102.46 ? 21  DT  B "H5''" 1 
ATOM   468  H  "H4'"  . DT  A 1 15 ? -7.175  9.511   -5.089  1.00 109.78 ? 21  DT  B "H4'"  1 
ATOM   469  H  "H3'"  . DT  A 1 15 ? -6.009  11.437  -6.594  1.00 118.78 ? 21  DT  B "H3'"  1 
ATOM   470  H  "H2'"  . DT  A 1 15 ? -3.929  10.724  -6.487  1.00 122.51 ? 21  DT  B "H2'"  1 
ATOM   471  H  "H2''" . DT  A 1 15 ? -3.969  11.140  -4.949  1.00 122.51 ? 21  DT  B "H2''" 1 
ATOM   472  H  "H1'"  . DT  A 1 15 ? -4.372  9.056   -4.276  1.00 99.72  ? 21  DT  B "H1'"  1 
ATOM   473  H  H3     . DT  A 1 15 ? -0.175  7.986   -5.519  1.00 84.18  ? 21  DT  B H3     1 
ATOM   474  H  H71    . DT  A 1 15 ? -3.290  5.308   -8.396  1.00 67.30  ? 21  DT  B H71    1 
ATOM   475  H  H72    . DT  A 1 15 ? -3.025  6.522   -9.379  1.00 67.30  ? 21  DT  B H72    1 
ATOM   476  H  H73    . DT  A 1 15 ? -1.826  5.593   -8.925  1.00 67.30  ? 21  DT  B H73    1 
ATOM   477  H  H6     . DT  A 1 15 ? -4.262  7.490   -7.230  1.00 68.11  ? 21  DT  B H6     1 
ATOM   478  P  P      . DC  A 1 16 ? -6.087  13.296  -4.665  1.00 105.08 ? 22  DC  B P      1 
ATOM   479  O  OP1    . DC  A 1 16 ? -6.702  13.849  -3.436  1.00 101.27 ? 22  DC  B OP1    1 
ATOM   480  O  OP2    . DC  A 1 16 ? -6.490  13.806  -5.995  1.00 100.51 ? 22  DC  B OP2    1 
ATOM   481  O  "O5'"  . DC  A 1 16 ? -4.497  13.440  -4.566  1.00 89.35  ? 22  DC  B "O5'"  1 
ATOM   482  C  "C5'"  . DC  A 1 16 ? -3.839  13.236  -3.324  1.00 84.28  ? 22  DC  B "C5'"  1 
ATOM   483  C  "C4'"  . DC  A 1 16 ? -2.341  13.436  -3.464  1.00 86.47  ? 22  DC  B "C4'"  1 
ATOM   484  O  "O4'"  . DC  A 1 16 ? -1.764  12.310  -4.153  1.00 83.06  ? 22  DC  B "O4'"  1 
ATOM   485  C  "C3'"  . DC  A 1 16 ? -1.929  14.658  -4.286  1.00 104.99 ? 22  DC  B "C3'"  1 
ATOM   486  O  "O3'"  . DC  A 1 16 ? -1.525  15.724  -3.441  1.00 110.05 ? 22  DC  B "O3'"  1 
ATOM   487  C  "C2'"  . DC  A 1 16 ? -0.776  14.164  -5.173  1.00 93.29  ? 22  DC  B "C2'"  1 
ATOM   488  C  "C1'"  . DC  A 1 16 ? -0.554  12.727  -4.730  1.00 78.33  ? 22  DC  B "C1'"  1 
ATOM   489  N  N1     . DC  A 1 16 ? -0.202  11.793  -5.834  1.00 62.61  ? 22  DC  B N1     1 
ATOM   490  C  C2     . DC  A 1 16 ? 1.139   11.458  -6.058  1.00 70.35  ? 22  DC  B C2     1 
ATOM   491  O  O2     . DC  A 1 16 ? 2.015   11.960  -5.341  1.00 84.18  ? 22  DC  B O2     1 
ATOM   492  N  N3     . DC  A 1 16 ? 1.442   10.593  -7.057  1.00 63.41  ? 22  DC  B N3     1 
ATOM   493  C  C4     . DC  A 1 16 ? 0.470   10.077  -7.807  1.00 71.91  ? 22  DC  B C4     1 
ATOM   494  N  N4     . DC  A 1 16 ? 0.816   9.230   -8.781  1.00 57.77  ? 22  DC  B N4     1 
ATOM   495  C  C5     . DC  A 1 16 ? -0.901  10.406  -7.592  1.00 71.62  ? 22  DC  B C5     1 
ATOM   496  C  C6     . DC  A 1 16 ? -1.186  11.259  -6.603  1.00 62.31  ? 22  DC  B C6     1 
ATOM   497  H  "H5'"  . DC  A 1 16 ? -4.012  12.333  -3.015  1.00 101.05 ? 22  DC  B "H5'"  1 
ATOM   498  H  "H5''" . DC  A 1 16 ? -4.185  13.867  -2.673  1.00 101.05 ? 22  DC  B "H5''" 1 
ATOM   499  H  "H4'"  . DC  A 1 16 ? -1.946  13.501  -2.581  1.00 103.67 ? 22  DC  B "H4'"  1 
ATOM   500  H  "H3'"  . DC  A 1 16 ? -2.671  14.943  -4.843  1.00 125.90 ? 22  DC  B "H3'"  1 
ATOM   501  H  "H2'"  . DC  A 1 16 ? -1.029  14.194  -6.108  1.00 111.86 ? 22  DC  B "H2'"  1 
ATOM   502  H  "H2''" . DC  A 1 16 ? 0.023   14.693  -5.019  1.00 111.86 ? 22  DC  B "H2''" 1 
ATOM   503  H  "H1'"  . DC  A 1 16 ? 0.145   12.704  -4.057  1.00 93.91  ? 22  DC  B "H1'"  1 
ATOM   504  H  H41    . DC  A 1 16 ? 0.210   8.881   -9.282  1.00 69.24  ? 22  DC  B H41    1 
ATOM   505  H  H42    . DC  A 1 16 ? 1.643   9.035   -8.908  1.00 69.24  ? 22  DC  B H42    1 
ATOM   506  H  H5     . DC  A 1 16 ? -1.573  10.038  -8.120  1.00 85.85  ? 22  DC  B H5     1 
ATOM   507  H  H6     . DC  A 1 16 ? -2.072  11.489  -6.437  1.00 74.68  ? 22  DC  B H6     1 
ATOM   508  P  P      . DG  A 1 17 ? -1.112  17.136  -4.087  1.00 123.29 ? 23  DG  B P      1 
ATOM   509  O  OP1    . DG  A 1 17 ? -1.285  18.169  -3.042  1.00 103.01 ? 23  DG  B OP1    1 
ATOM   510  O  OP2    . DG  A 1 17 ? -1.834  17.252  -5.375  1.00 107.80 ? 23  DG  B OP2    1 
ATOM   511  O  "O5'"  . DG  A 1 17 ? 0.449   16.983  -4.417  1.00 95.74  ? 23  DG  B "O5'"  1 
ATOM   512  C  "C5'"  . DG  A 1 17 ? 1.400   16.975  -3.358  1.00 105.43 ? 23  DG  B "C5'"  1 
ATOM   513  C  "C4'"  . DG  A 1 17 ? 2.822   16.975  -3.896  1.00 100.04 ? 23  DG  B "C4'"  1 
ATOM   514  O  "O4'"  . DG  A 1 17 ? 3.015   15.830  -4.770  1.00 105.18 ? 23  DG  B "O4'"  1 
ATOM   515  C  "C3'"  . DG  A 1 17 ? 3.199   18.208  -4.707  1.00 89.76  ? 23  DG  B "C3'"  1 
ATOM   516  O  "O3'"  . DG  A 1 17 ? 4.485   18.673  -4.309  1.00 105.16 ? 23  DG  B "O3'"  1 
ATOM   517  C  "C2'"  . DG  A 1 17 ? 3.153   17.735  -6.164  1.00 92.23  ? 23  DG  B "C2'"  1 
ATOM   518  C  "C1'"  . DG  A 1 17 ? 3.401   16.237  -6.071  1.00 92.98  ? 23  DG  B "C1'"  1 
ATOM   519  N  N9     . DG  A 1 17 ? 2.627   15.446  -7.026  1.00 72.72  ? 23  DG  B N9     1 
ATOM   520  C  C8     . DG  A 1 17 ? 1.264   15.465  -7.187  1.00 79.97  ? 23  DG  B C8     1 
ATOM   521  N  N7     . DG  A 1 17 ? 0.834   14.634  -8.094  1.00 75.71  ? 23  DG  B N7     1 
ATOM   522  C  C5     . DG  A 1 17 ? 1.983   14.015  -8.564  1.00 71.34  ? 23  DG  B C5     1 
ATOM   523  C  C6     . DG  A 1 17 ? 2.137   13.015  -9.554  1.00 72.36  ? 23  DG  B C6     1 
ATOM   524  O  O6     . DG  A 1 17 ? 1.258   12.471  -10.238 1.00 83.66  ? 23  DG  B O6     1 
ATOM   525  N  N1     . DG  A 1 17 ? 3.471   12.662  -9.731  1.00 66.00  ? 23  DG  B N1     1 
ATOM   526  C  C2     . DG  A 1 17 ? 4.525   13.200  -9.033  1.00 78.53  ? 23  DG  B C2     1 
ATOM   527  N  N2     . DG  A 1 17 ? 5.742   12.728  -9.344  1.00 71.31  ? 23  DG  B N2     1 
ATOM   528  N  N3     . DG  A 1 17 ? 4.396   14.139  -8.095  1.00 80.95  ? 23  DG  B N3     1 
ATOM   529  C  C4     . DG  A 1 17 ? 3.099   14.497  -7.914  1.00 70.83  ? 23  DG  B C4     1 
ATOM   530  H  "H5'"  . DG  A 1 17 ? 1.265   16.183  -2.816  1.00 126.43 ? 23  DG  B "H5'"  1 
ATOM   531  H  "H5''" . DG  A 1 17 ? 1.270   17.763  -2.808  1.00 126.43 ? 23  DG  B "H5''" 1 
ATOM   532  H  "H4'"  . DG  A 1 17 ? 3.433   16.898  -3.148  1.00 119.96 ? 23  DG  B "H4'"  1 
ATOM   533  H  "H3'"  . DG  A 1 17 ? 2.540   18.906  -4.568  1.00 107.63 ? 23  DG  B "H3'"  1 
ATOM   534  H  "H2'"  . DG  A 1 17 ? 2.281   17.912  -6.551  1.00 110.59 ? 23  DG  B "H2'"  1 
ATOM   535  H  "H2''" . DG  A 1 17 ? 3.851   18.165  -6.683  1.00 110.59 ? 23  DG  B "H2''" 1 
ATOM   536  H  "H1'"  . DG  A 1 17 ? 4.346   16.058  -6.197  1.00 111.49 ? 23  DG  B "H1'"  1 
ATOM   537  H  H8     . DG  A 1 17 ? 0.702   16.020  -6.697  1.00 95.88  ? 23  DG  B H8     1 
ATOM   538  H  H1     . DG  A 1 17 ? 3.650   12.061  -10.318 1.00 79.11  ? 23  DG  B H1     1 
ATOM   539  H  H21    . DG  A 1 17 ? 6.437   13.031  -8.939  1.00 85.48  ? 23  DG  B H21    1 
ATOM   540  H  H22    . DG  A 1 17 ? 5.827   12.122  -9.948  1.00 85.48  ? 23  DG  B H22    1 
ATOM   541  P  P      . DA  A 1 18 ? 5.208   19.869  -5.099  1.00 113.59 ? 24  DA  B P      1 
ATOM   542  O  OP1    . DA  A 1 18 ? 6.205   20.475  -4.187  1.00 100.08 ? 24  DA  B OP1    1 
ATOM   543  O  OP2    . DA  A 1 18 ? 4.155   20.708  -5.715  1.00 106.58 ? 24  DA  B OP2    1 
ATOM   544  O  "O5'"  . DA  A 1 18 ? 5.981   19.111  -6.269  1.00 106.00 ? 24  DA  B "O5'"  1 
ATOM   545  C  "C5'"  . DA  A 1 18 ? 7.078   19.719  -6.901  1.00 91.35  ? 24  DA  B "C5'"  1 
ATOM   546  C  "C4'"  . DA  A 1 18 ? 7.687   18.777  -7.919  1.00 93.31  ? 24  DA  B "C4'"  1 
ATOM   547  O  "O4'"  . DA  A 1 18 ? 6.728   17.747  -8.234  1.00 92.25  ? 24  DA  B "O4'"  1 
ATOM   548  C  "C3'"  . DA  A 1 18 ? 8.070   19.437  -9.241  1.00 99.11  ? 24  DA  B "C3'"  1 
ATOM   549  O  "O3'"  . DA  A 1 18 ? 9.468   19.407  -9.415  1.00 103.18 ? 24  DA  B "O3'"  1 
ATOM   550  C  "C2'"  . DA  A 1 18 ? 7.332   18.638  -10.324 1.00 95.42  ? 24  DA  B "C2'"  1 
ATOM   551  C  "C1'"  . DA  A 1 18 ? 6.809   17.412  -9.596  1.00 89.91  ? 24  DA  B "C1'"  1 
ATOM   552  N  N9     . DA  A 1 18 ? 5.484   16.986  -10.026 1.00 96.09  ? 24  DA  B N9     1 
ATOM   553  C  C8     . DA  A 1 18 ? 4.285   17.501  -9.617  1.00 101.07 ? 24  DA  B C8     1 
ATOM   554  N  N7     . DA  A 1 18 ? 3.244   16.910  -10.156 1.00 89.03  ? 24  DA  B N7     1 
ATOM   555  C  C5     . DA  A 1 18 ? 3.801   15.937  -10.969 1.00 74.66  ? 24  DA  B C5     1 
ATOM   556  C  C6     . DA  A 1 18 ? 3.228   14.969  -11.813 1.00 73.21  ? 24  DA  B C6     1 
ATOM   557  N  N6     . DA  A 1 18 ? 1.908   14.822  -11.974 1.00 75.62  ? 24  DA  B N6     1 
ATOM   558  N  N1     . DA  A 1 18 ? 4.065   14.149  -12.482 1.00 70.58  ? 24  DA  B N1     1 
ATOM   559  C  C2     . DA  A 1 18 ? 5.385   14.298  -12.314 1.00 74.18  ? 24  DA  B C2     1 
ATOM   560  N  N3     . DA  A 1 18 ? 6.039   15.170  -11.551 1.00 75.93  ? 24  DA  B N3     1 
ATOM   561  C  C4     . DA  A 1 18 ? 5.181   15.968  -10.898 1.00 82.96  ? 24  DA  B C4     1 
ATOM   562  H  "H5'"  . DA  A 1 18 ? 7.747   19.945  -6.235  1.00 109.53 ? 24  DA  B "H5'"  1 
ATOM   563  H  "H5''" . DA  A 1 18 ? 6.784   20.527  -7.349  1.00 109.53 ? 24  DA  B "H5''" 1 
ATOM   564  H  "H4'"  . DA  A 1 18 ? 8.476   18.364  -7.533  1.00 111.89 ? 24  DA  B "H4'"  1 
ATOM   565  H  "H3'"  . DA  A 1 18 ? 7.761   20.356  -9.247  1.00 118.84 ? 24  DA  B "H3'"  1 
ATOM   566  H  "H2'"  . DA  A 1 18 ? 6.596   19.157  -10.685 1.00 114.42 ? 24  DA  B "H2'"  1 
ATOM   567  H  "H2''" . DA  A 1 18 ? 7.944   18.379  -11.030 1.00 114.42 ? 24  DA  B "H2''" 1 
ATOM   568  H  "H1'"  . DA  A 1 18 ? 7.435   16.680  -9.710  1.00 107.80 ? 24  DA  B "H1'"  1 
ATOM   569  H  H8     . DA  A 1 18 ? 4.213   18.207  -9.017  1.00 121.19 ? 24  DA  B H8     1 
ATOM   570  H  H61    . DA  A 1 18 ? 1.605   14.211  -12.498 1.00 90.66  ? 24  DA  B H61    1 
ATOM   571  H  H62    . DA  A 1 18 ? 1.364   15.338  -11.553 1.00 90.66  ? 24  DA  B H62    1 
ATOM   572  H  H2     . DA  A 1 18 ? 5.918   13.710  -12.799 1.00 88.92  ? 24  DA  B H2     1 
ATOM   573  P  P      . DC  A 1 19 ? 10.149  20.388  -10.482 1.00 96.50  ? 25  DC  B P      1 
ATOM   574  O  OP1    . DC  A 1 19 ? 11.613  20.326  -10.277 1.00 110.89 ? 25  DC  B OP1    1 
ATOM   575  O  OP2    . DC  A 1 19 ? 9.443   21.687  -10.390 1.00 118.36 ? 25  DC  B OP2    1 
ATOM   576  O  "O5'"  . DC  A 1 19 ? 9.787   19.720  -11.888 1.00 80.37  ? 25  DC  B "O5'"  1 
ATOM   577  C  "C5'"  . DC  A 1 19 ? 10.340  18.462  -12.223 1.00 85.05  ? 25  DC  B "C5'"  1 
ATOM   578  C  "C4'"  . DC  A 1 19 ? 9.727   17.907  -13.496 1.00 96.07  ? 25  DC  B "C4'"  1 
ATOM   579  O  "O4'"  . DC  A 1 19 ? 8.363   17.499  -13.263 1.00 92.99  ? 25  DC  B "O4'"  1 
ATOM   580  C  "C3'"  . DC  A 1 19 ? 9.644   18.894  -14.661 1.00 110.71 ? 25  DC  B "C3'"  1 
ATOM   581  O  "O3'"  . DC  A 1 19 ? 10.724  18.688  -15.565 1.00 109.22 ? 25  DC  B "O3'"  1 
ATOM   582  C  "C2'"  . DC  A 1 19 ? 8.272   18.606  -15.305 1.00 103.12 ? 25  DC  B "C2'"  1 
ATOM   583  C  "C1'"  . DC  A 1 19 ? 7.750   17.408  -14.521 1.00 88.44  ? 25  DC  B "C1'"  1 
ATOM   584  N  N1     . DC  A 1 19 ? 6.260   17.381  -14.362 1.00 76.00  ? 25  DC  B N1     1 
ATOM   585  C  C2     . DC  A 1 19 ? 5.512   16.399  -15.029 1.00 72.02  ? 25  DC  B C2     1 
ATOM   586  O  O2     . DC  A 1 19 ? 6.100   15.566  -15.727 1.00 81.50  ? 25  DC  B O2     1 
ATOM   587  N  N3     . DC  A 1 19 ? 4.165   16.387  -14.886 1.00 64.07  ? 25  DC  B N3     1 
ATOM   588  C  C4     . DC  A 1 19 ? 3.567   17.302  -14.124 1.00 82.68  ? 25  DC  B C4     1 
ATOM   589  N  N4     . DC  A 1 19 ? 2.237   17.247  -14.015 1.00 82.91  ? 25  DC  B N4     1 
ATOM   590  C  C5     . DC  A 1 19 ? 4.308   18.313  -13.439 1.00 88.83  ? 25  DC  B C5     1 
ATOM   591  C  C6     . DC  A 1 19 ? 5.639   18.317  -13.588 1.00 84.75  ? 25  DC  B C6     1 
ATOM   592  H  "H5'"  . DC  A 1 19 ? 10.176  17.840  -11.496 1.00 101.98 ? 25  DC  B "H5'"  1 
ATOM   593  H  "H5''" . DC  A 1 19 ? 11.297  18.559  -12.348 1.00 101.98 ? 25  DC  B "H5''" 1 
ATOM   594  H  "H4'"  . DC  A 1 19 ? 10.240  17.134  -13.778 1.00 115.19 ? 25  DC  B "H4'"  1 
ATOM   595  H  "H3'"  . DC  A 1 19 ? 9.666   19.803  -14.324 1.00 132.77 ? 25  DC  B "H3'"  1 
ATOM   596  H  "H2'"  . DC  A 1 19 ? 7.680   19.368  -15.198 1.00 123.65 ? 25  DC  B "H2'"  1 
ATOM   597  H  "H2''" . DC  A 1 19 ? 8.375   18.382  -16.243 1.00 123.65 ? 25  DC  B "H2''" 1 
ATOM   598  H  "H1'"  . DC  A 1 19 ? 8.038   16.593  -14.958 1.00 106.04 ? 25  DC  B "H1'"  1 
ATOM   599  H  H41    . DC  A 1 19 ? 1.822   17.824  -13.530 1.00 99.40  ? 25  DC  B H41    1 
ATOM   600  H  H42    . DC  A 1 19 ? 1.797   16.636  -14.428 1.00 99.40  ? 25  DC  B H42    1 
ATOM   601  H  H5     . DC  A 1 19 ? 3.882   18.948  -12.911 1.00 106.51 ? 25  DC  B H5     1 
ATOM   602  H  H6     . DC  A 1 19 ? 6.148   18.965  -13.156 1.00 101.61 ? 25  DC  B H6     1 
ATOM   603  P  P      . DT  A 1 20 ? 10.792  19.505  -16.948 1.00 125.53 ? 26  DT  B P      1 
ATOM   604  O  OP1    . DT  A 1 20 ? 12.206  19.538  -17.383 1.00 130.86 ? 26  DT  B OP1    1 
ATOM   605  O  OP2    . DT  A 1 20 ? 10.045  20.769  -16.761 1.00 117.74 ? 26  DT  B OP2    1 
ATOM   606  O  "O5'"  . DT  A 1 20 ? 9.968   18.588  -17.962 1.00 97.18  ? 26  DT  B "O5'"  1 
ATOM   607  C  "C5'"  . DT  A 1 20 ? 10.179  17.189  -17.965 1.00 98.17  ? 26  DT  B "C5'"  1 
ATOM   608  C  "C4'"  . DT  A 1 20 ? 9.397   16.524  -19.079 1.00 105.49 ? 26  DT  B "C4'"  1 
ATOM   609  O  "O4'"  . DT  A 1 20 ? 8.000   16.413  -18.692 1.00 108.39 ? 26  DT  B "O4'"  1 
ATOM   610  C  "C3'"  . DT  A 1 20 ? 9.410   17.275  -20.414 1.00 113.82 ? 26  DT  B "C3'"  1 
ATOM   611  O  "O3'"  . DT  A 1 20 ? 9.714   16.385  -21.482 1.00 116.74 ? 26  DT  B "O3'"  1 
ATOM   612  C  "C2'"  . DT  A 1 20 ? 7.999   17.852  -20.518 1.00 111.19 ? 26  DT  B "C2'"  1 
ATOM   613  C  "C1'"  . DT  A 1 20 ? 7.184   16.821  -19.765 1.00 105.82 ? 26  DT  B "C1'"  1 
ATOM   614  N  N1     . DT  A 1 20 ? 5.880   17.325  -19.218 1.00 98.92  ? 26  DT  B N1     1 
ATOM   615  C  C2     . DT  A 1 20 ? 4.720   16.652  -19.531 1.00 99.42  ? 26  DT  B C2     1 
ATOM   616  O  O2     . DT  A 1 20 ? 4.692   15.666  -20.247 1.00 114.06 ? 26  DT  B O2     1 
ATOM   617  N  N3     . DT  A 1 20 ? 3.585   17.177  -18.977 1.00 89.87  ? 26  DT  B N3     1 
ATOM   618  C  C4     . DT  A 1 20 ? 3.491   18.282  -18.153 1.00 85.81  ? 26  DT  B C4     1 
ATOM   619  O  O4     . DT  A 1 20 ? 2.419   18.675  -17.704 1.00 79.59  ? 26  DT  B O4     1 
ATOM   620  C  C5     . DT  A 1 20 ? 4.741   18.941  -17.859 1.00 87.74  ? 26  DT  B C5     1 
ATOM   621  C  C7     . DT  A 1 20 ? 4.759   20.153  -16.976 1.00 72.25  ? 26  DT  B C7     1 
ATOM   622  C  C6     . DT  A 1 20 ? 5.865   18.437  -18.396 1.00 86.18  ? 26  DT  B C6     1 
ATOM   623  H  "H5'"  . DT  A 1 20 ? 9.894   16.823  -17.113 1.00 117.71 ? 26  DT  B "H5'"  1 
ATOM   624  H  "H5''" . DT  A 1 20 ? 11.124  17.010  -18.088 1.00 117.71 ? 26  DT  B "H5''" 1 
ATOM   625  H  "H4'"  . DT  A 1 20 ? 9.754   15.632  -19.221 1.00 126.50 ? 26  DT  B "H4'"  1 
ATOM   626  H  "H3'"  . DT  A 1 20 ? 10.061  17.994  -20.383 1.00 136.50 ? 26  DT  B "H3'"  1 
ATOM   627  H  "H2'"  . DT  A 1 20 ? 7.947   18.718  -20.082 1.00 133.34 ? 26  DT  B "H2'"  1 
ATOM   628  H  "H2''" . DT  A 1 20 ? 7.716   17.908  -21.443 1.00 133.34 ? 26  DT  B "H2''" 1 
ATOM   629  H  "H1'"  . DT  A 1 20 ? 7.014   16.062  -20.345 1.00 126.90 ? 26  DT  B "H1'"  1 
ATOM   630  H  H3     . DT  A 1 20 ? 2.849   16.773  -19.160 1.00 107.75 ? 26  DT  B H3     1 
ATOM   631  H  H71    . DT  A 1 20 ? 5.312   19.979  -16.198 1.00 86.61  ? 26  DT  B H71    1 
ATOM   632  H  H72    . DT  A 1 20 ? 5.123   20.907  -17.468 1.00 86.61  ? 26  DT  B H72    1 
ATOM   633  H  H73    . DT  A 1 20 ? 3.856   20.359  -16.691 1.00 86.61  ? 26  DT  B H73    1 
ATOM   634  H  H6     . DT  A 1 20 ? 6.673   18.859  -18.210 1.00 103.32 ? 26  DT  B H6     1 
ATOM   635  P  P      . DC  A 1 21 ? 9.841   16.935  -22.985 1.00 117.39 ? 27  DC  B P      1 
ATOM   636  O  OP1    . DC  A 1 21 ? 10.610  15.936  -23.762 1.00 113.80 ? 27  DC  B OP1    1 
ATOM   637  O  OP2    . DC  A 1 21 ? 10.302  18.340  -22.914 1.00 110.24 ? 27  DC  B OP2    1 
ATOM   638  O  "O5'"  . DC  A 1 21 ? 8.336   16.934  -23.520 1.00 88.87  ? 27  DC  B "O5'"  1 
ATOM   639  C  "C5'"  . DC  A 1 21 ? 7.620   15.711  -23.609 1.00 108.05 ? 27  DC  B "C5'"  1 
ATOM   640  C  "C4'"  . DC  A 1 21 ? 6.268   15.922  -24.262 1.00 115.68 ? 27  DC  B "C4'"  1 
ATOM   641  O  "O4'"  . DC  A 1 21 ? 5.375   16.544  -23.320 1.00 119.23 ? 27  DC  B "O4'"  1 
ATOM   642  C  "C3'"  . DC  A 1 21 ? 6.282   16.841  -25.487 1.00 125.67 ? 27  DC  B "C3'"  1 
ATOM   643  O  "O3'"  . DC  A 1 21 ? 6.170   16.078  -26.685 1.00 126.18 ? 27  DC  B "O3'"  1 
ATOM   644  C  "C2'"  . DC  A 1 21 ? 5.086   17.787  -25.285 1.00 109.66 ? 27  DC  B "C2'"  1 
ATOM   645  C  "C1'"  . DC  A 1 21 ? 4.400   17.259  -24.029 1.00 109.34 ? 27  DC  B "C1'"  1 
ATOM   646  N  N1     . DC  A 1 21 ? 3.854   18.321  -23.135 1.00 105.23 ? 27  DC  B N1     1 
ATOM   647  C  C2     . DC  A 1 21 ? 2.492   18.326  -22.819 1.00 106.63 ? 27  DC  B C2     1 
ATOM   648  O  O2     . DC  A 1 21 ? 1.756   17.452  -23.298 1.00 103.59 ? 27  DC  B O2     1 
ATOM   649  N  N3     . DC  A 1 21 ? 2.013   19.290  -21.995 1.00 101.62 ? 27  DC  B N3     1 
ATOM   650  C  C4     . DC  A 1 21 ? 2.837   20.214  -21.497 1.00 107.12 ? 27  DC  B C4     1 
ATOM   651  N  N4     . DC  A 1 21 ? 2.318   21.146  -20.691 1.00 109.70 ? 27  DC  B N4     1 
ATOM   652  C  C5     . DC  A 1 21 ? 4.230   20.225  -21.805 1.00 105.67 ? 27  DC  B C5     1 
ATOM   653  C  C6     . DC  A 1 21 ? 4.692   19.267  -22.617 1.00 109.08 ? 27  DC  B C6     1 
ATOM   654  H  "H5'"  . DC  A 1 21 ? 7.492   15.350  -22.718 1.00 129.58 ? 27  DC  B "H5'"  1 
ATOM   655  H  "H5''" . DC  A 1 21 ? 8.133   15.079  -24.137 1.00 129.58 ? 27  DC  B "H5''" 1 
ATOM   656  H  "H4'"  . DC  A 1 21 ? 5.904   15.060  -24.518 1.00 138.73 ? 27  DC  B "H4'"  1 
ATOM   657  H  "H3'"  . DC  A 1 21 ? 7.105   17.353  -25.500 1.00 150.72 ? 27  DC  B "H3'"  1 
ATOM   658  H  "HO3'" . DC  A 1 21 ? 6.778   16.113  -27.264 1.00 151.33 ? 27  DC  B "HO3'" 1 
ATOM   659  H  "H2'"  . DC  A 1 21 ? 5.392   18.697  -25.148 1.00 131.50 ? 27  DC  B "H2'"  1 
ATOM   660  H  "H2''" . DC  A 1 21 ? 4.484   17.740  -26.046 1.00 131.50 ? 27  DC  B "H2''" 1 
ATOM   661  H  "H1'"  . DC  A 1 21 ? 3.683   16.656  -24.284 1.00 131.13 ? 27  DC  B "H1'"  1 
ATOM   662  H  H41    . DC  A 1 21 ? 2.824   21.755  -20.355 1.00 131.55 ? 27  DC  B H41    1 
ATOM   663  H  H42    . DC  A 1 21 ? 1.478   21.137  -20.509 1.00 131.55 ? 27  DC  B H42    1 
ATOM   664  H  H5     . DC  A 1 21 ? 4.797   20.873  -21.453 1.00 126.72 ? 27  DC  B H5     1 
ATOM   665  H  H6     . DC  A 1 21 ? 5.596   19.247  -22.835 1.00 130.80 ? 27  DC  B H6     1 
ATOM   666  O  "O5'"  . DT  B 2 1  ? -0.999  30.819  -18.124 1.00 115.77 ? 28  DT  C "O5'"  1 
ATOM   667  C  "C5'"  . DT  B 2 1  ? -1.643  29.941  -17.212 1.00 115.99 ? 28  DT  C "C5'"  1 
ATOM   668  C  "C4'"  . DT  B 2 1  ? -3.138  29.888  -17.473 1.00 115.24 ? 28  DT  C "C4'"  1 
ATOM   669  O  "O4'"  . DT  B 2 1  ? -3.375  29.802  -18.901 1.00 103.65 ? 28  DT  C "O4'"  1 
ATOM   670  C  "C3'"  . DT  B 2 1  ? -3.846  28.691  -16.858 1.00 133.01 ? 28  DT  C "C3'"  1 
ATOM   671  O  "O3'"  . DT  B 2 1  ? -5.151  29.033  -16.410 1.00 134.82 ? 28  DT  C "O3'"  1 
ATOM   672  C  "C2'"  . DT  B 2 1  ? -3.871  27.663  -17.985 1.00 128.59 ? 28  DT  C "C2'"  1 
ATOM   673  C  "C1'"  . DT  B 2 1  ? -3.785  28.495  -19.261 1.00 107.18 ? 28  DT  C "C1'"  1 
ATOM   674  N  N1     . DT  B 2 1  ? -2.812  27.946  -20.241 1.00 103.87 ? 28  DT  C N1     1 
ATOM   675  C  C2     . DT  B 2 1  ? -3.251  27.080  -21.212 1.00 108.37 ? 28  DT  C C2     1 
ATOM   676  O  O2     . DT  B 2 1  ? -4.416  26.742  -21.328 1.00 116.78 ? 28  DT  C O2     1 
ATOM   677  N  N3     . DT  B 2 1  ? -2.275  26.622  -22.056 1.00 106.73 ? 28  DT  C N3     1 
ATOM   678  C  C4     . DT  B 2 1  ? -0.930  26.935  -22.021 1.00 106.62 ? 28  DT  C C4     1 
ATOM   679  O  O4     . DT  B 2 1  ? -0.127  26.472  -22.824 1.00 108.80 ? 28  DT  C O4     1 
ATOM   680  C  C5     . DT  B 2 1  ? -0.535  27.844  -20.972 1.00 107.53 ? 28  DT  C C5     1 
ATOM   681  C  C7     . DT  B 2 1  ? 0.898   28.259  -20.832 1.00 107.55 ? 28  DT  C C7     1 
ATOM   682  C  C6     . DT  B 2 1  ? -1.483  28.299  -20.140 1.00 103.67 ? 28  DT  C C6     1 
ATOM   683  H  "H5'"  . DT  B 2 1  ? -1.489  30.253  -16.307 1.00 139.10 ? 28  DT  C "H5'"  1 
ATOM   684  H  "H5''" . DT  B 2 1  ? -1.271  29.050  -17.310 1.00 139.10 ? 28  DT  C "H5''" 1 
ATOM   685  H  "H4'"  . DT  B 2 1  ? -3.544  30.701  -17.136 1.00 138.20 ? 28  DT  C "H4'"  1 
ATOM   686  H  "H3'"  . DT  B 2 1  ? -3.324  28.349  -16.116 1.00 159.52 ? 28  DT  C "H3'"  1 
ATOM   687  H  "H2'"  . DT  B 2 1  ? -3.109  27.068  -17.917 1.00 154.22 ? 28  DT  C "H2'"  1 
ATOM   688  H  "H2''" . DT  B 2 1  ? -4.700  27.159  -17.964 1.00 154.22 ? 28  DT  C "H2''" 1 
ATOM   689  H  "H1'"  . DT  B 2 1  ? -4.662  28.538  -19.673 1.00 128.53 ? 28  DT  C "H1'"  1 
ATOM   690  H  H3     . DT  B 2 1  ? -2.527  26.082  -22.677 1.00 127.99 ? 28  DT  C H3     1 
ATOM   691  H  H71    . DT  B 2 1  ? 0.965   29.223  -20.925 1.00 128.97 ? 28  DT  C H71    1 
ATOM   692  H  H72    . DT  B 2 1  ? 1.227   27.995  -19.960 1.00 128.97 ? 28  DT  C H72    1 
ATOM   693  H  H73    . DT  B 2 1  ? 1.427   27.830  -21.522 1.00 128.97 ? 28  DT  C H73    1 
ATOM   694  H  H6     . DT  B 2 1  ? -1.232  28.883  -19.462 1.00 124.32 ? 28  DT  C H6     1 
ATOM   695  H  "HO5'" . DT  B 2 1  ? -1.400  31.074  -18.816 1.00 138.84 ? 28  DT  C "HO5'" 1 
ATOM   696  P  P      . DC  B 2 2  ? -5.978  27.989  -15.512 1.00 137.31 ? 29  DC  C P      1 
ATOM   697  O  OP1    . DC  B 2 2  ? -7.089  28.719  -14.861 1.00 139.91 ? 29  DC  C OP1    1 
ATOM   698  O  OP2    . DC  B 2 2  ? -4.996  27.251  -14.688 1.00 131.87 ? 29  DC  C OP2    1 
ATOM   699  O  "O5'"  . DC  B 2 2  ? -6.582  26.964  -16.581 1.00 144.60 ? 29  DC  C "O5'"  1 
ATOM   700  C  "C5'"  . DC  B 2 2  ? -6.461  25.562  -16.374 1.00 131.00 ? 29  DC  C "C5'"  1 
ATOM   701  C  "C4'"  . DC  B 2 2  ? -7.181  24.788  -17.464 1.00 128.05 ? 29  DC  C "C4'"  1 
ATOM   702  O  "O4'"  . DC  B 2 2  ? -6.418  24.888  -18.701 1.00 116.36 ? 29  DC  C "O4'"  1 
ATOM   703  C  "C3'"  . DC  B 2 2  ? -7.340  23.298  -17.185 1.00 126.87 ? 29  DC  C "C3'"  1 
ATOM   704  O  "O3'"  . DC  B 2 2  ? -8.587  22.794  -17.676 1.00 120.79 ? 29  DC  C "O3'"  1 
ATOM   705  C  "C2'"  . DC  B 2 2  ? -6.152  22.680  -17.899 1.00 128.67 ? 29  DC  C "C2'"  1 
ATOM   706  C  "C1'"  . DC  B 2 2  ? -5.919  23.617  -19.079 1.00 117.99 ? 29  DC  C "C1'"  1 
ATOM   707  N  N1     . DC  B 2 2  ? -4.470  23.744  -19.444 1.00 107.42 ? 29  DC  C N1     1 
ATOM   708  C  C2     . DC  B 2 2  ? -3.968  23.046  -20.551 1.00 104.24 ? 29  DC  C C2     1 
ATOM   709  O  O2     . DC  B 2 2  ? -4.736  22.350  -21.226 1.00 103.97 ? 29  DC  C O2     1 
ATOM   710  N  N3     . DC  B 2 2  ? -2.650  23.159  -20.856 1.00 100.23 ? 29  DC  C N3     1 
ATOM   711  C  C4     . DC  B 2 2  ? -1.852  23.920  -20.104 1.00 108.58 ? 29  DC  C C4     1 
ATOM   712  N  N4     . DC  B 2 2  ? -0.561  23.999  -20.443 1.00 105.52 ? 29  DC  C N4     1 
ATOM   713  C  C5     . DC  B 2 2  ? -2.343  24.629  -18.968 1.00 100.76 ? 29  DC  C C5     1 
ATOM   714  C  C6     . DC  B 2 2  ? -3.644  24.510  -18.675 1.00 105.57 ? 29  DC  C C6     1 
ATOM   715  H  "H5'"  . DC  B 2 2  ? -6.845  25.333  -15.514 1.00 157.11 ? 29  DC  C "H5'"  1 
ATOM   716  H  "H5''" . DC  B 2 2  ? -5.522  25.320  -16.378 1.00 157.11 ? 29  DC  C "H5''" 1 
ATOM   717  H  "H4'"  . DC  B 2 2  ? -8.057  25.179  -17.602 1.00 153.57 ? 29  DC  C "H4'"  1 
ATOM   718  H  "H3'"  . DC  B 2 2  ? -7.271  23.132  -16.232 1.00 152.15 ? 29  DC  C "H3'"  1 
ATOM   719  H  "H2'"  . DC  B 2 2  ? -5.375  22.664  -17.318 1.00 154.32 ? 29  DC  C "H2'"  1 
ATOM   720  H  "H2''" . DC  B 2 2  ? -6.367  21.787  -18.210 1.00 154.32 ? 29  DC  C "H2''" 1 
ATOM   721  H  "H1'"  . DC  B 2 2  ? -6.415  23.294  -19.847 1.00 141.50 ? 29  DC  C "H1'"  1 
ATOM   722  H  H41    . DC  B 2 2  ? -0.023  24.482  -19.977 1.00 126.54 ? 29  DC  C H41    1 
ATOM   723  H  H42    . DC  B 2 2  ? -0.269  23.568  -21.128 1.00 126.54 ? 29  DC  C H42    1 
ATOM   724  H  H5     . DC  B 2 2  ? -1.780  25.158  -18.450 1.00 120.83 ? 29  DC  C H5     1 
ATOM   725  H  H6     . DC  B 2 2  ? -3.991  24.965  -17.942 1.00 126.60 ? 29  DC  C H6     1 
ATOM   726  P  P      . DG  B 2 3  ? -9.067  21.319  -17.253 1.00 152.00 ? 30  DG  C P      1 
ATOM   727  O  OP1    . DG  B 2 3  ? -10.316 21.454  -16.473 1.00 152.54 ? 30  DG  C OP1    1 
ATOM   728  O  OP2    . DG  B 2 3  ? -7.902  20.642  -16.641 1.00 135.90 ? 30  DG  C OP2    1 
ATOM   729  O  "O5'"  . DG  B 2 3  ? -9.398  20.587  -18.644 1.00 138.84 ? 30  DG  C "O5'"  1 
ATOM   730  C  "C5'"  . DG  B 2 3  ? -8.550  20.769  -19.776 1.00 130.17 ? 30  DG  C "C5'"  1 
ATOM   731  C  "C4'"  . DG  B 2 3  ? -7.769  19.501  -20.114 1.00 135.34 ? 30  DG  C "C4'"  1 
ATOM   732  O  "O4'"  . DG  B 2 3  ? -6.400  19.861  -20.393 1.00 138.62 ? 30  DG  C "O4'"  1 
ATOM   733  C  "C3'"  . DG  B 2 3  ? -7.714  18.441  -19.012 1.00 124.60 ? 30  DG  C "C3'"  1 
ATOM   734  O  "O3'"  . DG  B 2 3  ? -8.622  17.376  -19.311 1.00 138.45 ? 30  DG  C "O3'"  1 
ATOM   735  C  "C2'"  . DG  B 2 3  ? -6.249  17.970  -18.980 1.00 109.65 ? 30  DG  C "C2'"  1 
ATOM   736  C  "C1'"  . DG  B 2 3  ? -5.528  18.817  -20.026 1.00 99.80  ? 30  DG  C "C1'"  1 
ATOM   737  N  N9     . DG  B 2 3  ? -4.284  19.431  -19.556 1.00 92.36  ? 30  DG  C N9     1 
ATOM   738  C  C8     . DG  B 2 3  ? -4.145  20.320  -18.517 1.00 88.04  ? 30  DG  C C8     1 
ATOM   739  N  N7     . DG  B 2 3  ? -2.922  20.731  -18.340 1.00 79.49  ? 30  DG  C N7     1 
ATOM   740  C  C5     . DG  B 2 3  ? -2.199  20.083  -19.330 1.00 82.80  ? 30  DG  C C5     1 
ATOM   741  C  C6     . DG  B 2 3  ? -0.819  20.138  -19.627 1.00 83.28  ? 30  DG  C C6     1 
ATOM   742  O  O6     . DG  B 2 3  ? 0.061   20.794  -19.054 1.00 94.65  ? 30  DG  C O6     1 
ATOM   743  N  N1     . DG  B 2 3  ? -0.490  19.328  -20.709 1.00 78.51  ? 30  DG  C N1     1 
ATOM   744  C  C2     . DG  B 2 3  ? -1.386  18.559  -21.417 1.00 83.75  ? 30  DG  C C2     1 
ATOM   745  N  N2     . DG  B 2 3  ? -0.882  17.841  -22.432 1.00 84.89  ? 30  DG  C N2     1 
ATOM   746  N  N3     . DG  B 2 3  ? -2.688  18.498  -21.148 1.00 83.50  ? 30  DG  C N3     1 
ATOM   747  C  C4     . DG  B 2 3  ? -3.021  19.283  -20.095 1.00 87.21  ? 30  DG  C C4     1 
ATOM   748  H  "H5'"  . DG  B 2 3  ? -7.922  21.484  -19.588 1.00 156.12 ? 30  DG  C "H5'"  1 
ATOM   749  H  "H5''" . DG  B 2 3  ? -9.093  21.018  -20.539 1.00 156.12 ? 30  DG  C "H5''" 1 
ATOM   750  H  "H4'"  . DG  B 2 3  ? -8.154  19.102  -20.910 1.00 162.33 ? 30  DG  C "H4'"  1 
ATOM   751  H  "H3'"  . DG  B 2 3  ? -7.948  18.843  -18.161 1.00 149.44 ? 30  DG  C "H3'"  1 
ATOM   752  H  "H2'"  . DG  B 2 3  ? -5.866  18.122  -18.103 1.00 131.50 ? 30  DG  C "H2'"  1 
ATOM   753  H  "H2''" . DG  B 2 3  ? -6.194  17.030  -19.214 1.00 131.50 ? 30  DG  C "H2''" 1 
ATOM   754  H  "H1'"  . DG  B 2 3  ? -5.340  18.271  -20.806 1.00 119.67 ? 30  DG  C "H1'"  1 
ATOM   755  H  H8     . DG  B 2 3  ? -4.857  20.601  -17.990 1.00 105.56 ? 30  DG  C H8     1 
ATOM   756  H  H1     . DG  B 2 3  ? 0.334   19.305  -20.954 1.00 94.12  ? 30  DG  C H1     1 
ATOM   757  H  H21    . DG  B 2 3  ? -1.400  17.344  -22.906 1.00 101.78 ? 30  DG  C H21    1 
ATOM   758  H  H22    . DG  B 2 3  ? -0.041  17.878  -22.609 1.00 101.78 ? 30  DG  C H22    1 
ATOM   759  P  P      . DA  B 2 4  ? -8.671  16.054  -18.396 1.00 158.93 ? 31  DA  C P      1 
ATOM   760  O  OP1    . DA  B 2 4  ? -9.999  15.432  -18.594 1.00 152.02 ? 31  DA  C OP1    1 
ATOM   761  O  OP2    . DA  B 2 4  ? -8.237  16.423  -17.030 1.00 132.38 ? 31  DA  C OP2    1 
ATOM   762  O  "O5'"  . DA  B 2 4  ? -7.550  15.098  -19.032 1.00 130.06 ? 31  DA  C "O5'"  1 
ATOM   763  C  "C5'"  . DA  B 2 4  ? -7.527  14.858  -20.437 1.00 118.84 ? 31  DA  C "C5'"  1 
ATOM   764  C  "C4'"  . DA  B 2 4  ? -6.256  14.130  -20.851 1.00 128.93 ? 31  DA  C "C4'"  1 
ATOM   765  O  "O4'"  . DA  B 2 4  ? -5.100  14.986  -20.609 1.00 124.24 ? 31  DA  C "O4'"  1 
ATOM   766  C  "C3'"  . DA  B 2 4  ? -5.974  12.829  -20.098 1.00 106.65 ? 31  DA  C "C3'"  1 
ATOM   767  O  "O3'"  . DA  B 2 4  ? -5.481  11.838  -20.997 1.00 103.44 ? 31  DA  C "O3'"  1 
ATOM   768  C  "C2'"  . DA  B 2 4  ? -4.937  13.250  -19.062 1.00 94.64  ? 31  DA  C "C2'"  1 
ATOM   769  C  "C1'"  . DA  B 2 4  ? -4.147  14.293  -19.827 1.00 88.61  ? 31  DA  C "C1'"  1 
ATOM   770  N  N9     . DA  B 2 4  ? -3.434  15.261  -18.994 1.00 80.42  ? 31  DA  C N9     1 
ATOM   771  C  C8     . DA  B 2 4  ? -3.968  16.088  -18.045 1.00 85.41  ? 31  DA  C C8     1 
ATOM   772  N  N7     . DA  B 2 4  ? -3.089  16.870  -17.466 1.00 74.91  ? 31  DA  C N7     1 
ATOM   773  C  C5     . DA  B 2 4  ? -1.895  16.537  -18.078 1.00 71.07  ? 31  DA  C C5     1 
ATOM   774  C  C6     . DA  B 2 4  ? -0.581  17.009  -17.907 1.00 67.08  ? 31  DA  C C6     1 
ATOM   775  N  N6     . DA  B 2 4  ? -0.252  17.960  -17.029 1.00 72.36  ? 31  DA  C N6     1 
ATOM   776  N  N1     . DA  B 2 4  ? 0.383   16.464  -18.675 1.00 66.08  ? 31  DA  C N1     1 
ATOM   777  C  C2     . DA  B 2 4  ? 0.046   15.515  -19.555 1.00 72.86  ? 31  DA  C C2     1 
ATOM   778  N  N3     . DA  B 2 4  ? -1.153  14.991  -19.806 1.00 75.84  ? 31  DA  C N3     1 
ATOM   779  C  C4     . DA  B 2 4  ? -2.088  15.551  -19.026 1.00 75.16  ? 31  DA  C C4     1 
ATOM   780  H  "H5'"  . DA  B 2 4  ? -7.575  15.707  -20.906 1.00 142.52 ? 31  DA  C "H5'"  1 
ATOM   781  H  "H5''" . DA  B 2 4  ? -8.296  14.318  -20.680 1.00 142.52 ? 31  DA  C "H5''" 1 
ATOM   782  H  "H4'"  . DA  B 2 4  ? -6.305  13.935  -21.800 1.00 154.63 ? 31  DA  C "H4'"  1 
ATOM   783  H  "H3'"  . DA  B 2 4  ? -6.780  12.516  -19.659 1.00 127.90 ? 31  DA  C "H3'"  1 
ATOM   784  H  "H2'"  . DA  B 2 4  ? -5.365  13.641  -18.283 1.00 113.49 ? 31  DA  C "H2'"  1 
ATOM   785  H  "H2''" . DA  B 2 4  ? -4.374  12.501  -18.812 1.00 113.49 ? 31  DA  C "H2''" 1 
ATOM   786  H  "H1'"  . DA  B 2 4  ? -3.515  13.849  -20.414 1.00 106.25 ? 31  DA  C "H1'"  1 
ATOM   787  H  H8     . DA  B 2 4  ? -4.873  16.098  -17.832 1.00 102.40 ? 31  DA  C H8     1 
ATOM   788  H  H61    . DA  B 2 4  ? 0.566   18.217  -16.959 1.00 86.74  ? 31  DA  C H61    1 
ATOM   789  H  H62    . DA  B 2 4  ? -0.858  18.315  -16.533 1.00 86.74  ? 31  DA  C H62    1 
ATOM   790  H  H2     . DA  B 2 4  ? 0.747   15.173  -20.062 1.00 87.34  ? 31  DA  C H2     1 
ATOM   791  P  P      . DG  B 2 5  ? -5.403  10.295  -20.559 1.00 133.34 ? 32  DG  C P      1 
ATOM   792  O  OP1    . DG  B 2 5  ? -6.260  9.519   -21.483 1.00 132.14 ? 32  DG  C OP1    1 
ATOM   793  O  OP2    . DG  B 2 5  ? -5.635  10.230  -19.098 1.00 114.45 ? 32  DG  C OP2    1 
ATOM   794  O  "O5'"  . DG  B 2 5  ? -3.875  9.910   -20.820 1.00 101.00 ? 32  DG  C "O5'"  1 
ATOM   795  C  "C5'"  . DG  B 2 5  ? -2.867  10.609  -20.129 1.00 93.01  ? 32  DG  C "C5'"  1 
ATOM   796  C  "C4'"  . DG  B 2 5  ? -1.488  10.258  -20.644 1.00 93.75  ? 32  DG  C "C4'"  1 
ATOM   797  O  "O4'"  . DG  B 2 5  ? -0.588  11.344  -20.332 1.00 92.25  ? 32  DG  C "O4'"  1 
ATOM   798  C  "C3'"  . DG  B 2 5  ? -0.851  9.043   -19.995 1.00 97.13  ? 32  DG  C "C3'"  1 
ATOM   799  O  "O3'"  . DG  B 2 5  ? 0.184   8.492   -20.810 1.00 108.03 ? 32  DG  C "O3'"  1 
ATOM   800  C  "C2'"  . DG  B 2 5  ? -0.312  9.634   -18.709 1.00 89.67  ? 32  DG  C "C2'"  1 
ATOM   801  C  "C1'"  . DG  B 2 5  ? 0.106   11.045  -19.132 1.00 76.25  ? 32  DG  C "C1'"  1 
ATOM   802  N  N9     . DG  B 2 5  ? -0.216  12.051  -18.130 1.00 69.02  ? 32  DG  C N9     1 
ATOM   803  C  C8     . DG  B 2 5  ? -1.455  12.339  -17.613 1.00 70.76  ? 32  DG  C C8     1 
ATOM   804  N  N7     . DG  B 2 5  ? -1.434  13.273  -16.704 1.00 65.80  ? 32  DG  C N7     1 
ATOM   805  C  C5     . DG  B 2 5  ? -0.095  13.619  -16.608 1.00 61.28  ? 32  DG  C C5     1 
ATOM   806  C  C6     . DG  B 2 5  ? 0.541   14.577  -15.788 1.00 62.19  ? 32  DG  C C6     1 
ATOM   807  O  O6     . DG  B 2 5  ? 0.026   15.333  -14.955 1.00 66.76  ? 32  DG  C O6     1 
ATOM   808  N  N1     . DG  B 2 5  ? 1.917   14.610  -16.005 1.00 66.44  ? 32  DG  C N1     1 
ATOM   809  C  C2     . DG  B 2 5  ? 2.591   13.813  -16.905 1.00 75.63  ? 32  DG  C C2     1 
ATOM   810  N  N2     . DG  B 2 5  ? 3.919   13.982  -16.978 1.00 74.21  ? 32  DG  C N2     1 
ATOM   811  N  N3     . DG  B 2 5  ? 2.005   12.912  -17.676 1.00 64.22  ? 32  DG  C N3     1 
ATOM   812  C  C4     . DG  B 2 5  ? 0.668   12.871  -17.478 1.00 64.00  ? 32  DG  C C4     1 
ATOM   813  H  "H5'"  . DG  B 2 5  ? -2.918  10.389  -19.186 1.00 111.53 ? 32  DG  C "H5'"  1 
ATOM   814  H  "H5''" . DG  B 2 5  ? -3.011  11.563  -20.239 1.00 111.53 ? 32  DG  C "H5''" 1 
ATOM   815  H  "H4'"  . DG  B 2 5  ? -1.522  10.132  -21.605 1.00 112.42 ? 32  DG  C "H4'"  1 
ATOM   816  H  "H3'"  . DG  B 2 5  ? -1.525  8.372   -19.802 1.00 116.47 ? 32  DG  C "H3'"  1 
ATOM   817  H  "H2'"  . DG  B 2 5  ? -1.004  9.670   -18.031 1.00 107.52 ? 32  DG  C "H2'"  1 
ATOM   818  H  "H2''" . DG  B 2 5  ? 0.454   9.129   -18.394 1.00 107.52 ? 32  DG  C "H2''" 1 
ATOM   819  H  "H1'"  . DG  B 2 5  ? 1.061   11.059  -19.303 1.00 91.41  ? 32  DG  C "H1'"  1 
ATOM   820  H  H8     . DG  B 2 5  ? -2.234  11.911  -17.888 1.00 84.83  ? 32  DG  C H8     1 
ATOM   821  H  H1     . DG  B 2 5  ? 2.380   15.168  -15.543 1.00 79.64  ? 32  DG  C H1     1 
ATOM   822  H  H21    . DG  B 2 5  ? 4.383   13.507  -17.524 1.00 88.97  ? 32  DG  C H21    1 
ATOM   823  H  H22    . DG  B 2 5  ? 4.307   14.566  -16.480 1.00 88.97  ? 32  DG  C H22    1 
ATOM   824  P  P      . DT  B 2 6  ? 0.972   7.174   -20.333 1.00 112.14 ? 33  DT  C P      1 
ATOM   825  O  OP1    . DT  B 2 6  ? 0.949   6.204   -21.453 1.00 111.36 ? 33  DT  C OP1    1 
ATOM   826  O  OP2    . DT  B 2 6  ? 0.413   6.783   -19.019 1.00 94.47  ? 33  DT  C OP2    1 
ATOM   827  O  "O5'"  . DT  B 2 6  ? 2.479   7.673   -20.104 1.00 83.50  ? 33  DT  C "O5'"  1 
ATOM   828  C  "C5'"  . DT  B 2 6  ? 2.872   8.210   -18.843 1.00 79.12  ? 33  DT  C "C5'"  1 
ATOM   829  C  "C4'"  . DT  B 2 6  ? 4.374   8.379   -18.761 1.00 74.29  ? 33  DT  C "C4'"  1 
ATOM   830  O  "O4'"  . DT  B 2 6  ? 4.667   9.643   -18.117 1.00 78.77  ? 33  DT  C "O4'"  1 
ATOM   831  C  "C3'"  . DT  B 2 6  ? 5.089   7.325   -17.930 1.00 68.92  ? 33  DT  C "C3'"  1 
ATOM   832  O  "O3'"  . DT  B 2 6  ? 6.418   7.111   -18.387 1.00 75.65  ? 33  DT  C "O3'"  1 
ATOM   833  C  "C2'"  . DT  B 2 6  ? 5.051   7.924   -16.537 1.00 67.10  ? 33  DT  C "C2'"  1 
ATOM   834  C  "C1'"  . DT  B 2 6  ? 5.143   9.424   -16.802 1.00 66.84  ? 33  DT  C "C1'"  1 
ATOM   835  N  N1     . DT  B 2 6  ? 4.332   10.237  -15.849 1.00 56.33  ? 33  DT  C N1     1 
ATOM   836  C  C2     . DT  B 2 6  ? 4.968   11.113  -15.000 1.00 61.86  ? 33  DT  C C2     1 
ATOM   837  O  O2     . DT  B 2 6  ? 6.174   11.282  -14.990 1.00 74.78  ? 33  DT  C O2     1 
ATOM   838  N  N3     . DT  B 2 6  ? 4.135   11.797  -14.160 1.00 62.73  ? 33  DT  C N3     1 
ATOM   839  C  C4     . DT  B 2 6  ? 2.759   11.695  -14.078 1.00 65.93  ? 33  DT  C C4     1 
ATOM   840  O  O4     . DT  B 2 6  ? 2.095   12.354  -13.284 1.00 58.98  ? 33  DT  C O4     1 
ATOM   841  C  C5     . DT  B 2 6  ? 2.157   10.755  -14.990 1.00 54.23  ? 33  DT  C C5     1 
ATOM   842  C  C7     . DT  B 2 6  ? 0.672   10.559  -14.986 1.00 52.53  ? 33  DT  C C7     1 
ATOM   843  C  C6     . DT  B 2 6  ? 2.962   10.078  -15.823 1.00 54.65  ? 33  DT  C C6     1 
ATOM   844  H  "H5'"  . DT  B 2 6  ? 2.581   7.610   -18.139 1.00 94.85  ? 33  DT  C "H5'"  1 
ATOM   845  H  "H5''" . DT  B 2 6  ? 2.448   9.074   -18.720 1.00 94.85  ? 33  DT  C "H5''" 1 
ATOM   846  H  "H4'"  . DT  B 2 6  ? 4.744   8.384   -19.658 1.00 89.06  ? 33  DT  C "H4'"  1 
ATOM   847  H  "H3'"  . DT  B 2 6  ? 4.592   6.493   -17.948 1.00 82.62  ? 33  DT  C "H3'"  1 
ATOM   848  H  "H2'"  . DT  B 2 6  ? 4.216   7.705   -16.093 1.00 80.43  ? 33  DT  C "H2'"  1 
ATOM   849  H  "H2''" . DT  B 2 6  ? 5.809   7.621   -16.013 1.00 80.43  ? 33  DT  C "H2''" 1 
ATOM   850  H  "H1'"  . DT  B 2 6  ? 6.071   9.700   -16.747 1.00 80.13  ? 33  DT  C "H1'"  1 
ATOM   851  H  H3     . DT  B 2 6  ? 4.509   12.354  -13.620 1.00 75.19  ? 33  DT  C H3     1 
ATOM   852  H  H71    . DT  B 2 6  ? 0.313   10.783  -15.859 1.00 62.95  ? 33  DT  C H71    1 
ATOM   853  H  H72    . DT  B 2 6  ? 0.468   9.634   -14.780 1.00 62.95  ? 33  DT  C H72    1 
ATOM   854  H  H73    . DT  B 2 6  ? 0.271   11.135  -14.315 1.00 62.95  ? 33  DT  C H73    1 
ATOM   855  H  H6     . DT  B 2 6  ? 2.576   9.469   -16.410 1.00 65.50  ? 33  DT  C H6     1 
ATOM   856  P  P      . DC  B 2 7  ? 7.339   6.001   -17.676 1.00 79.07  ? 34  DC  C P      1 
ATOM   857  O  OP1    . DC  B 2 7  ? 8.501   5.729   -18.550 1.00 79.87  ? 34  DC  C OP1    1 
ATOM   858  O  OP2    . DC  B 2 7  ? 6.453   4.883   -17.280 1.00 90.88  ? 34  DC  C OP2    1 
ATOM   859  O  "O5'"  . DC  B 2 7  ? 7.865   6.731   -16.355 1.00 61.82  ? 34  DC  C "O5'"  1 
ATOM   860  C  "C5'"  . DC  B 2 7  ? 8.784   7.805   -16.470 1.00 58.03  ? 34  DC  C "C5'"  1 
ATOM   861  C  "C4'"  . DC  B 2 7  ? 9.168   8.362   -15.106 1.00 64.23  ? 34  DC  C "C4'"  1 
ATOM   862  O  "O4'"  . DC  B 2 7  ? 8.033   9.033   -14.508 1.00 62.28  ? 34  DC  C "O4'"  1 
ATOM   863  C  "C3'"  . DC  B 2 7  ? 9.628   7.322   -14.075 1.00 75.73  ? 34  DC  C "C3'"  1 
ATOM   864  O  "O3'"  . DC  B 2 7  ? 10.921  7.655   -13.596 1.00 73.52  ? 34  DC  C "O3'"  1 
ATOM   865  C  "C2'"  . DC  B 2 7  ? 8.556   7.387   -12.975 1.00 68.87  ? 34  DC  C "C2'"  1 
ATOM   866  C  "C1'"  . DC  B 2 7  ? 8.050   8.803   -13.122 1.00 53.86  ? 34  DC  C "C1'"  1 
ATOM   867  N  N1     . DC  B 2 7  ? 6.681   9.051   -12.591 1.00 43.16  ? 34  DC  C N1     1 
ATOM   868  C  C2     . DC  B 2 7  ? 6.502   9.953   -11.533 1.00 53.30  ? 34  DC  C C2     1 
ATOM   869  O  O2     . DC  B 2 7  ? 7.492   10.504  -11.031 1.00 59.40  ? 34  DC  C O2     1 
ATOM   870  N  N3     . DC  B 2 7  ? 5.247   10.193  -11.081 1.00 44.85  ? 34  DC  C N3     1 
ATOM   871  C  C4     . DC  B 2 7  ? 4.208   9.583   -11.649 1.00 52.09  ? 34  DC  C C4     1 
ATOM   872  N  N4     . DC  B 2 7  ? 2.990   9.851   -11.171 1.00 65.48  ? 34  DC  C N4     1 
ATOM   873  C  C5     . DC  B 2 7  ? 4.370   8.672   -12.734 1.00 47.00  ? 34  DC  C C5     1 
ATOM   874  C  C6     . DC  B 2 7  ? 5.613   8.443   -13.172 1.00 42.15  ? 34  DC  C C6     1 
ATOM   875  H  "H5'"  . DC  B 2 7  ? 8.381   8.512   -16.998 1.00 69.55  ? 34  DC  C "H5'"  1 
ATOM   876  H  "H5''" . DC  B 2 7  ? 9.584   7.492   -16.920 1.00 69.55  ? 34  DC  C "H5''" 1 
ATOM   877  H  "H4'"  . DC  B 2 7  ? 9.881   9.009   -15.228 1.00 76.99  ? 34  DC  C "H4'"  1 
ATOM   878  H  "H3'"  . DC  B 2 7  ? 9.638   6.439   -14.477 1.00 90.79  ? 34  DC  C "H3'"  1 
ATOM   879  H  "H2'"  . DC  B 2 7  ? 7.848   6.747   -13.142 1.00 82.56  ? 34  DC  C "H2'"  1 
ATOM   880  H  "H2''" . DC  B 2 7  ? 8.951   7.251   -12.099 1.00 82.56  ? 34  DC  C "H2''" 1 
ATOM   881  H  "H1'"  . DC  B 2 7  ? 8.674   9.414   -12.702 1.00 64.55  ? 34  DC  C "H1'"  1 
ATOM   882  H  H41    . DC  B 2 7  ? 2.300   9.474   -11.517 1.00 78.48  ? 34  DC  C H41    1 
ATOM   883  H  H42    . DC  B 2 7  ? 2.897   10.402  -10.517 1.00 78.48  ? 34  DC  C H42    1 
ATOM   884  H  H5     . DC  B 2 7  ? 3.638   8.252   -13.124 1.00 56.32  ? 34  DC  C H5     1 
ATOM   885  H  H6     . DC  B 2 7  ? 5.748   7.854   -13.880 1.00 50.50  ? 34  DC  C H6     1 
ATOM   886  P  P      . DG  B 2 8  ? 11.582  6.814   -12.401 1.00 69.09  ? 35  DG  C P      1 
ATOM   887  O  OP1    . DG  B 2 8  ? 13.049  7.017   -12.422 1.00 67.56  ? 35  DG  C OP1    1 
ATOM   888  O  OP2    . DG  B 2 8  ? 11.008  5.451   -12.481 1.00 84.02  ? 35  DG  C OP2    1 
ATOM   889  O  "O5'"  . DG  B 2 8  ? 11.004  7.504   -11.089 1.00 50.54  ? 35  DG  C "O5'"  1 
ATOM   890  C  "C5'"  . DG  B 2 8  ? 11.784  7.549   -9.922  1.00 65.62  ? 35  DG  C "C5'"  1 
ATOM   891  C  "C4'"  . DG  B 2 8  ? 11.022  8.223   -8.800  1.00 79.58  ? 35  DG  C "C4'"  1 
ATOM   892  O  "O4'"  . DG  B 2 8  ? 9.636   8.411   -9.206  1.00 56.20  ? 35  DG  C "O4'"  1 
ATOM   893  C  "C3'"  . DG  B 2 8  ? 10.975  7.431   -7.487  1.00 75.11  ? 35  DG  C "C3'"  1 
ATOM   894  O  "O3'"  . DG  B 2 8  ? 11.413  8.228   -6.395  1.00 62.84  ? 35  DG  C "O3'"  1 
ATOM   895  C  "C2'"  . DG  B 2 8  ? 9.513   7.034   -7.347  1.00 80.11  ? 35  DG  C "C2'"  1 
ATOM   896  C  "C1'"  . DG  B 2 8  ? 8.803   8.130   -8.110  1.00 56.07  ? 35  DG  C "C1'"  1 
ATOM   897  N  N9     . DG  B 2 8  ? 7.480   7.748   -8.591  1.00 53.85  ? 35  DG  C N9     1 
ATOM   898  C  C8     . DG  B 2 8  ? 7.188   6.835   -9.574  1.00 51.70  ? 35  DG  C C8     1 
ATOM   899  N  N7     . DG  B 2 8  ? 5.910   6.690   -9.785  1.00 47.61  ? 35  DG  C N7     1 
ATOM   900  C  C5     . DG  B 2 8  ? 5.316   7.558   -8.880  1.00 43.21  ? 35  DG  C C5     1 
ATOM   901  C  C6     . DG  B 2 8  ? 3.950   7.836   -8.653  1.00 52.92  ? 35  DG  C C6     1 
ATOM   902  O  O6     . DG  B 2 8  ? 2.965   7.344   -9.222  1.00 62.04  ? 35  DG  C O6     1 
ATOM   903  N  N1     . DG  B 2 8  ? 3.776   8.783   -7.645  1.00 51.54  ? 35  DG  C N1     1 
ATOM   904  C  C2     . DG  B 2 8  ? 4.797   9.391   -6.953  1.00 66.32  ? 35  DG  C C2     1 
ATOM   905  N  N2     . DG  B 2 8  ? 4.436   10.281  -6.013  1.00 74.81  ? 35  DG  C N2     1 
ATOM   906  N  N3     . DG  B 2 8  ? 6.087   9.137   -7.159  1.00 58.05  ? 35  DG  C N3     1 
ATOM   907  C  C4     . DG  B 2 8  ? 6.269   8.213   -8.134  1.00 50.49  ? 35  DG  C C4     1 
ATOM   908  H  "H5'"  . DG  B 2 8  ? 12.598  8.045   -10.100 1.00 78.66  ? 35  DG  C "H5'"  1 
ATOM   909  H  "H5''" . DG  B 2 8  ? 12.012  6.644   -9.655  1.00 78.66  ? 35  DG  C "H5''" 1 
ATOM   910  H  "H4'"  . DG  B 2 8  ? 11.419  9.091   -8.628  1.00 95.41  ? 35  DG  C "H4'"  1 
ATOM   911  H  "H3'"  . DG  B 2 8  ? 11.528  6.636   -7.560  1.00 90.04  ? 35  DG  C "H3'"  1 
ATOM   912  H  "HO3'" . DG  B 2 8  ? 10.896  8.377   -5.750  1.00 75.33  ? 35  DG  C "HO3'" 1 
ATOM   913  H  "H2'"  . DG  B 2 8  ? 9.351   6.169   -7.756  1.00 96.04  ? 35  DG  C "H2'"  1 
ATOM   914  H  "H2''" . DG  B 2 8  ? 9.244   7.032   -6.416  1.00 96.04  ? 35  DG  C "H2''" 1 
ATOM   915  H  "H1'"  . DG  B 2 8  ? 8.729   8.919   -7.550  1.00 67.20  ? 35  DG  C "H1'"  1 
ATOM   916  H  H8     . DG  B 2 8  ? 7.840   6.365   -10.044 1.00 61.95  ? 35  DG  C H8     1 
ATOM   917  H  H1     . DG  B 2 8  ? 2.970   9.007   -7.444  1.00 61.77  ? 35  DG  C H1     1 
ATOM   918  H  H21    . DG  B 2 8  ? 5.038   10.706  -5.570  1.00 89.68  ? 35  DG  C H21    1 
ATOM   919  P  P      . DC  C 3 1  ? -9.556  -11.922 7.229   1.00 104.59 ? 36  DC  D P      1 
ATOM   920  O  OP1    . DC  C 3 1  ? -10.062 -11.015 8.284   1.00 90.71  ? 36  DC  D OP1    1 
ATOM   921  O  OP2    . DC  C 3 1  ? -10.229 -13.221 7.001   1.00 108.00 ? 36  DC  D OP2    1 
ATOM   922  O  "O5'"  . DC  C 3 1  ? -9.549  -11.090 5.861   1.00 72.38  ? 36  DC  D "O5'"  1 
ATOM   923  C  "C5'"  . DC  C 3 1  ? -9.874  -11.720 4.621   1.00 86.39  ? 36  DC  D "C5'"  1 
ATOM   924  C  "C4'"  . DC  C 3 1  ? -8.640  -11.866 3.754   1.00 63.21  ? 36  DC  D "C4'"  1 
ATOM   925  O  "O4'"  . DC  C 3 1  ? -7.989  -10.588 3.652   1.00 62.66  ? 36  DC  D "O4'"  1 
ATOM   926  C  "C3'"  . DC  C 3 1  ? -7.597  -12.814 4.309   1.00 82.98  ? 36  DC  D "C3'"  1 
ATOM   927  O  "O3'"  . DC  C 3 1  ? -7.782  -14.112 3.770   1.00 86.53  ? 36  DC  D "O3'"  1 
ATOM   928  C  "C2'"  . DC  C 3 1  ? -6.261  -12.197 3.894   1.00 81.99  ? 36  DC  D "C2'"  1 
ATOM   929  C  "C1'"  . DC  C 3 1  ? -6.590  -10.738 3.586   1.00 53.07  ? 36  DC  D "C1'"  1 
ATOM   930  N  N1     . DC  C 3 1  ? -5.991  -9.750  4.524   1.00 58.82  ? 36  DC  D N1     1 
ATOM   931  C  C2     . DC  C 3 1  ? -4.638  -9.408  4.414   1.00 68.21  ? 36  DC  D C2     1 
ATOM   932  O  O2     . DC  C 3 1  ? -3.944  -9.961  3.553   1.00 84.01  ? 36  DC  D O2     1 
ATOM   933  N  N3     . DC  C 3 1  ? -4.123  -8.482  5.267   1.00 60.06  ? 36  DC  D N3     1 
ATOM   934  C  C4     . DC  C 3 1  ? -4.908  -7.913  6.186   1.00 67.31  ? 36  DC  D C4     1 
ATOM   935  N  N4     . DC  C 3 1  ? -4.363  -7.003  7.000   1.00 67.39  ? 36  DC  D N4     1 
ATOM   936  C  C5     . DC  C 3 1  ? -6.288  -8.239  6.301   1.00 68.47  ? 36  DC  D C5     1 
ATOM   937  C  C6     . DC  C 3 1  ? -6.782  -9.150  5.458   1.00 73.79  ? 36  DC  D C6     1 
ATOM   938  H  "H5'"  . DC  C 3 1  ? -10.531 -11.184 4.153   1.00 103.58 ? 36  DC  D "H5'"  1 
ATOM   939  H  "H5''" . DC  C 3 1  ? -10.245 -12.599 4.797   1.00 103.58 ? 36  DC  D "H5''" 1 
ATOM   940  H  "H4'"  . DC  C 3 1  ? -8.904  -12.162 2.869   1.00 75.77  ? 36  DC  D "H4'"  1 
ATOM   941  H  "H3'"  . DC  C 3 1  ? -7.661  -12.845 5.277   1.00 99.49  ? 36  DC  D "H3'"  1 
ATOM   942  H  "H2'"  . DC  C 3 1  ? -5.622  -12.253 4.621   1.00 98.29  ? 36  DC  D "H2'"  1 
ATOM   943  H  "H2''" . DC  C 3 1  ? -5.916  -12.640 3.102   1.00 98.29  ? 36  DC  D "H2''" 1 
ATOM   944  H  "H1'"  . DC  C 3 1  ? -6.294  -10.533 2.685   1.00 63.60  ? 36  DC  D "H1'"  1 
ATOM   945  H  H41    . DC  C 3 1  ? -4.846  -6.620  7.600   1.00 80.78  ? 36  DC  D H41    1 
ATOM   946  H  H42    . DC  C 3 1  ? -3.531  -6.801  6.923   1.00 80.78  ? 36  DC  D H42    1 
ATOM   947  H  H5     . DC  C 3 1  ? -6.828  -7.834  6.942   1.00 82.08  ? 36  DC  D H5     1 
ATOM   948  H  H6     . DC  C 3 1  ? -7.681  -9.384  5.513   1.00 88.46  ? 36  DC  D H6     1 
ATOM   949  P  P      . DT  C 3 2  ? -7.084  -15.374 4.470   1.00 91.53  ? 37  DT  D P      1 
ATOM   950  O  OP1    . DT  C 3 2  ? -7.510  -16.591 3.734   1.00 63.95  ? 37  DT  D OP1    1 
ATOM   951  O  OP2    . DT  C 3 2  ? -7.304  -15.251 5.928   1.00 69.69  ? 37  DT  D OP2    1 
ATOM   952  O  "O5'"  . DT  C 3 2  ? -5.530  -15.145 4.202   1.00 60.79  ? 37  DT  D "O5'"  1 
ATOM   953  C  "C5'"  . DT  C 3 2  ? -4.968  -15.519 2.959   1.00 69.51  ? 37  DT  D "C5'"  1 
ATOM   954  C  "C4'"  . DT  C 3 2  ? -3.464  -15.355 2.995   1.00 91.57  ? 37  DT  D "C4'"  1 
ATOM   955  O  "O4'"  . DT  C 3 2  ? -3.141  -14.079 3.609   1.00 69.78  ? 37  DT  D "O4'"  1 
ATOM   956  C  "C3'"  . DT  C 3 2  ? -2.723  -16.408 3.813   1.00 101.83 ? 37  DT  D "C3'"  1 
ATOM   957  O  "O3'"  . DT  C 3 2  ? -1.470  -16.690 3.216   1.00 101.44 ? 37  DT  D "O3'"  1 
ATOM   958  C  "C2'"  . DT  C 3 2  ? -2.560  -15.733 5.174   1.00 80.50  ? 37  DT  D "C2'"  1 
ATOM   959  C  "C1'"  . DT  C 3 2  ? -2.369  -14.278 4.772   1.00 67.13  ? 37  DT  D "C1'"  1 
ATOM   960  N  N1     . DT  C 3 2  ? -2.814  -13.302 5.801   1.00 67.26  ? 37  DT  D N1     1 
ATOM   961  C  C2     . DT  C 3 2  ? -1.925  -12.356 6.249   1.00 77.23  ? 37  DT  D C2     1 
ATOM   962  O  O2     . DT  C 3 2  ? -0.777  -12.276 5.846   1.00 83.36  ? 37  DT  D O2     1 
ATOM   963  N  N3     . DT  C 3 2  ? -2.422  -11.502 7.195   1.00 65.05  ? 37  DT  D N3     1 
ATOM   964  C  C4     . DT  C 3 2  ? -3.698  -11.497 7.726   1.00 68.30  ? 37  DT  D C4     1 
ATOM   965  O  O4     . DT  C 3 2  ? -4.053  -10.680 8.573   1.00 65.21  ? 37  DT  D O4     1 
ATOM   966  C  C5     . DT  C 3 2  ? -4.587  -12.513 7.211   1.00 68.98  ? 37  DT  D C5     1 
ATOM   967  C  C7     . DT  C 3 2  ? -5.995  -12.604 7.715   1.00 69.87  ? 37  DT  D C7     1 
ATOM   968  C  C6     . DT  C 3 2  ? -4.106  -13.361 6.283   1.00 59.94  ? 37  DT  D C6     1 
ATOM   969  P  P      . DG  C 3 3  ? -0.570  -17.899 3.765   1.00 104.31 ? 38  DG  D P      1 
ATOM   970  O  OP1    . DG  C 3 3  ? -0.314  -18.816 2.631   1.00 117.32 ? 38  DG  D OP1    1 
ATOM   971  O  OP2    . DG  C 3 3  ? -1.211  -18.409 5.000   1.00 114.86 ? 38  DG  D OP2    1 
ATOM   972  O  "O5'"  . DG  C 3 3  ? 0.788   -17.181 4.207   1.00 83.12  ? 38  DG  D "O5'"  1 
ATOM   973  C  "C5'"  . DG  C 3 3  ? 0.809   -16.366 5.378   1.00 85.00  ? 38  DG  D "C5'"  1 
ATOM   974  C  "C4'"  . DG  C 3 3  ? 2.210   -15.865 5.664   1.00 91.82  ? 38  DG  D "C4'"  1 
ATOM   975  O  "O4'"  . DG  C 3 3  ? 2.139   -14.603 6.368   1.00 87.79  ? 38  DG  D "O4'"  1 
ATOM   976  C  "C3'"  . DG  C 3 3  ? 3.051   -16.766 6.547   1.00 118.05 ? 38  DG  D "C3'"  1 
ATOM   977  O  "O3'"  . DG  C 3 3  ? 4.431   -16.654 6.200   1.00 116.17 ? 38  DG  D "O3'"  1 
ATOM   978  C  "C2'"  . DG  C 3 3  ? 2.750   -16.261 7.963   1.00 117.91 ? 38  DG  D "C2'"  1 
ATOM   979  C  "C1'"  . DG  C 3 3  ? 2.292   -14.811 7.760   1.00 99.09  ? 38  DG  D "C1'"  1 
ATOM   980  N  N9     . DG  C 3 3  ? 1.019   -14.490 8.404   1.00 97.67  ? 38  DG  D N9     1 
ATOM   981  C  C8     . DG  C 3 3  ? -0.180  -15.142 8.234   1.00 100.88 ? 38  DG  D C8     1 
ATOM   982  N  N7     . DG  C 3 3  ? -1.158  -14.627 8.929   1.00 96.23  ? 38  DG  D N7     1 
ATOM   983  C  C5     . DG  C 3 3  ? -0.576  -13.557 9.599   1.00 93.69  ? 38  DG  D C5     1 
ATOM   984  C  C6     . DG  C 3 3  ? -1.149  -12.624 10.500  1.00 90.23  ? 38  DG  D C6     1 
ATOM   985  O  O6     . DG  C 3 3  ? -2.322  -12.560 10.897  1.00 85.20  ? 38  DG  D O6     1 
ATOM   986  N  N1     . DG  C 3 3  ? -0.210  -11.700 10.950  1.00 78.26  ? 38  DG  D N1     1 
ATOM   987  C  C2     . DG  C 3 3  ? 1.112   -11.679 10.581  1.00 86.46  ? 38  DG  D C2     1 
ATOM   988  N  N2     . DG  C 3 3  ? 1.864   -10.711 11.127  1.00 81.97  ? 38  DG  D N2     1 
ATOM   989  N  N3     . DG  C 3 3  ? 1.664   -12.545 9.736   1.00 72.53  ? 38  DG  D N3     1 
ATOM   990  C  C4     . DG  C 3 3  ? 0.764   -13.454 9.285   1.00 88.37  ? 38  DG  D C4     1 
ATOM   991  H  "H5'"  . DG  C 3 3  ? 0.497   -16.887 6.135   1.00 101.91 ? 38  DG  D "H5'"  1 
ATOM   992  H  "H5''" . DG  C 3 3  ? 0.219   -15.607 5.249   1.00 101.91 ? 38  DG  D "H5''" 1 
ATOM   993  H  "H4'"  . DG  C 3 3  ? 2.673   -15.729 4.822   1.00 110.10 ? 38  DG  D "H4'"  1 
ATOM   994  H  "H3'"  . DG  C 3 3  ? 2.758   -17.685 6.455   1.00 141.57 ? 38  DG  D "H3'"  1 
ATOM   995  H  "H2'"  . DG  C 3 3  ? 2.041   -16.786 8.367   1.00 141.40 ? 38  DG  D "H2'"  1 
ATOM   996  H  "H2''" . DG  C 3 3  ? 3.549   -16.290 8.510   1.00 141.40 ? 38  DG  D "H2''" 1 
ATOM   997  H  "H1'"  . DG  C 3 3  ? 2.977   -14.212 8.095   1.00 118.83 ? 38  DG  D "H1'"  1 
ATOM   998  H  H8     . DG  C 3 3  ? -0.282  -15.885 7.683   1.00 120.97 ? 38  DG  D H8     1 
ATOM   999  H  H1     . DG  C 3 3  ? -0.478  -11.097 11.503  1.00 93.82  ? 38  DG  D H1     1 
ATOM   1000 H  H21    . DG  C 3 3  ? 2.698   -10.653 10.930  1.00 98.28  ? 38  DG  D H21    1 
ATOM   1001 H  H22    . DG  C 3 3  ? 1.510   -10.150 11.674  1.00 98.28  ? 38  DG  D H22    1 
ATOM   1002 P  P      . DT  C 3 4  ? 5.546   -17.479 7.009   1.00 135.27 ? 39  DT  D P      1 
ATOM   1003 O  OP1    . DT  C 3 4  ? 6.636   -17.802 6.058   1.00 116.82 ? 39  DT  D OP1    1 
ATOM   1004 O  OP2    . DT  C 3 4  ? 4.865   -18.564 7.750   1.00 114.69 ? 39  DT  D OP2    1 
ATOM   1005 O  "O5'"  . DT  C 3 4  ? 6.091   -16.420 8.073   1.00 116.43 ? 39  DT  D "O5'"  1 
ATOM   1006 C  "C5'"  . DT  C 3 4  ? 6.298   -16.806 9.425   1.00 116.67 ? 39  DT  D "C5'"  1 
ATOM   1007 C  "C4'"  . DT  C 3 4  ? 6.338   -15.587 10.320  1.00 118.00 ? 39  DT  D "C4'"  1 
ATOM   1008 O  "O4'"  . DT  C 3 4  ? 4.997   -15.117 10.556  1.00 106.06 ? 39  DT  D "O4'"  1 
ATOM   1009 C  "C3'"  . DT  C 3 4  ? 6.949   -15.815 11.710  1.00 126.25 ? 39  DT  D "C3'"  1 
ATOM   1010 O  "O3'"  . DT  C 3 4  ? 8.145   -15.043 11.842  1.00 137.56 ? 39  DT  D "O3'"  1 
ATOM   1011 C  "C2'"  . DT  C 3 4  ? 5.843   -15.378 12.691  1.00 125.51 ? 39  DT  D "C2'"  1 
ATOM   1012 C  "C1'"  . DT  C 3 4  ? 4.961   -14.509 11.818  1.00 111.45 ? 39  DT  D "C1'"  1 
ATOM   1013 N  N1     . DT  C 3 4  ? 3.545   -14.401 12.236  1.00 100.25 ? 39  DT  D N1     1 
ATOM   1014 C  C2     . DT  C 3 4  ? 3.126   -13.286 12.925  1.00 109.39 ? 39  DT  D C2     1 
ATOM   1015 O  O2     . DT  C 3 4  ? 3.876   -12.386 13.261  1.00 127.70 ? 39  DT  D O2     1 
ATOM   1016 N  N3     . DT  C 3 4  ? 1.791   -13.269 13.225  1.00 90.55  ? 39  DT  D N3     1 
ATOM   1017 C  C4     . DT  C 3 4  ? 0.851   -14.227 12.894  1.00 93.04  ? 39  DT  D C4     1 
ATOM   1018 O  O4     . DT  C 3 4  ? -0.330  -14.122 13.206  1.00 83.77  ? 39  DT  D O4     1 
ATOM   1019 C  C5     . DT  C 3 4  ? 1.358   -15.361 12.155  1.00 104.01 ? 39  DT  D C5     1 
ATOM   1020 C  C7     . DT  C 3 4  ? 0.440   -16.469 11.743  1.00 99.83  ? 39  DT  D C7     1 
ATOM   1021 C  C6     . DT  C 3 4  ? 2.662   -15.387 11.859  1.00 100.37 ? 39  DT  D C6     1 
ATOM   1022 H  "H5'"  . DT  C 3 4  ? 7.139   -17.284 9.497   1.00 139.92 ? 39  DT  D "H5'"  1 
ATOM   1023 H  "H5''" . DT  C 3 4  ? 5.575   -17.386 9.706   1.00 139.92 ? 39  DT  D "H5''" 1 
ATOM   1024 H  "H4'"  . DT  C 3 4  ? 6.839   -14.887 9.871   1.00 141.51 ? 39  DT  D "H4'"  1 
ATOM   1025 H  "H3'"  . DT  C 3 4  ? 7.147   -16.757 11.833  1.00 151.41 ? 39  DT  D "H3'"  1 
ATOM   1026 H  "H2'"  . DT  C 3 4  ? 5.351   -16.146 13.019  1.00 150.52 ? 39  DT  D "H2'"  1 
ATOM   1027 H  "H2''" . DT  C 3 4  ? 6.215   -14.864 13.424  1.00 150.52 ? 39  DT  D "H2''" 1 
ATOM   1028 H  "H1'"  . DT  C 3 4  ? 5.347   -13.620 11.756  1.00 133.65 ? 39  DT  D "H1'"  1 
ATOM   1029 H  H3     . DT  C 3 4  ? 1.505   -12.587 13.663  1.00 108.57 ? 39  DT  D H3     1 
ATOM   1030 H  H71    . DT  C 3 4  ? 0.443   -16.550 10.777  1.00 119.70 ? 39  DT  D H71    1 
ATOM   1031 H  H72    . DT  C 3 4  ? 0.741   -17.302 12.138  1.00 119.70 ? 39  DT  D H72    1 
ATOM   1032 H  H73    . DT  C 3 4  ? -0.461  -16.274 12.048  1.00 119.70 ? 39  DT  D H73    1 
ATOM   1033 H  H6     . DT  C 3 4  ? 2.992   -16.115 11.382  1.00 120.35 ? 39  DT  D H6     1 
ATOM   1034 P  P      . DC  C 3 5  ? 9.347   -15.540 12.784  1.00 154.47 ? 40  DC  D P      1 
ATOM   1035 O  OP1    . DC  C 3 5  ? 10.617  -15.090 12.173  1.00 149.96 ? 40  DC  D OP1    1 
ATOM   1036 O  OP2    . DC  C 3 5  ? 9.137   -16.973 13.083  1.00 155.91 ? 40  DC  D OP2    1 
ATOM   1037 O  "O5'"  . DC  C 3 5  ? 9.110   -14.741 14.142  1.00 141.27 ? 40  DC  D "O5'"  1 
ATOM   1038 C  "C5'"  . DC  C 3 5  ? 8.147   -15.202 15.060  1.00 139.00 ? 40  DC  D "C5'"  1 
ATOM   1039 C  "C4'"  . DC  C 3 5  ? 8.128   -14.325 16.295  1.00 146.45 ? 40  DC  D "C4'"  1 
ATOM   1040 O  "O4'"  . DC  C 3 5  ? 7.065   -13.342 16.167  1.00 141.88 ? 40  DC  D "O4'"  1 
ATOM   1041 C  "C3'"  . DC  C 3 5  ? 7.870   -15.067 17.601  1.00 141.07 ? 40  DC  D "C3'"  1 
ATOM   1042 O  "O3'"  . DC  C 3 5  ? 9.116   -15.377 18.244  1.00 143.57 ? 40  DC  D "O3'"  1 
ATOM   1043 C  "C2'"  . DC  C 3 5  ? 7.018   -14.079 18.397  1.00 134.91 ? 40  DC  D "C2'"  1 
ATOM   1044 C  "C1'"  . DC  C 3 5  ? 6.223   -13.388 17.295  1.00 134.38 ? 40  DC  D "C1'"  1 
ATOM   1045 N  N1     . DC  C 3 5  ? 4.955   -14.083 16.897  1.00 129.19 ? 40  DC  D N1     1 
ATOM   1046 C  C2     . DC  C 3 5  ? 3.727   -13.492 17.203  1.00 121.67 ? 40  DC  D C2     1 
ATOM   1047 O  O2     . DC  C 3 5  ? 3.714   -12.423 17.821  1.00 121.25 ? 40  DC  D O2     1 
ATOM   1048 N  N3     . DC  C 3 5  ? 2.584   -14.118 16.828  1.00 109.04 ? 40  DC  D N3     1 
ATOM   1049 C  C4     . DC  C 3 5  ? 2.642   -15.274 16.163  1.00 106.46 ? 40  DC  D C4     1 
ATOM   1050 N  N4     . DC  C 3 5  ? 1.488   -15.850 15.814  1.00 101.41 ? 40  DC  D N4     1 
ATOM   1051 C  C5     . DC  C 3 5  ? 3.886   -15.886 15.827  1.00 106.60 ? 40  DC  D C5     1 
ATOM   1052 C  C6     . DC  C 3 5  ? 5.007   -15.259 16.203  1.00 120.55 ? 40  DC  D C6     1 
ATOM   1053 P  P      . DG  C 3 6  ? 9.889   -14.275 19.116  1.00 168.07 ? 41  DG  D P      1 
ATOM   1054 O  OP1    . DG  C 3 6  ? 9.969   -13.040 18.305  1.00 157.87 ? 41  DG  D OP1    1 
ATOM   1055 O  OP2    . DG  C 3 6  ? 11.119  -14.915 19.636  1.00 171.87 ? 41  DG  D OP2    1 
ATOM   1056 O  "O5'"  . DG  C 3 6  ? 8.923   -14.041 20.362  1.00 156.47 ? 41  DG  D "O5'"  1 
ATOM   1057 C  "C5'"  . DG  C 3 6  ? 8.733   -12.734 20.875  1.00 149.15 ? 41  DG  D "C5'"  1 
ATOM   1058 C  "C4'"  . DG  C 3 6  ? 7.435   -12.646 21.652  1.00 156.49 ? 41  DG  D "C4'"  1 
ATOM   1059 O  "O4'"  . DG  C 3 6  ? 6.366   -13.183 20.846  1.00 154.10 ? 41  DG  D "O4'"  1 
ATOM   1060 C  "C3'"  . DG  C 3 6  ? 7.439   -13.418 22.965  1.00 139.35 ? 41  DG  D "C3'"  1 
ATOM   1061 O  "O3'"  . DG  C 3 6  ? 7.487   -12.500 24.056  1.00 143.27 ? 41  DG  D "O3'"  1 
ATOM   1062 C  "C2'"  . DG  C 3 6  ? 6.154   -14.260 22.956  1.00 127.81 ? 41  DG  D "C2'"  1 
ATOM   1063 C  "C1'"  . DG  C 3 6  ? 5.488   -13.977 21.609  1.00 131.07 ? 41  DG  D "C1'"  1 
ATOM   1064 N  N9     . DG  C 3 6  ? 5.189   -15.177 20.828  1.00 125.25 ? 41  DG  D N9     1 
ATOM   1065 C  C8     . DG  C 3 6  ? 6.092   -16.075 20.309  1.00 133.15 ? 41  DG  D C8     1 
ATOM   1066 N  N7     . DG  C 3 6  ? 5.536   -17.042 19.630  1.00 128.23 ? 41  DG  D N7     1 
ATOM   1067 C  C5     . DG  C 3 6  ? 4.175   -16.776 19.711  1.00 121.61 ? 41  DG  D C5     1 
ATOM   1068 C  C6     . DG  C 3 6  ? 3.071   -17.485 19.174  1.00 116.35 ? 41  DG  D C6     1 
ATOM   1069 O  O6     . DG  C 3 6  ? 3.082   -18.525 18.499  1.00 126.50 ? 41  DG  D O6     1 
ATOM   1070 N  N1     . DG  C 3 6  ? 1.860   -16.872 19.490  1.00 105.44 ? 41  DG  D N1     1 
ATOM   1071 C  C2     . DG  C 3 6  ? 1.734   -15.720 20.233  1.00 105.49 ? 41  DG  D C2     1 
ATOM   1072 N  N2     . DG  C 3 6  ? 0.485   -15.282 20.443  1.00 99.30  ? 41  DG  D N2     1 
ATOM   1073 N  N3     . DG  C 3 6  ? 2.758   -15.046 20.742  1.00 103.93 ? 41  DG  D N3     1 
ATOM   1074 C  C4     . DG  C 3 6  ? 3.945   -15.628 20.442  1.00 122.15 ? 41  DG  D C4     1 
ATOM   1075 H  "H5'"  . DG  C 3 6  ? 8.709   -12.103 20.139  1.00 178.89 ? 41  DG  D "H5'"  1 
ATOM   1076 H  "H5''" . DG  C 3 6  ? 9.473   -12.511 21.463  1.00 178.89 ? 41  DG  D "H5''" 1 
ATOM   1077 H  "H4'"  . DG  C 3 6  ? 7.246   -11.714 21.839  1.00 187.70 ? 41  DG  D "H4'"  1 
ATOM   1078 H  "H3'"  . DG  C 3 6  ? 8.212   -14.003 22.997  1.00 167.14 ? 41  DG  D "H3'"  1 
ATOM   1079 H  "H2'"  . DG  C 3 6  ? 6.371   -15.203 23.031  1.00 153.28 ? 41  DG  D "H2'"  1 
ATOM   1080 H  "H2''" . DG  C 3 6  ? 5.571   -13.991 23.681  1.00 153.28 ? 41  DG  D "H2''" 1 
ATOM   1081 H  "H1'"  . DG  C 3 6  ? 4.667   -13.485 21.760  1.00 157.20 ? 41  DG  D "H1'"  1 
ATOM   1082 H  H8     . DG  C 3 6  ? 7.012   -15.991 20.415  1.00 159.69 ? 41  DG  D H8     1 
ATOM   1083 H  H1     . DG  C 3 6  ? 1.139   -17.242 19.204  1.00 126.44 ? 41  DG  D H1     1 
ATOM   1084 H  H21    . DG  C 3 6  ? 0.352   -14.568 20.905  1.00 119.07 ? 41  DG  D H21    1 
ATOM   1085 H  H22    . DG  C 3 6  ? -0.183  -15.714 20.116  1.00 119.07 ? 41  DG  D H22    1 
ATOM   1086 P  P      . DT  C 3 7  ? 7.580   -13.018 25.573  1.00 160.79 ? 42  DT  D P      1 
ATOM   1087 O  OP1    . DT  C 3 7  ? 8.057   -11.888 26.403  1.00 144.94 ? 42  DT  D OP1    1 
ATOM   1088 O  OP2    . DT  C 3 7  ? 8.324   -14.296 25.578  1.00 164.69 ? 42  DT  D OP2    1 
ATOM   1089 O  "O5'"  . DT  C 3 7  ? 6.061   -13.322 25.957  1.00 137.33 ? 42  DT  D "O5'"  1 
ATOM   1090 C  "C5'"  . DT  C 3 7  ? 5.065   -12.335 25.731  1.00 130.44 ? 42  DT  D "C5'"  1 
ATOM   1091 C  "C4'"  . DT  C 3 7  ? 3.678   -12.943 25.815  1.00 135.03 ? 42  DT  D "C4'"  1 
ATOM   1092 O  "O4'"  . DT  C 3 7  ? 3.468   -13.827 24.699  1.00 143.18 ? 42  DT  D "O4'"  1 
ATOM   1093 C  "C3'"  . DT  C 3 7  ? 3.431   -13.806 27.046  1.00 137.20 ? 42  DT  D "C3'"  1 
ATOM   1094 O  "O3'"  . DT  C 3 7  ? 2.844   -13.035 28.091  1.00 138.30 ? 42  DT  D "O3'"  1 
ATOM   1095 C  "C2'"  . DT  C 3 7  ? 2.498   -14.920 26.548  1.00 126.61 ? 42  DT  D "C2'"  1 
ATOM   1096 C  "C1'"  . DT  C 3 7  ? 2.436   -14.722 25.033  1.00 130.64 ? 42  DT  D "C1'"  1 
ATOM   1097 N  N1     . DT  C 3 7  ? 2.612   -15.981 24.251  1.00 120.74 ? 42  DT  D N1     1 
ATOM   1098 C  C2     . DT  C 3 7  ? 1.503   -16.607 23.736  1.00 125.56 ? 42  DT  D C2     1 
ATOM   1099 O  O2     . DT  C 3 7  ? 0.369   -16.185 23.885  1.00 129.31 ? 42  DT  D O2     1 
ATOM   1100 N  N3     . DT  C 3 7  ? 1.765   -17.750 23.032  1.00 112.94 ? 42  DT  D N3     1 
ATOM   1101 C  C4     . DT  C 3 7  ? 3.001   -18.320 22.796  1.00 104.53 ? 42  DT  D C4     1 
ATOM   1102 O  O4     . DT  C 3 7  ? 3.135   -19.353 22.148  1.00 119.63 ? 42  DT  D O4     1 
ATOM   1103 C  C5     . DT  C 3 7  ? 4.125   -17.617 23.365  1.00 101.33 ? 42  DT  D C5     1 
ATOM   1104 C  C7     . DT  C 3 7  ? 5.516   -18.145 23.177  1.00 103.23 ? 42  DT  D C7     1 
ATOM   1105 C  C6     . DT  C 3 7  ? 3.882   -16.492 24.058  1.00 109.13 ? 42  DT  D C6     1 
ATOM   1106 H  "H5'"  . DT  C 3 7  ? 5.191   -11.950 24.851  1.00 156.45 ? 42  DT  D "H5'"  1 
ATOM   1107 H  "H5''" . DT  C 3 7  ? 5.148   -11.638 26.400  1.00 156.45 ? 42  DT  D "H5''" 1 
ATOM   1108 H  "H4'"  . DT  C 3 7  ? 3.017   -12.234 25.787  1.00 161.95 ? 42  DT  D "H4'"  1 
ATOM   1109 H  "H3'"  . DT  C 3 7  ? 4.268   -14.190 27.351  1.00 164.55 ? 42  DT  D "H3'"  1 
ATOM   1110 H  "HO3'" . DT  C 3 7  ? 3.237   -12.960 28.829  1.00 165.87 ? 42  DT  D "HO3'" 1 
ATOM   1111 H  "H2'"  . DT  C 3 7  ? 2.868   -15.791 26.760  1.00 151.84 ? 42  DT  D "H2'"  1 
ATOM   1112 H  "H2''" . DT  C 3 7  ? 1.615   -14.822 26.938  1.00 151.84 ? 42  DT  D "H2''" 1 
ATOM   1113 H  "H1'"  . DT  C 3 7  ? 1.582   -14.322 24.800  1.00 156.68 ? 42  DT  D "H1'"  1 
ATOM   1114 H  H3     . DT  C 3 7  ? 1.086   -18.159 22.698  1.00 135.44 ? 42  DT  D H3     1 
ATOM   1115 H  H71    . DT  C 3 7  ? 6.053   -17.485 22.712  1.00 123.79 ? 42  DT  D H71    1 
ATOM   1116 H  H72    . DT  C 3 7  ? 5.911   -18.332 24.042  1.00 123.79 ? 42  DT  D H72    1 
ATOM   1117 H  H73    . DT  C 3 7  ? 5.483   -18.962 22.652  1.00 123.79 ? 42  DT  D H73    1 
ATOM   1118 H  H6     . DT  C 3 7  ? 4.603   -16.035 24.427  1.00 130.87 ? 42  DT  D H6     1 
ATOM   1119 P  P      . DA  D 4 1  ? 8.603   2.862   -3.179  1.00 96.68  ? 1   DA  A P      1 
ATOM   1120 O  OP1    . DA  D 4 1  ? 9.863   2.085   -3.256  1.00 81.98  ? 1   DA  A OP1    1 
ATOM   1121 O  OP2    . DA  D 4 1  ? 7.334   2.241   -3.619  1.00 96.23  ? 1   DA  A OP2    1 
ATOM   1122 O  "O5'"  . DA  D 4 1  ? 8.812   4.190   -4.051  1.00 69.55  ? 1   DA  A "O5'"  1 
ATOM   1123 C  "C5'"  . DA  D 4 1  ? 9.627   5.253   -3.552  1.00 92.70  ? 1   DA  A "C5'"  1 
ATOM   1124 C  "C4'"  . DA  D 4 1  ? 8.791   6.478   -3.237  1.00 88.80  ? 1   DA  A "C4'"  1 
ATOM   1125 O  "O4'"  . DA  D 4 1  ? 8.198   6.999   -4.451  1.00 62.86  ? 1   DA  A "O4'"  1 
ATOM   1126 C  "C3'"  . DA  D 4 1  ? 7.629   6.206   -2.314  1.00 82.01  ? 1   DA  A "C3'"  1 
ATOM   1127 O  "O3'"  . DA  D 4 1  ? 8.031   6.311   -0.972  1.00 66.17  ? 1   DA  A "O3'"  1 
ATOM   1128 C  "C2'"  . DA  D 4 1  ? 6.612   7.266   -2.714  1.00 61.75  ? 1   DA  A "C2'"  1 
ATOM   1129 C  "C1'"  . DA  D 4 1  ? 6.873   7.442   -4.203  1.00 54.82  ? 1   DA  A "C1'"  1 
ATOM   1130 N  N9     . DA  D 4 1  ? 5.977   6.679   -5.058  1.00 54.21  ? 1   DA  A N9     1 
ATOM   1131 C  C8     . DA  D 4 1  ? 6.330   5.679   -5.921  1.00 62.95  ? 1   DA  A C8     1 
ATOM   1132 N  N7     . DA  D 4 1  ? 5.320   5.168   -6.583  1.00 56.13  ? 1   DA  A N7     1 
ATOM   1133 C  C5     . DA  D 4 1  ? 4.227   5.879   -6.119  1.00 56.69  ? 1   DA  A C5     1 
ATOM   1134 C  C6     . DA  D 4 1  ? 2.858   5.811   -6.429  1.00 54.69  ? 1   DA  A C6     1 
ATOM   1135 N  N6     . DA  D 4 1  ? 2.354   4.952   -7.321  1.00 57.22  ? 1   DA  A N6     1 
ATOM   1136 N  N1     . DA  D 4 1  ? 2.027   6.666   -5.795  1.00 53.73  ? 1   DA  A N1     1 
ATOM   1137 C  C2     . DA  D 4 1  ? 2.544   7.527   -4.910  1.00 66.06  ? 1   DA  A C2     1 
ATOM   1138 N  N3     . DA  D 4 1  ? 3.815   7.681   -4.530  1.00 54.68  ? 1   DA  A N3     1 
ATOM   1139 C  C4     . DA  D 4 1  ? 4.612   6.816   -5.178  1.00 56.98  ? 1   DA  A C4     1 
ATOM   1140 H  "H5'"  . DA  D 4 1  ? 10.292  5.484   -4.220  1.00 111.15 ? 1   DA  A "H5'"  1 
ATOM   1141 H  "H5''" . DA  D 4 1  ? 10.075  4.958   -2.745  1.00 111.15 ? 1   DA  A "H5''" 1 
ATOM   1142 H  "H4'"  . DA  D 4 1  ? 9.359   7.158   -2.842  1.00 106.48 ? 1   DA  A "H4'"  1 
ATOM   1143 H  "H3'"  . DA  D 4 1  ? 7.269   5.321   -2.485  1.00 98.33  ? 1   DA  A "H3'"  1 
ATOM   1144 H  "H2'"  . DA  D 4 1  ? 5.709   6.950   -2.559  1.00 74.02  ? 1   DA  A "H2'"  1 
ATOM   1145 H  "H2''" . DA  D 4 1  ? 6.775   8.094   -2.236  1.00 74.02  ? 1   DA  A "H2''" 1 
ATOM   1146 H  "H1'"  . DA  D 4 1  ? 6.804   8.383   -4.429  1.00 65.70  ? 1   DA  A "H1'"  1 
ATOM   1147 H  H8     . DA  D 4 1  ? 7.206   5.387   -6.028  1.00 75.45  ? 1   DA  A H8     1 
ATOM   1148 H  H61    . DA  D 4 1  ? 1.509   4.949   -7.485  1.00 68.57  ? 1   DA  A H61    1 
ATOM   1149 H  H62    . DA  D 4 1  ? 2.873   4.403   -7.731  1.00 68.57  ? 1   DA  A H62    1 
ATOM   1150 H  H2     . DA  D 4 1  ? 1.931   8.094   -4.499  1.00 79.18  ? 1   DA  A H2     1 
ATOM   1151 P  P      . DC  D 4 2  ? 7.338   5.375   0.122   1.00 85.38  ? 2   DC  A P      1 
ATOM   1152 O  OP1    . DC  D 4 2  ? 8.116   5.480   1.377   1.00 107.69 ? 2   DC  A OP1    1 
ATOM   1153 O  OP2    . DC  D 4 2  ? 7.118   4.058   -0.512  1.00 87.65  ? 2   DC  A OP2    1 
ATOM   1154 O  "O5'"  . DC  D 4 2  ? 5.912   6.052   0.330   1.00 61.13  ? 2   DC  A "O5'"  1 
ATOM   1155 C  "C5'"  . DC  D 4 2  ? 5.828   7.343   0.903   1.00 69.45  ? 2   DC  A "C5'"  1 
ATOM   1156 C  "C4'"  . DC  D 4 2  ? 4.413   7.859   0.823   1.00 84.19  ? 2   DC  A "C4'"  1 
ATOM   1157 O  "O4'"  . DC  D 4 2  ? 3.945   7.737   -0.536  1.00 81.83  ? 2   DC  A "O4'"  1 
ATOM   1158 C  "C3'"  . DC  D 4 2  ? 3.421   7.086   1.668   1.00 75.82  ? 2   DC  A "C3'"  1 
ATOM   1159 O  "O3'"  . DC  D 4 2  ? 3.295   7.681   2.949   1.00 87.17  ? 2   DC  A "O3'"  1 
ATOM   1160 C  "C2'"  . DC  D 4 2  ? 2.121   7.149   0.872   1.00 80.40  ? 2   DC  A "C2'"  1 
ATOM   1161 C  "C1'"  . DC  D 4 2  ? 2.559   7.461   -0.558  1.00 74.88  ? 2   DC  A "C1'"  1 
ATOM   1162 N  N1     . DC  D 4 2  ? 2.322   6.359   -1.535  1.00 65.66  ? 2   DC  A N1     1 
ATOM   1163 C  C2     . DC  D 4 2  ? 1.047   6.183   -2.086  1.00 68.40  ? 2   DC  A C2     1 
ATOM   1164 O  O2     . DC  D 4 2  ? 0.126   6.928   -1.727  1.00 68.96  ? 2   DC  A O2     1 
ATOM   1165 N  N3     . DC  D 4 2  ? 0.856   5.194   -2.993  1.00 63.61  ? 2   DC  A N3     1 
ATOM   1166 C  C4     . DC  D 4 2  ? 1.874   4.414   -3.359  1.00 61.70  ? 2   DC  A C4     1 
ATOM   1167 N  N4     . DC  D 4 2  ? 1.633   3.453   -4.257  1.00 62.51  ? 2   DC  A N4     1 
ATOM   1168 C  C5     . DC  D 4 2  ? 3.182   4.584   -2.817  1.00 69.53  ? 2   DC  A C5     1 
ATOM   1169 C  C6     . DC  D 4 2  ? 3.360   5.562   -1.921  1.00 72.49  ? 2   DC  A C6     1 
ATOM   1170 H  "H5'"  . DC  D 4 2  ? 6.417   7.945   0.424   1.00 83.26  ? 2   DC  A "H5'"  1 
ATOM   1171 H  "H5''" . DC  D 4 2  ? 6.101   7.298   1.833   1.00 83.26  ? 2   DC  A "H5''" 1 
ATOM   1172 H  "H4'"  . DC  D 4 2  ? 4.397   8.793   1.084   1.00 100.94 ? 2   DC  A "H4'"  1 
ATOM   1173 H  "H3'"  . DC  D 4 2  ? 3.711   6.164   1.757   1.00 90.90  ? 2   DC  A "H3'"  1 
ATOM   1174 H  "H2'"  . DC  D 4 2  ? 1.661   6.295   0.906   1.00 96.40  ? 2   DC  A "H2'"  1 
ATOM   1175 H  "H2''" . DC  D 4 2  ? 1.550   7.855   1.212   1.00 96.40  ? 2   DC  A "H2''" 1 
ATOM   1176 H  "H1'"  . DC  D 4 2  ? 2.088   8.253   -0.862  1.00 89.77  ? 2   DC  A "H1'"  1 
ATOM   1177 H  H41    . DC  D 4 2  ? 2.271   2.935   -4.512  1.00 74.92  ? 2   DC  A H41    1 
ATOM   1178 H  H42    . DC  D 4 2  ? 0.842   3.354   -4.579  1.00 74.92  ? 2   DC  A H42    1 
ATOM   1179 H  H5     . DC  D 4 2  ? 3.886   4.036   -3.078  1.00 83.35  ? 2   DC  A H5     1 
ATOM   1180 H  H6     . DC  D 4 2  ? 4.203   5.699   -1.554  1.00 86.90  ? 2   DC  A H6     1 
ATOM   1181 P  P      . DG  D 4 3  ? 2.538   6.896   4.125   1.00 121.05 ? 3   DG  A P      1 
ATOM   1182 O  OP1    . DG  D 4 3  ? 2.451   7.801   5.294   1.00 117.09 ? 3   DG  A OP1    1 
ATOM   1183 O  OP2    . DG  D 4 3  ? 3.177   5.569   4.263   1.00 98.26  ? 3   DG  A OP2    1 
ATOM   1184 O  "O5'"  . DG  D 4 3  ? 1.075   6.652   3.535   1.00 87.31  ? 3   DG  A "O5'"  1 
ATOM   1185 C  "C5'"  . DG  D 4 3  ? 0.112   7.696   3.543   1.00 91.64  ? 3   DG  A "C5'"  1 
ATOM   1186 C  "C4'"  . DG  D 4 3  ? -1.193  7.204   2.951   1.00 105.61 ? 3   DG  A "C4'"  1 
ATOM   1187 O  "O4'"  . DG  D 4 3  ? -0.919  6.579   1.678   1.00 89.63  ? 3   DG  A "O4'"  1 
ATOM   1188 C  "C3'"  . DG  D 4 3  ? -1.912  6.156   3.804   1.00 103.14 ? 3   DG  A "C3'"  1 
ATOM   1189 O  "O3'"  . DG  D 4 3  ? -3.132  6.680   4.323   1.00 102.37 ? 3   DG  A "O3'"  1 
ATOM   1190 C  "C2'"  . DG  D 4 3  ? -2.145  4.961   2.867   1.00 78.09  ? 3   DG  A "C2'"  1 
ATOM   1191 C  "C1'"  . DG  D 4 3  ? -1.768  5.478   1.485   1.00 75.21  ? 3   DG  A "C1'"  1 
ATOM   1192 N  N9     . DG  D 4 3  ? -1.063  4.501   0.653   1.00 80.39  ? 3   DG  A N9     1 
ATOM   1193 C  C8     . DG  D 4 3  ? 0.270   4.174   0.712   1.00 77.33  ? 3   DG  A C8     1 
ATOM   1194 N  N7     . DG  D 4 3  ? 0.627   3.278   -0.165  1.00 65.92  ? 3   DG  A N7     1 
ATOM   1195 C  C5     . DG  D 4 3  ? -0.543  2.989   -0.851  1.00 63.00  ? 3   DG  A C5     1 
ATOM   1196 C  C6     . DG  D 4 3  ? -0.770  2.091   -1.916  1.00 74.29  ? 3   DG  A C6     1 
ATOM   1197 O  O6     . DG  D 4 3  ? 0.045   1.345   -2.479  1.00 70.80  ? 3   DG  A O6     1 
ATOM   1198 N  N1     . DG  D 4 3  ? -2.101  2.105   -2.325  1.00 73.80  ? 3   DG  A N1     1 
ATOM   1199 C  C2     . DG  D 4 3  ? -3.085  2.890   -1.770  1.00 75.97  ? 3   DG  A C2     1 
ATOM   1200 N  N2     . DG  D 4 3  ? -4.311  2.764   -2.291  1.00 74.32  ? 3   DG  A N2     1 
ATOM   1201 N  N3     . DG  D 4 3  ? -2.884  3.737   -0.770  1.00 64.83  ? 3   DG  A N3     1 
ATOM   1202 C  C4     . DG  D 4 3  ? -1.593  3.735   -0.362  1.00 68.68  ? 3   DG  A C4     1 
ATOM   1203 H  "H5'"  . DG  D 4 3  ? 0.442   8.442   3.018   1.00 109.88 ? 3   DG  A "H5'"  1 
ATOM   1204 H  "H5''" . DG  D 4 3  ? -0.038  7.987   4.456   1.00 109.88 ? 3   DG  A "H5''" 1 
ATOM   1205 H  "H4'"  . DG  D 4 3  ? -1.784  7.961   2.813   1.00 126.65 ? 3   DG  A "H4'"  1 
ATOM   1206 H  "H3'"  . DG  D 4 3  ? -1.338  5.885   4.536   1.00 123.68 ? 3   DG  A "H3'"  1 
ATOM   1207 H  "H2'"  . DG  D 4 3  ? -1.573  4.219   3.117   1.00 93.62  ? 3   DG  A "H2'"  1 
ATOM   1208 H  "H2''" . DG  D 4 3  ? -3.077  4.693   2.885   1.00 93.62  ? 3   DG  A "H2''" 1 
ATOM   1209 H  "H1'"  . DG  D 4 3  ? -2.570  5.771   1.024   1.00 90.17  ? 3   DG  A "H1'"  1 
ATOM   1210 H  H8     . DG  D 4 3  ? 0.861   4.557   1.318   1.00 92.71  ? 3   DG  A H8     1 
ATOM   1211 H  H1     . DG  D 4 3  ? -2.326  1.580   -2.967  1.00 88.47  ? 3   DG  A H1     1 
ATOM   1212 H  H21    . DG  D 4 3  ? -4.962  3.230   -1.978  1.00 89.10  ? 3   DG  A H21    1 
ATOM   1213 H  H22    . DG  D 4 3  ? -4.448  2.216   -2.940  1.00 89.10  ? 3   DG  A H22    1 
ATOM   1214 P  P      . DT  D 4 4  ? -3.974  5.836   5.400   1.00 120.73 ? 4   DT  A P      1 
ATOM   1215 O  OP1    . DT  D 4 4  ? -4.817  6.788   6.158   1.00 107.47 ? 4   DT  A OP1    1 
ATOM   1216 O  OP2    . DT  D 4 4  ? -3.024  4.960   6.121   1.00 106.01 ? 4   DT  A OP2    1 
ATOM   1217 O  "O5'"  . DT  D 4 4  ? -4.916  4.901   4.502   1.00 120.73 ? 4   DT  A "O5'"  1 
ATOM   1218 C  "C5'"  . DT  D 4 4  ? -6.025  5.466   3.810   1.00 92.14  ? 4   DT  A "C5'"  1 
ATOM   1219 C  "C4'"  . DT  D 4 4  ? -6.670  4.451   2.878   1.00 84.14  ? 4   DT  A "C4'"  1 
ATOM   1220 O  "O4'"  . DT  D 4 4  ? -5.659  3.811   2.072   1.00 83.15  ? 4   DT  A "O4'"  1 
ATOM   1221 C  "C3'"  . DT  D 4 4  ? -7.411  3.308   3.577   1.00 97.47  ? 4   DT  A "C3'"  1 
ATOM   1222 O  "O3'"  . DT  D 4 4  ? -8.821  3.523   3.534   1.00 102.00 ? 4   DT  A "O3'"  1 
ATOM   1223 C  "C2'"  . DT  D 4 4  ? -6.991  2.044   2.804   1.00 92.44  ? 4   DT  A "C2'"  1 
ATOM   1224 C  "C1'"  . DT  D 4 4  ? -6.173  2.579   1.637   1.00 88.12  ? 4   DT  A "C1'"  1 
ATOM   1225 N  N1     . DT  D 4 4  ? -5.035  1.692   1.212   1.00 85.96  ? 4   DT  A N1     1 
ATOM   1226 C  C2     . DT  D 4 4  ? -5.242  0.761   0.217   1.00 84.27  ? 4   DT  A C2     1 
ATOM   1227 O  O2     . DT  D 4 4  ? -6.313  0.607   -0.341  1.00 91.55  ? 4   DT  A O2     1 
ATOM   1228 N  N3     . DT  D 4 4  ? -4.141  0.009   -0.104  1.00 71.34  ? 4   DT  A N3     1 
ATOM   1229 C  C4     . DT  D 4 4  ? -2.880  0.097   0.453   1.00 85.96  ? 4   DT  A C4     1 
ATOM   1230 O  O4     . DT  D 4 4  ? -1.952  -0.624  0.094   1.00 83.63  ? 4   DT  A O4     1 
ATOM   1231 C  C5     . DT  D 4 4  ? -2.729  1.093   1.488   1.00 86.06  ? 4   DT  A C5     1 
ATOM   1232 C  C7     . DT  D 4 4  ? -1.405  1.277   2.169   1.00 86.64  ? 4   DT  A C7     1 
ATOM   1233 C  C6     . DT  D 4 4  ? -3.801  1.835   1.814   1.00 84.43  ? 4   DT  A C6     1 
ATOM   1234 H  "H5'"  . DT  D 4 4  ? -5.723  6.226   3.291   1.00 110.48 ? 4   DT  A "H5'"  1 
ATOM   1235 H  "H5''" . DT  D 4 4  ? -6.684  5.765   4.457   1.00 110.48 ? 4   DT  A "H5''" 1 
ATOM   1236 H  "H4'"  . DT  D 4 4  ? -7.290  4.915   2.293   1.00 100.88 ? 4   DT  A "H4'"  1 
ATOM   1237 H  "H3'"  . DT  D 4 4  ? -7.117  3.242   4.498   1.00 116.88 ? 4   DT  A "H3'"  1 
ATOM   1238 H  "H2'"  . DT  D 4 4  ? -6.446  1.469   3.365   1.00 110.84 ? 4   DT  A "H2'"  1 
ATOM   1239 H  "H2''" . DT  D 4 4  ? -7.771  1.567   2.482   1.00 110.84 ? 4   DT  A "H2''" 1 
ATOM   1240 H  "H1'"  . DT  D 4 4  ? -6.760  2.729   0.879   1.00 105.65 ? 4   DT  A "H1'"  1 
ATOM   1241 H  H3     . DT  D 4 4  ? -4.247  -0.580  -0.721  1.00 85.52  ? 4   DT  A H3     1 
ATOM   1242 H  H71    . DT  D 4 4  ? -1.092  2.184   2.029   1.00 103.89 ? 4   DT  A H71    1 
ATOM   1243 H  H72    . DT  D 4 4  ? -1.506  1.113   3.120   1.00 103.89 ? 4   DT  A H72    1 
ATOM   1244 H  H73    . DT  D 4 4  ? -0.762  0.652   1.800   1.00 103.89 ? 4   DT  A H73    1 
ATOM   1245 H  H6     . DT  D 4 4  ? -3.706  2.480   2.477   1.00 101.23 ? 4   DT  A H6     1 
ATOM   1246 P  P      . DC  D 4 5  ? -9.814  2.573   4.366   1.00 105.98 ? 5   DC  A P      1 
ATOM   1247 O  OP1    . DC  D 4 5  ? -11.177 3.138   4.266   1.00 86.59  ? 5   DC  A OP1    1 
ATOM   1248 O  OP2    . DC  D 4 5  ? -9.218  2.338   5.700   1.00 105.98 ? 5   DC  A OP2    1 
ATOM   1249 O  "O5'"  . DC  D 4 5  ? -9.802  1.202   3.546   1.00 84.45  ? 5   DC  A "O5'"  1 
ATOM   1250 C  "C5'"  . DC  D 4 5  ? -10.521 1.114   2.331   1.00 70.07  ? 5   DC  A "C5'"  1 
ATOM   1251 C  "C4'"  . DC  D 4 5  ? -10.286 -0.219  1.647   1.00 87.63  ? 5   DC  A "C4'"  1 
ATOM   1252 O  "O4'"  . DC  D 4 5  ? -8.870  -0.474  1.556   1.00 93.73  ? 5   DC  A "O4'"  1 
ATOM   1253 C  "C3'"  . DC  D 4 5  ? -10.885 -1.439  2.361   1.00 77.76  ? 5   DC  A "C3'"  1 
ATOM   1254 O  "O3'"  . DC  D 4 5  ? -11.787 -2.105  1.489   1.00 65.01  ? 5   DC  A "O3'"  1 
ATOM   1255 C  "C2'"  . DC  D 4 5  ? -9.665  -2.303  2.727   1.00 80.85  ? 5   DC  A "C2'"  1 
ATOM   1256 C  "C1'"  . DC  D 4 5  ? -8.650  -1.853  1.699   1.00 76.55  ? 5   DC  A "C1'"  1 
ATOM   1257 N  N1     . DC  D 4 5  ? -7.218  -2.041  2.049   1.00 75.21  ? 5   DC  A N1     1 
ATOM   1258 C  C2     . DC  D 4 5  ? -6.464  -3.011  1.380   1.00 69.16  ? 5   DC  A C2     1 
ATOM   1259 O  O2     . DC  D 4 5  ? -7.018  -3.742  0.552   1.00 70.61  ? 5   DC  A O2     1 
ATOM   1260 N  N3     . DC  D 4 5  ? -5.145  -3.135  1.671   1.00 74.21  ? 5   DC  A N3     1 
ATOM   1261 C  C4     . DC  D 4 5  ? -4.581  -2.327  2.570   1.00 79.80  ? 5   DC  A C4     1 
ATOM   1262 N  N4     . DC  D 4 5  ? -3.277  -2.486  2.824   1.00 77.30  ? 5   DC  A N4     1 
ATOM   1263 C  C5     . DC  D 4 5  ? -5.329  -1.319  3.247   1.00 82.20  ? 5   DC  A C5     1 
ATOM   1264 C  C6     . DC  D 4 5  ? -6.628  -1.206  2.949   1.00 79.49  ? 5   DC  A C6     1 
ATOM   1265 H  "H5'"  . DC  D 4 5  ? -10.235 1.828   1.740   1.00 84.00  ? 5   DC  A "H5'"  1 
ATOM   1266 H  "H5''" . DC  D 4 5  ? -11.468 1.215   2.515   1.00 84.00  ? 5   DC  A "H5''" 1 
ATOM   1267 H  "H4'"  . DC  D 4 5  ? -10.653 -0.176  0.750   1.00 105.07 ? 5   DC  A "H4'"  1 
ATOM   1268 H  "H3'"  . DC  D 4 5  ? -11.347 -1.159  3.167   1.00 93.22  ? 5   DC  A "H3'"  1 
ATOM   1269 H  "H2'"  . DC  D 4 5  ? -9.357  -2.107  3.626   1.00 96.93  ? 5   DC  A "H2'"  1 
ATOM   1270 H  "H2''" . DC  D 4 5  ? -9.865  -3.246  2.625   1.00 96.93  ? 5   DC  A "H2''" 1 
ATOM   1271 H  "H1'"  . DC  D 4 5  ? -8.833  -2.295  0.854   1.00 91.77  ? 5   DC  A "H1'"  1 
ATOM   1272 H  H41    . DC  D 4 5  ? -2.886  -1.979  3.399   1.00 92.68  ? 5   DC  A H41    1 
ATOM   1273 H  H42    . DC  D 4 5  ? -2.830  -3.094  2.412   1.00 92.68  ? 5   DC  A H42    1 
ATOM   1274 H  H5     . DC  D 4 5  ? -4.928  -0.759  3.873   1.00 98.55  ? 5   DC  A H5     1 
ATOM   1275 H  H6     . DC  D 4 5  ? -7.140  -0.556  3.374   1.00 95.30  ? 5   DC  A H6     1 
ATOM   1276 P  P      . DT  D 4 6  ? -12.600 -3.393  1.985   1.00 79.86  ? 6   DT  A P      1 
ATOM   1277 O  OP1    . DT  D 4 6  ? -13.784 -3.573  1.116   1.00 52.98  ? 6   DT  A OP1    1 
ATOM   1278 O  OP2    . DT  D 4 6  ? -12.763 -3.270  3.450   1.00 74.39  ? 6   DT  A OP2    1 
ATOM   1279 O  "O5'"  . DT  D 4 6  ? -11.599 -4.589  1.690   1.00 56.39  ? 6   DT  A "O5'"  1 
ATOM   1280 C  "C5'"  . DT  D 4 6  ? -11.919 -5.895  2.106   1.00 72.12  ? 6   DT  A "C5'"  1 
ATOM   1281 C  "C4'"  . DT  D 4 6  ? -10.841 -6.852  1.674   1.00 74.11  ? 6   DT  A "C4'"  1 
ATOM   1282 O  "O4'"  . DT  D 4 6  ? -9.558  -6.253  1.910   1.00 70.04  ? 6   DT  A "O4'"  1 
ATOM   1283 C  "C3'"  . DT  D 4 6  ? -10.798 -8.171  2.432   1.00 71.52  ? 6   DT  A "C3'"  1 
ATOM   1284 O  "O3'"  . DT  D 4 6  ? -11.429 -9.184  1.692   1.00 45.82  ? 6   DT  A "O3'"  1 
ATOM   1285 C  "C2'"  . DT  D 4 6  ? -9.299  -8.446  2.631   1.00 69.01  ? 6   DT  A "C2'"  1 
ATOM   1286 C  "C1'"  . DT  D 4 6  ? -8.614  -7.279  1.943   1.00 55.58  ? 6   DT  A "C1'"  1 
ATOM   1287 N  N1     . DT  D 4 6  ? -7.400  -6.778  2.629   1.00 65.50  ? 6   DT  A N1     1 
ATOM   1288 C  C2     . DT  D 4 6  ? -6.173  -7.287  2.273   1.00 74.84  ? 6   DT  A C2     1 
ATOM   1289 O  O2     . DT  D 4 6  ? -6.029  -8.159  1.434   1.00 79.88  ? 6   DT  A O2     1 
ATOM   1290 N  N3     . DT  D 4 6  ? -5.113  -6.741  2.945   1.00 61.44  ? 6   DT  A N3     1 
ATOM   1291 C  C4     . DT  D 4 6  ? -5.156  -5.749  3.904   1.00 68.25  ? 6   DT  A C4     1 
ATOM   1292 O  O4     . DT  D 4 6  ? -4.144  -5.321  4.453   1.00 67.72  ? 6   DT  A O4     1 
ATOM   1293 C  C5     . DT  D 4 6  ? -6.474  -5.254  4.225   1.00 68.34  ? 6   DT  A C5     1 
ATOM   1294 C  C7     . DT  D 4 6  ? -6.643  -4.177  5.255   1.00 61.11  ? 6   DT  A C7     1 
ATOM   1295 C  C6     . DT  D 4 6  ? -7.522  -5.783  3.575   1.00 72.64  ? 6   DT  A C6     1 
ATOM   1296 H  "H5'"  . DT  D 4 6  ? -12.763 -6.160  1.710   1.00 86.45  ? 6   DT  A "H5'"  1 
ATOM   1297 H  "H5''" . DT  D 4 6  ? -11.997 -5.913  3.073   1.00 86.45  ? 6   DT  A "H5''" 1 
ATOM   1298 H  "H4'"  . DT  D 4 6  ? -10.937 -7.034  0.726   1.00 88.85  ? 6   DT  A "H4'"  1 
ATOM   1299 H  "H3'"  . DT  D 4 6  ? -11.233 -8.071  3.294   1.00 85.73  ? 6   DT  A "H3'"  1 
ATOM   1300 H  "HO3'" . DT  D 4 6  ? -10.997 -9.866  1.460   1.00 54.90  ? 6   DT  A "HO3'" 1 
ATOM   1301 H  "H2'"  . DT  D 4 6  ? -9.078  -8.460  3.576   1.00 82.73  ? 6   DT  A "H2'"  1 
ATOM   1302 H  "H2''" . DT  D 4 6  ? -9.048  -9.283  2.210   1.00 82.73  ? 6   DT  A "H2''" 1 
ATOM   1303 H  "H1'"  . DT  D 4 6  ? -8.386  -7.533  1.035   1.00 66.61  ? 6   DT  A "H1'"  1 
ATOM   1304 H  H3     . DT  D 4 6  ? -4.334  -7.047  2.744   1.00 73.64  ? 6   DT  A H3     1 
ATOM   1305 H  H71    . DT  D 4 6  ? -7.064  -3.403  4.848   1.00 73.24  ? 6   DT  A H71    1 
ATOM   1306 H  H72    . DT  D 4 6  ? -7.202  -4.505  5.977   1.00 73.24  ? 6   DT  A H72    1 
ATOM   1307 H  H73    . DT  D 4 6  ? -5.775  -3.926  5.606   1.00 73.24  ? 6   DT  A H73    1 
ATOM   1308 H  H6     . DT  D 4 6  ? -8.371  -5.463  3.772   1.00 87.08  ? 6   DT  A H6     1 
HETATM 1309 AS AS     . CAC E 5 .  ? 2.882   3.316   -11.482 1.00 120.93 ? 101 CAC C AS     1 
HETATM 1310 AS AS     . CAC F 5 .  ? 4.917   1.117   0.022   1.00 179.80 ? 101 CAC A AS     1 
# 
loop_
_pdbx_poly_seq_scheme.asym_id 
_pdbx_poly_seq_scheme.entity_id 
_pdbx_poly_seq_scheme.seq_id 
_pdbx_poly_seq_scheme.mon_id 
_pdbx_poly_seq_scheme.ndb_seq_num 
_pdbx_poly_seq_scheme.pdb_seq_num 
_pdbx_poly_seq_scheme.auth_seq_num 
_pdbx_poly_seq_scheme.pdb_mon_id 
_pdbx_poly_seq_scheme.auth_mon_id 
_pdbx_poly_seq_scheme.pdb_strand_id 
_pdbx_poly_seq_scheme.pdb_ins_code 
_pdbx_poly_seq_scheme.hetero 
A 1 1  DG 1  7  7  DG DG B . n 
A 1 2  DA 2  8  8  DA DA B . n 
A 1 3  DA 3  9  9  DA DA B . n 
A 1 4  DC 4  10 10 DC DC B . n 
A 1 5  DG 5  11 11 DG DG B . n 
A 1 6  DA 6  12 12 DA DA B . n 
A 1 7  DC 7  13 13 DC DC B . n 
A 1 8  DA 8  14 14 DA DA B . n 
A 1 9  DG 9  15 15 DG DG B . n 
A 1 10 DA 10 16 16 DA DA B . n 
A 1 11 DG 11 17 17 DG DG B . n 
A 1 12 DA 12 18 18 DA DA B . n 
A 1 13 DC 13 19 19 DC DC B . n 
A 1 14 DG 14 20 20 DG DG B . n 
A 1 15 DT 15 21 21 DT DT B . n 
A 1 16 DC 16 22 22 DC DC B . n 
A 1 17 DG 17 23 23 DG DG B . n 
A 1 18 DA 18 24 24 DA DA B . n 
A 1 19 DC 19 25 25 DC DC B . n 
A 1 20 DT 20 26 26 DT DT B . n 
A 1 21 DC 21 27 27 DC DC B . n 
B 2 1  DT 1  28 28 DT DT C . n 
B 2 2  DC 2  29 29 DC DC C . n 
B 2 3  DG 3  30 30 DG DG C . n 
B 2 4  DA 4  31 31 DA DA C . n 
B 2 5  DG 5  32 32 DG DG C . n 
B 2 6  DT 6  33 33 DT DT C . n 
B 2 7  DC 7  34 34 DC DC C . n 
B 2 8  DG 8  35 35 DG DG C . n 
C 3 1  DC 1  36 36 DC DC D . n 
C 3 2  DT 2  37 37 DT DT D . n 
C 3 3  DG 3  38 38 DG DG D . n 
C 3 4  DT 4  39 39 DT DT D . n 
C 3 5  DC 5  40 40 DC DC D . n 
C 3 6  DG 6  41 41 DG DG D . n 
C 3 7  DT 7  42 42 DT DT D . n 
D 4 1  DA 1  1  1  DA DA A . n 
D 4 2  DC 2  2  2  DC DC A . n 
D 4 3  DG 3  3  3  DG DG A . n 
D 4 4  DT 4  4  4  DT DT A . n 
D 4 5  DC 5  5  5  DC DC A . n 
D 4 6  DT 6  6  6  DT DT A . n 
# 
loop_
_pdbx_nonpoly_scheme.asym_id 
_pdbx_nonpoly_scheme.entity_id 
_pdbx_nonpoly_scheme.mon_id 
_pdbx_nonpoly_scheme.ndb_seq_num 
_pdbx_nonpoly_scheme.pdb_seq_num 
_pdbx_nonpoly_scheme.auth_seq_num 
_pdbx_nonpoly_scheme.pdb_mon_id 
_pdbx_nonpoly_scheme.auth_mon_id 
_pdbx_nonpoly_scheme.pdb_strand_id 
_pdbx_nonpoly_scheme.pdb_ins_code 
E 5 CAC 1 101 1 CAC AS C . 
F 5 CAC 1 101 2 CAC AS A . 
# 
_pdbx_struct_assembly.id                   1 
_pdbx_struct_assembly.details              author_defined_assembly 
_pdbx_struct_assembly.method_details       ? 
_pdbx_struct_assembly.oligomeric_details   tetrameric 
_pdbx_struct_assembly.oligomeric_count     4 
# 
_pdbx_struct_assembly_gen.assembly_id       1 
_pdbx_struct_assembly_gen.oper_expression   1 
_pdbx_struct_assembly_gen.asym_id_list      A,B,C,D,E,F 
# 
_pdbx_struct_oper_list.id                   1 
_pdbx_struct_oper_list.type                 'identity operation' 
_pdbx_struct_oper_list.name                 1_555 
_pdbx_struct_oper_list.symmetry_operation   x,y,z 
_pdbx_struct_oper_list.matrix[1][1]         1.0000000000 
_pdbx_struct_oper_list.matrix[1][2]         0.0000000000 
_pdbx_struct_oper_list.matrix[1][3]         0.0000000000 
_pdbx_struct_oper_list.vector[1]            0.0000000000 
_pdbx_struct_oper_list.matrix[2][1]         0.0000000000 
_pdbx_struct_oper_list.matrix[2][2]         1.0000000000 
_pdbx_struct_oper_list.matrix[2][3]         0.0000000000 
_pdbx_struct_oper_list.vector[2]            0.0000000000 
_pdbx_struct_oper_list.matrix[3][1]         0.0000000000 
_pdbx_struct_oper_list.matrix[3][2]         0.0000000000 
_pdbx_struct_oper_list.matrix[3][3]         1.0000000000 
_pdbx_struct_oper_list.vector[3]            0.0000000000 
# 
loop_
_pdbx_audit_revision_history.ordinal 
_pdbx_audit_revision_history.data_content_type 
_pdbx_audit_revision_history.major_revision 
_pdbx_audit_revision_history.minor_revision 
_pdbx_audit_revision_history.revision_date 
1 'Structure model' 1 0 2021-07-14 
2 'Structure model' 1 1 2022-07-06 
3 'Structure model' 1 2 2023-10-18 
# 
_pdbx_audit_revision_details.ordinal             1 
_pdbx_audit_revision_details.revision_ordinal    1 
_pdbx_audit_revision_details.data_content_type   'Structure model' 
_pdbx_audit_revision_details.provider            repository 
_pdbx_audit_revision_details.type                'Initial release' 
_pdbx_audit_revision_details.description         ? 
_pdbx_audit_revision_details.details             ? 
# 
loop_
_pdbx_audit_revision_group.ordinal 
_pdbx_audit_revision_group.revision_ordinal 
_pdbx_audit_revision_group.data_content_type 
_pdbx_audit_revision_group.group 
1 2 'Structure model' 'Database references'    
2 3 'Structure model' 'Data collection'        
3 3 'Structure model' 'Refinement description' 
# 
loop_
_pdbx_audit_revision_category.ordinal 
_pdbx_audit_revision_category.revision_ordinal 
_pdbx_audit_revision_category.data_content_type 
_pdbx_audit_revision_category.category 
1 2 'Structure model' citation                      
2 2 'Structure model' citation_author               
3 2 'Structure model' database_2                    
4 3 'Structure model' chem_comp_atom                
5 3 'Structure model' chem_comp_bond                
6 3 'Structure model' pdbx_initial_refinement_model 
# 
loop_
_pdbx_audit_revision_item.ordinal 
_pdbx_audit_revision_item.revision_ordinal 
_pdbx_audit_revision_item.data_content_type 
_pdbx_audit_revision_item.item 
1  2 'Structure model' '_citation.country'                   
2  2 'Structure model' '_citation.journal_abbrev'            
3  2 'Structure model' '_citation.journal_id_CSD'            
4  2 'Structure model' '_citation.journal_id_ISSN'           
5  2 'Structure model' '_citation.journal_volume'            
6  2 'Structure model' '_citation.page_first'                
7  2 'Structure model' '_citation.page_last'                 
8  2 'Structure model' '_citation.pdbx_database_id_DOI'      
9  2 'Structure model' '_citation.pdbx_database_id_PubMed'   
10 2 'Structure model' '_citation.title'                     
11 2 'Structure model' '_citation.year'                      
12 2 'Structure model' '_database_2.pdbx_DOI'                
13 2 'Structure model' '_database_2.pdbx_database_accession' 
# 
loop_
_software.citation_id 
_software.classification 
_software.compiler_name 
_software.compiler_version 
_software.contact_author 
_software.contact_author_email 
_software.date 
_software.description 
_software.dependencies 
_software.hardware 
_software.language 
_software.location 
_software.mods 
_software.name 
_software.os 
_software.os_version 
_software.type 
_software.version 
_software.pdbx_ordinal 
? refinement        ? ? ? ? ? ? ? ? ? ? ? PHENIX      ? ? ? 1.11.1_2575 1 
? 'data reduction'  ? ? ? ? ? ? ? ? ? ? ? HKL-2000    ? ? ? .           2 
? 'data scaling'    ? ? ? ? ? ? ? ? ? ? ? HKL-2000    ? ? ? .           3 
? 'data extraction' ? ? ? ? ? ? ? ? ? ? ? PDB_EXTRACT ? ? ? 3.25        4 
? phasing           ? ? ? ? ? ? ? ? ? ? ? PHASER      ? ? ? .           5 
# 
_pdbx_entry_details.entry_id                 7JLB 
_pdbx_entry_details.nonpolymer_details       ? 
_pdbx_entry_details.sequence_details         ? 
_pdbx_entry_details.compound_details         ? 
_pdbx_entry_details.source_details           ? 
_pdbx_entry_details.has_ligand_of_interest   N 
# 
_pdbx_validate_close_contact.id               1 
_pdbx_validate_close_contact.PDB_model_num    1 
_pdbx_validate_close_contact.auth_atom_id_1   H61 
_pdbx_validate_close_contact.auth_asym_id_1   B 
_pdbx_validate_close_contact.auth_comp_id_1   DA 
_pdbx_validate_close_contact.auth_seq_id_1    12 
_pdbx_validate_close_contact.PDB_ins_code_1   ? 
_pdbx_validate_close_contact.label_alt_id_1   ? 
_pdbx_validate_close_contact.auth_atom_id_2   O4 
_pdbx_validate_close_contact.auth_asym_id_2   D 
_pdbx_validate_close_contact.auth_comp_id_2   DT 
_pdbx_validate_close_contact.auth_seq_id_2    39 
_pdbx_validate_close_contact.PDB_ins_code_2   ? 
_pdbx_validate_close_contact.label_alt_id_2   ? 
_pdbx_validate_close_contact.dist             1.58 
# 
_pdbx_validate_symm_contact.id                1 
_pdbx_validate_symm_contact.PDB_model_num     1 
_pdbx_validate_symm_contact.auth_atom_id_1    "O5'" 
_pdbx_validate_symm_contact.auth_asym_id_1    A 
_pdbx_validate_symm_contact.auth_comp_id_1    DA 
_pdbx_validate_symm_contact.auth_seq_id_1     1 
_pdbx_validate_symm_contact.PDB_ins_code_1    ? 
_pdbx_validate_symm_contact.label_alt_id_1    ? 
_pdbx_validate_symm_contact.site_symmetry_1   1_555 
_pdbx_validate_symm_contact.auth_atom_id_2    "O3'" 
_pdbx_validate_symm_contact.auth_asym_id_2    A 
_pdbx_validate_symm_contact.auth_comp_id_2    DT 
_pdbx_validate_symm_contact.auth_seq_id_2     6 
_pdbx_validate_symm_contact.PDB_ins_code_2    ? 
_pdbx_validate_symm_contact.label_alt_id_2    ? 
_pdbx_validate_symm_contact.site_symmetry_2   8_664 
_pdbx_validate_symm_contact.dist              2.06 
# 
loop_
_pdbx_unobs_or_zero_occ_atoms.id 
_pdbx_unobs_or_zero_occ_atoms.PDB_model_num 
_pdbx_unobs_or_zero_occ_atoms.polymer_flag 
_pdbx_unobs_or_zero_occ_atoms.occupancy_flag 
_pdbx_unobs_or_zero_occ_atoms.auth_asym_id 
_pdbx_unobs_or_zero_occ_atoms.auth_comp_id 
_pdbx_unobs_or_zero_occ_atoms.auth_seq_id 
_pdbx_unobs_or_zero_occ_atoms.PDB_ins_code 
_pdbx_unobs_or_zero_occ_atoms.auth_atom_id 
_pdbx_unobs_or_zero_occ_atoms.label_alt_id 
_pdbx_unobs_or_zero_occ_atoms.label_asym_id 
_pdbx_unobs_or_zero_occ_atoms.label_comp_id 
_pdbx_unobs_or_zero_occ_atoms.label_seq_id 
_pdbx_unobs_or_zero_occ_atoms.label_atom_id 
1 1 N 1 C CAC 101 ? O1 ? E CAC 1 O1 
2 1 N 1 C CAC 101 ? O2 ? E CAC 1 O2 
3 1 N 1 C CAC 101 ? C1 ? E CAC 1 C1 
4 1 N 1 C CAC 101 ? C2 ? E CAC 1 C2 
5 1 N 1 A CAC 101 ? O1 ? F CAC 1 O1 
6 1 N 1 A CAC 101 ? O2 ? F CAC 1 O2 
7 1 N 1 A CAC 101 ? C1 ? F CAC 1 C1 
8 1 N 1 A CAC 101 ? C2 ? F CAC 1 C2 
# 
loop_
_chem_comp_atom.comp_id 
_chem_comp_atom.atom_id 
_chem_comp_atom.type_symbol 
_chem_comp_atom.pdbx_aromatic_flag 
_chem_comp_atom.pdbx_stereo_config 
_chem_comp_atom.pdbx_ordinal 
CAC AS     AS N N 1   
CAC O1     O  N N 2   
CAC O2     O  N N 3   
CAC C1     C  N N 4   
CAC C2     C  N N 5   
CAC H11    H  N N 6   
CAC H12    H  N N 7   
CAC H13    H  N N 8   
CAC H21    H  N N 9   
CAC H22    H  N N 10  
CAC H23    H  N N 11  
DA  OP3    O  N N 12  
DA  P      P  N N 13  
DA  OP1    O  N N 14  
DA  OP2    O  N N 15  
DA  "O5'"  O  N N 16  
DA  "C5'"  C  N N 17  
DA  "C4'"  C  N R 18  
DA  "O4'"  O  N N 19  
DA  "C3'"  C  N S 20  
DA  "O3'"  O  N N 21  
DA  "C2'"  C  N N 22  
DA  "C1'"  C  N R 23  
DA  N9     N  Y N 24  
DA  C8     C  Y N 25  
DA  N7     N  Y N 26  
DA  C5     C  Y N 27  
DA  C6     C  Y N 28  
DA  N6     N  N N 29  
DA  N1     N  Y N 30  
DA  C2     C  Y N 31  
DA  N3     N  Y N 32  
DA  C4     C  Y N 33  
DA  HOP3   H  N N 34  
DA  HOP2   H  N N 35  
DA  "H5'"  H  N N 36  
DA  "H5''" H  N N 37  
DA  "H4'"  H  N N 38  
DA  "H3'"  H  N N 39  
DA  "HO3'" H  N N 40  
DA  "H2'"  H  N N 41  
DA  "H2''" H  N N 42  
DA  "H1'"  H  N N 43  
DA  H8     H  N N 44  
DA  H61    H  N N 45  
DA  H62    H  N N 46  
DA  H2     H  N N 47  
DC  OP3    O  N N 48  
DC  P      P  N N 49  
DC  OP1    O  N N 50  
DC  OP2    O  N N 51  
DC  "O5'"  O  N N 52  
DC  "C5'"  C  N N 53  
DC  "C4'"  C  N R 54  
DC  "O4'"  O  N N 55  
DC  "C3'"  C  N S 56  
DC  "O3'"  O  N N 57  
DC  "C2'"  C  N N 58  
DC  "C1'"  C  N R 59  
DC  N1     N  N N 60  
DC  C2     C  N N 61  
DC  O2     O  N N 62  
DC  N3     N  N N 63  
DC  C4     C  N N 64  
DC  N4     N  N N 65  
DC  C5     C  N N 66  
DC  C6     C  N N 67  
DC  HOP3   H  N N 68  
DC  HOP2   H  N N 69  
DC  "H5'"  H  N N 70  
DC  "H5''" H  N N 71  
DC  "H4'"  H  N N 72  
DC  "H3'"  H  N N 73  
DC  "HO3'" H  N N 74  
DC  "H2'"  H  N N 75  
DC  "H2''" H  N N 76  
DC  "H1'"  H  N N 77  
DC  H41    H  N N 78  
DC  H42    H  N N 79  
DC  H5     H  N N 80  
DC  H6     H  N N 81  
DG  OP3    O  N N 82  
DG  P      P  N N 83  
DG  OP1    O  N N 84  
DG  OP2    O  N N 85  
DG  "O5'"  O  N N 86  
DG  "C5'"  C  N N 87  
DG  "C4'"  C  N R 88  
DG  "O4'"  O  N N 89  
DG  "C3'"  C  N S 90  
DG  "O3'"  O  N N 91  
DG  "C2'"  C  N N 92  
DG  "C1'"  C  N R 93  
DG  N9     N  Y N 94  
DG  C8     C  Y N 95  
DG  N7     N  Y N 96  
DG  C5     C  Y N 97  
DG  C6     C  N N 98  
DG  O6     O  N N 99  
DG  N1     N  N N 100 
DG  C2     C  N N 101 
DG  N2     N  N N 102 
DG  N3     N  N N 103 
DG  C4     C  Y N 104 
DG  HOP3   H  N N 105 
DG  HOP2   H  N N 106 
DG  "H5'"  H  N N 107 
DG  "H5''" H  N N 108 
DG  "H4'"  H  N N 109 
DG  "H3'"  H  N N 110 
DG  "HO3'" H  N N 111 
DG  "H2'"  H  N N 112 
DG  "H2''" H  N N 113 
DG  "H1'"  H  N N 114 
DG  H8     H  N N 115 
DG  H1     H  N N 116 
DG  H21    H  N N 117 
DG  H22    H  N N 118 
DT  OP3    O  N N 119 
DT  P      P  N N 120 
DT  OP1    O  N N 121 
DT  OP2    O  N N 122 
DT  "O5'"  O  N N 123 
DT  "C5'"  C  N N 124 
DT  "C4'"  C  N R 125 
DT  "O4'"  O  N N 126 
DT  "C3'"  C  N S 127 
DT  "O3'"  O  N N 128 
DT  "C2'"  C  N N 129 
DT  "C1'"  C  N R 130 
DT  N1     N  N N 131 
DT  C2     C  N N 132 
DT  O2     O  N N 133 
DT  N3     N  N N 134 
DT  C4     C  N N 135 
DT  O4     O  N N 136 
DT  C5     C  N N 137 
DT  C7     C  N N 138 
DT  C6     C  N N 139 
DT  HOP3   H  N N 140 
DT  HOP2   H  N N 141 
DT  "H5'"  H  N N 142 
DT  "H5''" H  N N 143 
DT  "H4'"  H  N N 144 
DT  "H3'"  H  N N 145 
DT  "HO3'" H  N N 146 
DT  "H2'"  H  N N 147 
DT  "H2''" H  N N 148 
DT  "H1'"  H  N N 149 
DT  H3     H  N N 150 
DT  H71    H  N N 151 
DT  H72    H  N N 152 
DT  H73    H  N N 153 
DT  H6     H  N N 154 
# 
loop_
_chem_comp_bond.comp_id 
_chem_comp_bond.atom_id_1 
_chem_comp_bond.atom_id_2 
_chem_comp_bond.value_order 
_chem_comp_bond.pdbx_aromatic_flag 
_chem_comp_bond.pdbx_stereo_config 
_chem_comp_bond.pdbx_ordinal 
CAC AS    O1     doub N N 1   
CAC AS    O2     sing N N 2   
CAC AS    C1     sing N N 3   
CAC AS    C2     sing N N 4   
CAC C1    H11    sing N N 5   
CAC C1    H12    sing N N 6   
CAC C1    H13    sing N N 7   
CAC C2    H21    sing N N 8   
CAC C2    H22    sing N N 9   
CAC C2    H23    sing N N 10  
DA  OP3   P      sing N N 11  
DA  OP3   HOP3   sing N N 12  
DA  P     OP1    doub N N 13  
DA  P     OP2    sing N N 14  
DA  P     "O5'"  sing N N 15  
DA  OP2   HOP2   sing N N 16  
DA  "O5'" "C5'"  sing N N 17  
DA  "C5'" "C4'"  sing N N 18  
DA  "C5'" "H5'"  sing N N 19  
DA  "C5'" "H5''" sing N N 20  
DA  "C4'" "O4'"  sing N N 21  
DA  "C4'" "C3'"  sing N N 22  
DA  "C4'" "H4'"  sing N N 23  
DA  "O4'" "C1'"  sing N N 24  
DA  "C3'" "O3'"  sing N N 25  
DA  "C3'" "C2'"  sing N N 26  
DA  "C3'" "H3'"  sing N N 27  
DA  "O3'" "HO3'" sing N N 28  
DA  "C2'" "C1'"  sing N N 29  
DA  "C2'" "H2'"  sing N N 30  
DA  "C2'" "H2''" sing N N 31  
DA  "C1'" N9     sing N N 32  
DA  "C1'" "H1'"  sing N N 33  
DA  N9    C8     sing Y N 34  
DA  N9    C4     sing Y N 35  
DA  C8    N7     doub Y N 36  
DA  C8    H8     sing N N 37  
DA  N7    C5     sing Y N 38  
DA  C5    C6     sing Y N 39  
DA  C5    C4     doub Y N 40  
DA  C6    N6     sing N N 41  
DA  C6    N1     doub Y N 42  
DA  N6    H61    sing N N 43  
DA  N6    H62    sing N N 44  
DA  N1    C2     sing Y N 45  
DA  C2    N3     doub Y N 46  
DA  C2    H2     sing N N 47  
DA  N3    C4     sing Y N 48  
DC  OP3   P      sing N N 49  
DC  OP3   HOP3   sing N N 50  
DC  P     OP1    doub N N 51  
DC  P     OP2    sing N N 52  
DC  P     "O5'"  sing N N 53  
DC  OP2   HOP2   sing N N 54  
DC  "O5'" "C5'"  sing N N 55  
DC  "C5'" "C4'"  sing N N 56  
DC  "C5'" "H5'"  sing N N 57  
DC  "C5'" "H5''" sing N N 58  
DC  "C4'" "O4'"  sing N N 59  
DC  "C4'" "C3'"  sing N N 60  
DC  "C4'" "H4'"  sing N N 61  
DC  "O4'" "C1'"  sing N N 62  
DC  "C3'" "O3'"  sing N N 63  
DC  "C3'" "C2'"  sing N N 64  
DC  "C3'" "H3'"  sing N N 65  
DC  "O3'" "HO3'" sing N N 66  
DC  "C2'" "C1'"  sing N N 67  
DC  "C2'" "H2'"  sing N N 68  
DC  "C2'" "H2''" sing N N 69  
DC  "C1'" N1     sing N N 70  
DC  "C1'" "H1'"  sing N N 71  
DC  N1    C2     sing N N 72  
DC  N1    C6     sing N N 73  
DC  C2    O2     doub N N 74  
DC  C2    N3     sing N N 75  
DC  N3    C4     doub N N 76  
DC  C4    N4     sing N N 77  
DC  C4    C5     sing N N 78  
DC  N4    H41    sing N N 79  
DC  N4    H42    sing N N 80  
DC  C5    C6     doub N N 81  
DC  C5    H5     sing N N 82  
DC  C6    H6     sing N N 83  
DG  OP3   P      sing N N 84  
DG  OP3   HOP3   sing N N 85  
DG  P     OP1    doub N N 86  
DG  P     OP2    sing N N 87  
DG  P     "O5'"  sing N N 88  
DG  OP2   HOP2   sing N N 89  
DG  "O5'" "C5'"  sing N N 90  
DG  "C5'" "C4'"  sing N N 91  
DG  "C5'" "H5'"  sing N N 92  
DG  "C5'" "H5''" sing N N 93  
DG  "C4'" "O4'"  sing N N 94  
DG  "C4'" "C3'"  sing N N 95  
DG  "C4'" "H4'"  sing N N 96  
DG  "O4'" "C1'"  sing N N 97  
DG  "C3'" "O3'"  sing N N 98  
DG  "C3'" "C2'"  sing N N 99  
DG  "C3'" "H3'"  sing N N 100 
DG  "O3'" "HO3'" sing N N 101 
DG  "C2'" "C1'"  sing N N 102 
DG  "C2'" "H2'"  sing N N 103 
DG  "C2'" "H2''" sing N N 104 
DG  "C1'" N9     sing N N 105 
DG  "C1'" "H1'"  sing N N 106 
DG  N9    C8     sing Y N 107 
DG  N9    C4     sing Y N 108 
DG  C8    N7     doub Y N 109 
DG  C8    H8     sing N N 110 
DG  N7    C5     sing Y N 111 
DG  C5    C6     sing N N 112 
DG  C5    C4     doub Y N 113 
DG  C6    O6     doub N N 114 
DG  C6    N1     sing N N 115 
DG  N1    C2     sing N N 116 
DG  N1    H1     sing N N 117 
DG  C2    N2     sing N N 118 
DG  C2    N3     doub N N 119 
DG  N2    H21    sing N N 120 
DG  N2    H22    sing N N 121 
DG  N3    C4     sing N N 122 
DT  OP3   P      sing N N 123 
DT  OP3   HOP3   sing N N 124 
DT  P     OP1    doub N N 125 
DT  P     OP2    sing N N 126 
DT  P     "O5'"  sing N N 127 
DT  OP2   HOP2   sing N N 128 
DT  "O5'" "C5'"  sing N N 129 
DT  "C5'" "C4'"  sing N N 130 
DT  "C5'" "H5'"  sing N N 131 
DT  "C5'" "H5''" sing N N 132 
DT  "C4'" "O4'"  sing N N 133 
DT  "C4'" "C3'"  sing N N 134 
DT  "C4'" "H4'"  sing N N 135 
DT  "O4'" "C1'"  sing N N 136 
DT  "C3'" "O3'"  sing N N 137 
DT  "C3'" "C2'"  sing N N 138 
DT  "C3'" "H3'"  sing N N 139 
DT  "O3'" "HO3'" sing N N 140 
DT  "C2'" "C1'"  sing N N 141 
DT  "C2'" "H2'"  sing N N 142 
DT  "C2'" "H2''" sing N N 143 
DT  "C1'" N1     sing N N 144 
DT  "C1'" "H1'"  sing N N 145 
DT  N1    C2     sing N N 146 
DT  N1    C6     sing N N 147 
DT  C2    O2     doub N N 148 
DT  C2    N3     sing N N 149 
DT  N3    C4     sing N N 150 
DT  N3    H3     sing N N 151 
DT  C4    O4     doub N N 152 
DT  C4    C5     sing N N 153 
DT  C5    C7     sing N N 154 
DT  C5    C6     doub N N 155 
DT  C7    H71    sing N N 156 
DT  C7    H72    sing N N 157 
DT  C7    H73    sing N N 158 
DT  C6    H6     sing N N 159 
# 
loop_
_ndb_struct_conf_na.entry_id 
_ndb_struct_conf_na.feature 
7JLB 'double helix'        
7JLB 'a-form double helix' 
7JLB 'b-form double helix' 
# 
loop_
_ndb_struct_na_base_pair.model_number 
_ndb_struct_na_base_pair.i_label_asym_id 
_ndb_struct_na_base_pair.i_label_comp_id 
_ndb_struct_na_base_pair.i_label_seq_id 
_ndb_struct_na_base_pair.i_symmetry 
_ndb_struct_na_base_pair.j_label_asym_id 
_ndb_struct_na_base_pair.j_label_comp_id 
_ndb_struct_na_base_pair.j_label_seq_id 
_ndb_struct_na_base_pair.j_symmetry 
_ndb_struct_na_base_pair.shear 
_ndb_struct_na_base_pair.stretch 
_ndb_struct_na_base_pair.stagger 
_ndb_struct_na_base_pair.buckle 
_ndb_struct_na_base_pair.propeller 
_ndb_struct_na_base_pair.opening 
_ndb_struct_na_base_pair.pair_number 
_ndb_struct_na_base_pair.pair_name 
_ndb_struct_na_base_pair.i_auth_asym_id 
_ndb_struct_na_base_pair.i_auth_seq_id 
_ndb_struct_na_base_pair.i_PDB_ins_code 
_ndb_struct_na_base_pair.j_auth_asym_id 
_ndb_struct_na_base_pair.j_auth_seq_id 
_ndb_struct_na_base_pair.j_PDB_ins_code 
_ndb_struct_na_base_pair.hbond_type_28 
_ndb_struct_na_base_pair.hbond_type_12 
1 A DA 3  1_555 C DT 7 1_555 0.748  0.828  0.333  -0.273  -22.303 -1.243  1  B_DA9:DT42_D  B 9  ? D 42 ? ?  ? 
1 A DC 4  1_555 C DG 6 1_555 -2.218 0.853  -0.085 -1.719  -17.551 0.887   2  B_DC10:DG41_D B 10 ? D 41 ? ?  ? 
1 A DG 5  1_555 C DC 5 1_555 1.516  0.338  -0.257 -12.075 -15.154 -0.453  3  B_DG11:DC40_D B 11 ? D 40 ? 19 1 
1 A DA 6  1_555 C DT 4 1_555 0.798  -0.252 -0.254 -11.630 -9.685  -13.317 4  B_DA12:DT39_D B 12 ? D 39 ? 20 1 
1 A DC 7  1_555 C DG 3 1_555 -1.281 0.398  0.251  -2.393  -4.985  1.850   5  B_DC13:DG38_D B 13 ? D 38 ? 19 1 
1 A DA 8  1_555 C DT 2 1_555 -0.598 0.465  0.052  -6.072  -19.196 -10.070 6  B_DA14:DT37_D B 14 ? D 37 ? 20 1 
1 A DG 9  1_555 C DC 1 1_555 0.797  0.088  0.014  -11.499 -19.724 -0.445  7  B_DG15:DC36_D B 15 ? D 36 ? 19 1 
1 A DA 10 1_555 D DT 6 1_555 0.081  -0.037 0.806  -2.795  0.280   -10.976 8  B_DA16:DT6_A  B 16 ? A 6  ? 20 1 
1 A DG 11 1_555 D DC 5 1_555 1.187  0.214  0.987  10.278  0.020   7.933   9  B_DG17:DC5_A  B 17 ? A 5  ? 19 1 
1 A DA 12 1_555 D DT 4 1_555 1.174  -0.100 0.480  6.534   -7.726  -8.165  10 B_DA18:DT4_A  B 18 ? A 4  ? 20 1 
1 A DC 13 1_555 D DG 3 1_555 -0.217 -0.203 0.272  -1.185  -4.761  -1.869  11 B_DC19:DG3_A  B 19 ? A 3  ? 19 1 
1 A DG 14 1_555 D DC 2 1_555 -0.143 -0.356 0.459  -0.185  -13.625 -9.667  12 B_DG20:DC2_A  B 20 ? A 2  ? 19 1 
1 A DT 15 1_555 D DA 1 1_555 -1.799 -0.073 0.464  2.892   -8.167  -16.423 13 B_DT21:DA1_A  B 21 ? A 1  ? 20 1 
1 A DC 16 1_555 B DG 8 1_555 -0.777 -0.160 0.851  1.245   -4.355  -5.093  14 B_DC22:DG35_C B 22 ? C 35 ? 19 1 
1 A DG 17 1_555 B DC 7 1_555 1.256  0.064  1.064  6.979   -8.835  -5.635  15 B_DG23:DC34_C B 23 ? C 34 ? 19 1 
1 A DA 18 1_555 B DT 6 1_555 1.344  -0.270 0.531  4.204   -8.284  -8.247  16 B_DA24:DT33_C B 24 ? C 33 ? 20 1 
1 A DC 19 1_555 B DG 5 1_555 -0.673 0.066  0.071  3.905   -6.403  -0.673  17 B_DC25:DG32_C B 25 ? C 32 ? 19 1 
1 A DT 20 1_555 B DA 4 1_555 -1.188 0.187  0.269  0.110   -9.132  -16.817 18 B_DT26:DA31_C B 26 ? C 31 ? 20 1 
1 A DC 21 1_555 B DG 3 1_555 -0.373 -0.243 0.624  -3.975  -13.500 -4.335  19 B_DC27:DG30_C B 27 ? C 30 ? 19 1 
# 
loop_
_ndb_struct_na_base_pair_step.model_number 
_ndb_struct_na_base_pair_step.i_label_asym_id_1 
_ndb_struct_na_base_pair_step.i_label_comp_id_1 
_ndb_struct_na_base_pair_step.i_label_seq_id_1 
_ndb_struct_na_base_pair_step.i_symmetry_1 
_ndb_struct_na_base_pair_step.j_label_asym_id_1 
_ndb_struct_na_base_pair_step.j_label_comp_id_1 
_ndb_struct_na_base_pair_step.j_label_seq_id_1 
_ndb_struct_na_base_pair_step.j_symmetry_1 
_ndb_struct_na_base_pair_step.i_label_asym_id_2 
_ndb_struct_na_base_pair_step.i_label_comp_id_2 
_ndb_struct_na_base_pair_step.i_label_seq_id_2 
_ndb_struct_na_base_pair_step.i_symmetry_2 
_ndb_struct_na_base_pair_step.j_label_asym_id_2 
_ndb_struct_na_base_pair_step.j_label_comp_id_2 
_ndb_struct_na_base_pair_step.j_label_seq_id_2 
_ndb_struct_na_base_pair_step.j_symmetry_2 
_ndb_struct_na_base_pair_step.shift 
_ndb_struct_na_base_pair_step.slide 
_ndb_struct_na_base_pair_step.rise 
_ndb_struct_na_base_pair_step.tilt 
_ndb_struct_na_base_pair_step.roll 
_ndb_struct_na_base_pair_step.twist 
_ndb_struct_na_base_pair_step.x_displacement 
_ndb_struct_na_base_pair_step.y_displacement 
_ndb_struct_na_base_pair_step.helical_rise 
_ndb_struct_na_base_pair_step.inclination 
_ndb_struct_na_base_pair_step.tip 
_ndb_struct_na_base_pair_step.helical_twist 
_ndb_struct_na_base_pair_step.step_number 
_ndb_struct_na_base_pair_step.step_name 
_ndb_struct_na_base_pair_step.i_auth_asym_id_1 
_ndb_struct_na_base_pair_step.i_auth_seq_id_1 
_ndb_struct_na_base_pair_step.i_PDB_ins_code_1 
_ndb_struct_na_base_pair_step.j_auth_asym_id_1 
_ndb_struct_na_base_pair_step.j_auth_seq_id_1 
_ndb_struct_na_base_pair_step.j_PDB_ins_code_1 
_ndb_struct_na_base_pair_step.i_auth_asym_id_2 
_ndb_struct_na_base_pair_step.i_auth_seq_id_2 
_ndb_struct_na_base_pair_step.i_PDB_ins_code_2 
_ndb_struct_na_base_pair_step.j_auth_asym_id_2 
_ndb_struct_na_base_pair_step.j_auth_seq_id_2 
_ndb_struct_na_base_pair_step.j_PDB_ins_code_2 
1 A DA 3  1_555 C DT 7 1_555 A DC 4  1_555 C DG 6 1_555 -0.239 -0.951 3.043 1.627   0.772  19.998 -3.057 1.380  2.976 2.218  
-4.672  20.078 1  BB_DA9DC10:DG41DT42_DD  B 9  ? D 42 ? B 10 ? D 41 ? 
1 A DC 4  1_555 C DG 6 1_555 A DG 5  1_555 C DC 5 1_555 -0.267 0.776  3.950 -1.237  1.524  44.392 0.855  0.214  3.979 2.016  1.636 
44.433 2  BB_DC10DG11:DC40DG41_DD B 10 ? D 41 ? B 11 ? D 40 ? 
1 A DG 5  1_555 C DC 5 1_555 A DA 6  1_555 C DT 4 1_555 -0.796 -0.314 3.245 -3.805  6.623  39.102 -1.225 0.730  3.212 9.783  5.620 
39.812 3  BB_DG11DA12:DT39DC40_DD B 11 ? D 40 ? B 12 ? D 39 ? 
1 A DA 6  1_555 C DT 4 1_555 A DC 7  1_555 C DG 3 1_555 0.525  -0.996 2.965 -3.373  0.206  21.526 -2.707 -2.570 2.840 0.547  8.960 
21.786 4  BB_DA12DC13:DG38DT39_DD B 12 ? D 39 ? B 13 ? D 38 ? 
1 A DC 7  1_555 C DG 3 1_555 A DA 8  1_555 C DT 2 1_555 -0.149 -0.815 3.374 0.555   -3.356 38.790 -0.800 0.294  3.428 -5.041 
-0.833  38.933 5  BB_DC13DA14:DT37DG38_DD B 13 ? D 38 ? B 14 ? D 37 ? 
1 A DA 8  1_555 C DT 2 1_555 A DG 9  1_555 C DC 1 1_555 0.708  -0.378 3.490 -2.668  -0.359 44.386 -0.464 -1.197 3.447 -0.474 3.528 
44.464 6  BB_DA14DG15:DC36DT37_DD B 14 ? D 37 ? B 15 ? D 36 ? 
1 A DG 9  1_555 C DC 1 1_555 A DA 10 1_555 D DT 6 1_555 -2.087 -0.707 2.683 -11.691 3.973  29.118 -1.985 1.817  3.148 7.492  
22.045  31.575 7  BB_DG15DA16:DT6DC36_AD  B 15 ? D 36 ? B 16 ? A 6  ? 
1 A DA 10 1_555 D DT 6 1_555 A DG 11 1_555 D DC 5 1_555 0.513  -0.891 3.143 -1.432  3.203  38.669 -1.710 -0.937 3.042 4.825  2.156 
38.822 8  BB_DA16DG17:DC5DT6_AA   B 16 ? A 6  ? B 17 ? A 5  ? 
1 A DG 11 1_555 D DC 5 1_555 A DA 12 1_555 D DT 4 1_555 -1.208 -0.155 3.443 0.908   2.031  35.215 -0.571 2.133  3.397 3.353  
-1.499  35.282 9  BB_DG17DA18:DT4DC5_AA   B 17 ? A 5  ? B 18 ? A 4  ? 
1 A DA 12 1_555 D DT 4 1_555 A DC 13 1_555 D DG 3 1_555 0.686  -1.489 3.408 0.348   -1.462 26.406 -2.845 -1.401 3.492 -3.198 
-0.761  26.448 10 BB_DA18DC19:DG3DT4_AA   B 18 ? A 4  ? B 19 ? A 3  ? 
1 A DC 13 1_555 D DG 3 1_555 A DG 14 1_555 D DC 2 1_555 -0.295 -1.035 3.231 -1.630  0.610  32.095 -1.977 0.246  3.222 1.102  2.946 
32.141 11 BB_DC19DG20:DC2DG3_AA   B 19 ? A 3  ? B 20 ? A 2  ? 
1 A DG 14 1_555 D DC 2 1_555 A DT 15 1_555 D DA 1 1_555 0.134  -1.892 3.094 -0.237  -0.586 27.317 -3.867 -0.339 3.132 -1.241 0.501 
27.324 12 BB_DG20DT21:DA1DC2_AA   B 20 ? A 2  ? B 21 ? A 1  ? 
1 A DT 15 1_555 D DA 1 1_555 A DC 16 1_555 B DG 8 1_555 -0.070 -1.399 3.132 -5.496  -0.603 34.008 -2.272 -0.706 3.128 -1.023 9.320 
34.441 13 BB_DT21DC22:DG35DA1_CA  B 21 ? A 1  ? B 22 ? C 35 ? 
1 A DC 16 1_555 B DG 8 1_555 A DG 17 1_555 B DC 7 1_555 -0.535 0.007  3.330 -1.030  3.019  45.137 -0.265 0.602  3.335 3.927  1.340 
45.244 14 BB_DC22DG23:DC34DG35_CC B 22 ? C 35 ? B 23 ? C 34 ? 
1 A DG 17 1_555 B DC 7 1_555 A DA 18 1_555 B DT 6 1_555 -0.376 -0.664 3.228 3.742   2.460  34.210 -1.492 1.200  3.117 4.160  
-6.328  34.493 15 BB_DG23DA24:DT33DC34_CC B 23 ? C 34 ? B 24 ? C 33 ? 
1 A DA 18 1_555 B DT 6 1_555 A DC 19 1_555 B DG 5 1_555 1.070  -1.525 3.293 4.440   2.351  25.067 -4.126 -1.138 3.275 5.349  
-10.100 25.557 16 BB_DA24DC25:DG32DT33_CC B 24 ? C 33 ? B 25 ? C 32 ? 
1 A DC 19 1_555 B DG 5 1_555 A DT 20 1_555 B DA 4 1_555 -0.441 -0.986 3.533 1.681   0.932  33.495 -1.873 1.061  3.479 1.616  
-2.914  33.548 17 BB_DC25DT26:DA31DG32_CC B 25 ? C 32 ? B 26 ? C 31 ? 
1 A DT 20 1_555 B DA 4 1_555 A DC 21 1_555 B DG 3 1_555 0.852  -0.379 3.704 1.973   2.957  34.452 -1.153 -1.086 3.701 4.976  
-3.320  34.630 18 BB_DT26DC27:DG30DA31_CC B 26 ? C 31 ? B 27 ? C 30 ? 
# 
loop_
_pdbx_audit_support.funding_organization 
_pdbx_audit_support.country 
_pdbx_audit_support.grant_number 
_pdbx_audit_support.ordinal 
'National Science Foundation (NSF, United States)'                                         'United States' 1360635     1 
'National Institutes of Health/National Institute of General Medical Sciences (NIH/NIGMS)' 'United States' R01GM104960 2 
'National Science Foundation (NSF, United States)'                                         'United States' NSF2004250  3 
# 
_pdbx_entity_nonpoly.entity_id   5 
_pdbx_entity_nonpoly.name        'CACODYLATE ION' 
_pdbx_entity_nonpoly.comp_id     CAC 
# 
_pdbx_initial_refinement_model.id               1 
_pdbx_initial_refinement_model.entity_id_list   ? 
_pdbx_initial_refinement_model.type             'experimental model' 
_pdbx_initial_refinement_model.source_name      PDB 
_pdbx_initial_refinement_model.accession_code   5VY6 
_pdbx_initial_refinement_model.details          ? 
# 
_pdbx_struct_assembly_auth_evidence.id                     1 
_pdbx_struct_assembly_auth_evidence.assembly_id            1 
_pdbx_struct_assembly_auth_evidence.experimental_support   none 
_pdbx_struct_assembly_auth_evidence.details                ? 
# 
